data_6FLI
#
_entry.id   6FLI
#
_cell.length_a   222.690
_cell.length_b   112.660
_cell.length_c   144.830
_cell.angle_alpha   90.00
_cell.angle_beta   111.21
_cell.angle_gamma   90.00
#
_symmetry.space_group_name_H-M   'C 1 2 1'
#
loop_
_entity.id
_entity.type
_entity.pdbx_description
1 polymer 'Cys-loop ligand-gated ion channel'
2 non-polymer 'nonyl beta-D-glucopyranoside'
3 non-polymer '3-(4-bromophenyl)propanoic acid'
4 water water
#
_entity_poly.entity_id   1
_entity_poly.type   'polypeptide(L)'
_entity_poly.pdbx_seq_one_letter_code
;MASLAAEPSDVFIGLKIDQITGINQKEENFSVVGSLRIDWRQPLLAFEHAPGEPKHRTYTLATFLKLLEEKQIRWPAFTY
HNQQGRMDFQNRLISLSEDGTVMYLERFTSTFQAPAFDFRLFPFDNQLFFIHVDSIFPQHLFRFQEMQGFSGLGDQLGEE
EWIVTEVNTHLTTHNEFTKGDASRFVLEFHAERHLNYYLMRILIPVLLIITVSWFTFFLQDYTKRIDLAGGNLLLFIAFN
FTISSDLPRLGYITLMDAFLVGTFIITALVVLGNVWLRRLENHGKQALARKLDIYAITSYPLAYLLGALTLWLLFFWRSY
;
_entity_poly.pdbx_strand_id   A,B,C,D,E
#
loop_
_chem_comp.id
_chem_comp.type
_chem_comp.name
_chem_comp.formula
BNG D-saccharide 'nonyl beta-D-glucopyranoside' 'C15 H30 O6'
DQZ non-polymer '3-(4-bromophenyl)propanoic acid' 'C9 H9 Br O2'
#
# COMPACT_ATOMS: atom_id res chain seq x y z
N GLU A 7 -36.55 34.56 14.38
CA GLU A 7 -36.31 34.15 12.97
C GLU A 7 -34.95 33.34 12.73
N PRO A 8 -34.64 32.76 11.53
CA PRO A 8 -33.38 31.98 11.38
C PRO A 8 -32.12 32.81 11.14
N SER A 9 -30.99 32.40 11.74
CA SER A 9 -29.72 33.12 11.59
C SER A 9 -28.96 32.70 10.34
N ASP A 10 -28.50 33.71 9.55
CA ASP A 10 -27.73 33.46 8.34
C ASP A 10 -26.32 33.10 8.73
N VAL A 11 -25.84 31.99 8.13
CA VAL A 11 -24.53 31.39 8.34
C VAL A 11 -23.87 31.43 6.95
N PHE A 12 -22.74 32.17 6.81
CA PHE A 12 -22.05 32.33 5.52
C PHE A 12 -20.95 31.33 5.33
N ILE A 13 -21.10 30.45 4.31
CA ILE A 13 -20.17 29.37 3.98
C ILE A 13 -19.31 29.74 2.78
N GLY A 14 -18.01 29.55 2.95
CA GLY A 14 -16.98 29.72 1.93
C GLY A 14 -16.09 28.50 1.90
N LEU A 15 -15.74 27.99 0.72
CA LEU A 15 -14.87 26.81 0.63
C LEU A 15 -13.91 26.93 -0.53
N LYS A 16 -12.61 26.95 -0.25
CA LYS A 16 -11.61 27.07 -1.30
C LYS A 16 -10.72 25.82 -1.36
N ILE A 17 -10.67 25.12 -2.52
CA ILE A 17 -9.78 23.98 -2.71
C ILE A 17 -8.43 24.56 -3.12
N ASP A 18 -7.38 24.31 -2.33
CA ASP A 18 -6.04 24.81 -2.59
C ASP A 18 -5.21 23.85 -3.45
N GLN A 19 -5.42 22.53 -3.23
CA GLN A 19 -4.69 21.46 -3.90
C GLN A 19 -5.59 20.30 -4.24
N ILE A 20 -5.36 19.66 -5.37
CA ILE A 20 -6.01 18.42 -5.75
C ILE A 20 -4.81 17.46 -5.53
N THR A 21 -4.83 16.73 -4.42
CA THR A 21 -3.74 15.82 -4.07
C THR A 21 -3.79 14.56 -4.90
N GLY A 22 -4.94 14.37 -5.58
CA GLY A 22 -5.15 13.23 -6.45
C GLY A 22 -6.61 12.89 -6.67
N ILE A 23 -6.88 12.29 -7.83
CA ILE A 23 -8.20 11.79 -8.21
C ILE A 23 -7.94 10.30 -8.38
N ASN A 24 -8.67 9.45 -7.66
CA ASN A 24 -8.48 8.00 -7.76
C ASN A 24 -9.71 7.46 -8.51
N GLN A 25 -9.56 7.23 -9.82
CA GLN A 25 -10.71 6.79 -10.61
C GLN A 25 -11.11 5.35 -10.33
N LYS A 26 -10.14 4.48 -9.99
CA LYS A 26 -10.38 3.08 -9.66
C LYS A 26 -11.34 2.97 -8.42
N GLU A 27 -11.21 3.90 -7.46
CA GLU A 27 -12.02 4.01 -6.24
C GLU A 27 -13.11 5.10 -6.30
N GLU A 28 -13.24 5.82 -7.43
CA GLU A 28 -14.24 6.89 -7.62
C GLU A 28 -14.35 7.83 -6.41
N ASN A 29 -13.19 8.44 -6.09
CA ASN A 29 -12.98 9.45 -5.06
C ASN A 29 -11.87 10.38 -5.49
N PHE A 30 -11.77 11.55 -4.88
CA PHE A 30 -10.72 12.53 -5.13
C PHE A 30 -10.29 13.10 -3.78
N SER A 31 -9.08 13.65 -3.70
CA SER A 31 -8.57 14.19 -2.45
C SER A 31 -8.04 15.58 -2.65
N VAL A 32 -8.35 16.47 -1.67
CA VAL A 32 -8.02 17.88 -1.70
C VAL A 32 -7.55 18.46 -0.37
N VAL A 33 -6.75 19.56 -0.43
CA VAL A 33 -6.34 20.36 0.70
C VAL A 33 -7.19 21.58 0.48
N GLY A 34 -7.96 22.00 1.49
CA GLY A 34 -8.85 23.14 1.39
C GLY A 34 -9.10 23.90 2.67
N SER A 35 -9.74 25.06 2.55
CA SER A 35 -10.07 25.93 3.66
C SER A 35 -11.56 26.21 3.66
N LEU A 36 -12.19 26.03 4.82
CA LEU A 36 -13.60 26.32 4.99
C LEU A 36 -13.67 27.60 5.81
N ARG A 37 -14.53 28.52 5.39
CA ARG A 37 -14.70 29.78 6.07
C ARG A 37 -16.15 30.00 6.42
N ILE A 38 -16.43 30.30 7.70
CA ILE A 38 -17.78 30.55 8.21
C ILE A 38 -17.84 31.91 8.88
N ASP A 39 -18.88 32.69 8.58
CA ASP A 39 -19.19 33.99 9.20
C ASP A 39 -20.62 33.86 9.69
N TRP A 40 -20.80 33.85 11.01
CA TRP A 40 -22.10 33.70 11.64
C TRP A 40 -22.20 34.66 12.78
N ARG A 41 -23.23 35.51 12.76
CA ARG A 41 -23.48 36.50 13.83
C ARG A 41 -24.51 36.01 14.82
N GLN A 42 -24.05 35.86 16.07
CA GLN A 42 -24.87 35.44 17.19
C GLN A 42 -24.85 36.59 18.20
N PRO A 43 -25.97 37.34 18.29
CA PRO A 43 -26.01 38.48 19.22
C PRO A 43 -25.75 38.12 20.67
N LEU A 44 -26.10 36.89 21.11
CA LEU A 44 -25.86 36.43 22.49
C LEU A 44 -24.34 36.32 22.81
N LEU A 45 -23.50 36.13 21.75
CA LEU A 45 -22.03 36.02 21.89
C LEU A 45 -21.32 37.36 22.11
N ALA A 46 -22.06 38.47 21.88
CA ALA A 46 -21.60 39.83 22.07
C ALA A 46 -20.99 40.03 23.44
N PHE A 47 -19.90 40.81 23.50
CA PHE A 47 -19.19 41.10 24.73
C PHE A 47 -18.80 42.57 24.86
N GLU A 48 -18.72 43.02 26.09
CA GLU A 48 -18.28 44.35 26.40
C GLU A 48 -16.81 44.25 26.82
N HIS A 49 -16.04 45.29 26.44
CA HIS A 49 -14.62 45.45 26.73
C HIS A 49 -14.38 46.83 27.37
N ALA A 50 -13.46 46.90 28.34
CA ALA A 50 -13.11 48.19 28.96
C ALA A 50 -12.16 48.91 27.97
N PRO A 51 -12.11 50.27 27.97
CA PRO A 51 -11.26 50.96 26.96
C PRO A 51 -9.82 50.45 26.88
N GLY A 52 -9.32 50.29 25.64
CA GLY A 52 -7.96 49.84 25.40
C GLY A 52 -7.79 48.36 25.17
N GLU A 53 -8.60 47.53 25.86
CA GLU A 53 -8.56 46.05 25.76
C GLU A 53 -9.13 45.53 24.41
N PRO A 54 -8.89 44.26 24.01
CA PRO A 54 -9.33 43.81 22.67
C PRO A 54 -10.82 43.77 22.40
N LYS A 55 -11.15 44.23 21.18
CA LYS A 55 -12.46 44.30 20.54
C LYS A 55 -12.69 42.95 19.87
N HIS A 56 -11.59 42.14 19.69
CA HIS A 56 -11.64 40.82 19.08
C HIS A 56 -10.97 39.72 19.92
N ARG A 57 -11.79 38.80 20.44
CA ARG A 57 -11.30 37.66 21.20
C ARG A 57 -10.98 36.53 20.21
N THR A 58 -9.79 35.90 20.36
CA THR A 58 -9.39 34.78 19.47
C THR A 58 -9.32 33.48 20.29
N TYR A 59 -9.97 32.43 19.77
CA TYR A 59 -10.11 31.17 20.47
C TYR A 59 -9.71 29.99 19.67
N THR A 60 -9.37 28.90 20.36
CA THR A 60 -9.14 27.58 19.75
C THR A 60 -10.59 27.04 19.58
N LEU A 61 -10.82 26.04 18.72
CA LEU A 61 -12.19 25.53 18.57
C LEU A 61 -12.76 24.91 19.88
N ALA A 62 -11.90 24.19 20.60
CA ALA A 62 -12.24 23.50 21.84
C ALA A 62 -12.74 24.42 22.90
N THR A 63 -12.04 25.56 23.15
CA THR A 63 -12.53 26.44 24.21
C THR A 63 -13.70 27.30 23.68
N PHE A 64 -13.88 27.39 22.33
CA PHE A 64 -15.01 28.13 21.79
C PHE A 64 -16.30 27.34 21.98
N LEU A 65 -16.29 26.04 21.64
CA LEU A 65 -17.46 25.19 21.80
C LEU A 65 -17.86 25.12 23.28
N LYS A 66 -16.87 25.04 24.19
CA LYS A 66 -17.11 24.96 25.63
C LYS A 66 -17.79 26.23 26.13
N LEU A 67 -17.43 27.38 25.53
CA LEU A 67 -18.02 28.67 25.82
C LEU A 67 -19.49 28.68 25.35
N LEU A 68 -19.80 28.04 24.19
CA LEU A 68 -21.17 27.94 23.66
C LEU A 68 -22.06 27.14 24.57
N GLU A 69 -21.54 25.98 25.01
CA GLU A 69 -22.22 25.08 25.95
C GLU A 69 -22.57 25.76 27.29
N GLU A 70 -21.69 26.68 27.81
CA GLU A 70 -21.96 27.42 29.06
C GLU A 70 -23.09 28.40 28.83
N LYS A 71 -22.98 29.16 27.74
CA LYS A 71 -23.93 30.17 27.33
C LYS A 71 -25.23 29.53 26.76
N GLN A 72 -25.29 28.18 26.70
CA GLN A 72 -26.41 27.38 26.16
C GLN A 72 -26.79 27.84 24.75
N ILE A 73 -25.77 28.04 23.90
CA ILE A 73 -25.94 28.47 22.53
C ILE A 73 -25.70 27.29 21.59
N ARG A 74 -26.63 27.12 20.62
CA ARG A 74 -26.58 26.11 19.58
C ARG A 74 -25.80 26.68 18.42
N TRP A 75 -24.78 25.94 17.97
CA TRP A 75 -23.92 26.34 16.86
C TRP A 75 -24.43 25.70 15.58
N PRO A 76 -24.17 26.29 14.39
CA PRO A 76 -24.67 25.67 13.16
C PRO A 76 -23.86 24.42 12.80
N ALA A 77 -24.10 23.31 13.52
CA ALA A 77 -23.41 22.03 13.30
C ALA A 77 -23.60 21.60 11.84
N PHE A 78 -22.48 21.39 11.15
CA PHE A 78 -22.43 21.05 9.72
C PHE A 78 -21.65 19.76 9.41
N THR A 79 -21.89 19.16 8.25
CA THR A 79 -21.21 17.95 7.85
C THR A 79 -20.84 17.99 6.37
N TYR A 80 -19.67 17.41 6.02
CA TYR A 80 -19.23 17.29 4.63
C TYR A 80 -19.86 15.99 4.20
N HIS A 81 -21.04 16.07 3.60
CA HIS A 81 -21.83 14.90 3.24
C HIS A 81 -21.08 13.81 2.45
N ASN A 82 -20.34 14.22 1.42
CA ASN A 82 -19.64 13.28 0.58
C ASN A 82 -18.20 12.99 1.07
N GLN A 83 -17.86 13.31 2.35
CA GLN A 83 -16.53 13.03 2.94
C GLN A 83 -16.20 11.55 3.02
N GLN A 84 -14.92 11.22 2.99
CA GLN A 84 -14.45 9.84 3.07
C GLN A 84 -13.24 9.69 4.02
N GLY A 85 -13.41 8.81 5.00
CA GLY A 85 -12.41 8.51 6.02
C GLY A 85 -12.11 9.68 6.94
N ARG A 86 -10.81 9.90 7.17
CA ARG A 86 -10.32 10.95 8.08
C ARG A 86 -10.08 12.23 7.37
N MET A 87 -10.36 13.32 8.10
CA MET A 87 -10.09 14.65 7.65
C MET A 87 -9.02 15.18 8.59
N ASP A 88 -7.78 15.26 8.10
CA ASP A 88 -6.62 15.73 8.84
C ASP A 88 -6.70 17.25 8.88
N PHE A 89 -6.98 17.85 10.08
CA PHE A 89 -7.08 19.30 10.22
C PHE A 89 -5.75 19.94 10.47
N GLN A 90 -5.59 21.15 9.92
CA GLN A 90 -4.39 21.95 10.10
C GLN A 90 -4.69 23.09 11.06
N ASN A 91 -5.83 23.76 10.84
CA ASN A 91 -6.27 24.92 11.56
C ASN A 91 -7.78 24.86 11.77
N ARG A 92 -8.22 25.13 13.01
CA ARG A 92 -9.61 25.19 13.44
C ARG A 92 -9.60 26.33 14.43
N LEU A 93 -9.76 27.58 13.93
CA LEU A 93 -9.64 28.82 14.68
C LEU A 93 -10.88 29.69 14.63
N ILE A 94 -11.18 30.40 15.73
CA ILE A 94 -12.35 31.28 15.87
C ILE A 94 -11.91 32.69 16.27
N SER A 95 -12.45 33.73 15.59
CA SER A 95 -12.21 35.12 15.98
C SER A 95 -13.57 35.76 16.20
N LEU A 96 -13.82 36.19 17.47
CA LEU A 96 -15.08 36.74 17.95
C LEU A 96 -15.02 38.24 18.20
N SER A 97 -15.91 39.01 17.55
CA SER A 97 -15.97 40.46 17.70
C SER A 97 -16.89 40.84 18.85
N GLU A 98 -16.80 42.12 19.32
CA GLU A 98 -17.67 42.71 20.35
C GLU A 98 -19.12 42.38 19.99
N ASP A 99 -19.45 42.48 18.66
CA ASP A 99 -20.74 42.31 17.98
C ASP A 99 -21.38 40.94 18.20
N GLY A 100 -20.57 39.91 18.13
CA GLY A 100 -21.01 38.52 18.20
C GLY A 100 -20.66 37.81 16.89
N THR A 101 -20.00 38.54 15.95
CA THR A 101 -19.56 38.02 14.64
C THR A 101 -18.44 37.00 14.89
N VAL A 102 -18.79 35.72 14.73
CA VAL A 102 -17.85 34.61 14.85
C VAL A 102 -17.35 34.35 13.44
N MET A 103 -16.01 34.35 13.29
CA MET A 103 -15.32 34.06 12.03
C MET A 103 -14.56 32.75 12.26
N TYR A 104 -14.97 31.68 11.56
CA TYR A 104 -14.36 30.39 11.72
C TYR A 104 -13.59 30.03 10.47
N LEU A 105 -12.41 29.37 10.66
CA LEU A 105 -11.51 28.90 9.60
C LEU A 105 -11.14 27.46 9.93
N GLU A 106 -11.29 26.57 8.93
CA GLU A 106 -11.04 25.14 9.03
C GLU A 106 -10.18 24.74 7.83
N ARG A 107 -8.88 24.50 8.04
CA ARG A 107 -7.97 24.05 6.96
C ARG A 107 -7.87 22.57 7.08
N PHE A 108 -8.13 21.85 6.01
CA PHE A 108 -8.12 20.39 6.10
C PHE A 108 -7.60 19.73 4.85
N THR A 109 -7.29 18.43 4.98
CA THR A 109 -6.93 17.53 3.88
C THR A 109 -7.97 16.40 3.96
N SER A 110 -8.64 16.10 2.85
CA SER A 110 -9.63 15.05 2.89
C SER A 110 -9.91 14.42 1.55
N THR A 111 -10.30 13.14 1.57
CA THR A 111 -10.76 12.42 0.39
C THR A 111 -12.29 12.59 0.38
N PHE A 112 -12.86 12.76 -0.82
CA PHE A 112 -14.28 12.93 -1.00
C PHE A 112 -14.80 11.94 -2.06
N GLN A 113 -16.08 11.60 -1.98
CA GLN A 113 -16.72 10.71 -2.92
C GLN A 113 -16.94 11.42 -4.24
N ALA A 114 -16.66 10.68 -5.33
CA ALA A 114 -16.88 11.16 -6.69
C ALA A 114 -17.94 10.22 -7.30
N PRO A 115 -19.24 10.42 -6.96
CA PRO A 115 -20.26 9.47 -7.42
C PRO A 115 -20.77 9.77 -8.83
N ALA A 116 -20.33 10.91 -9.41
CA ALA A 116 -20.73 11.40 -10.74
C ALA A 116 -19.94 10.80 -11.92
N PHE A 117 -19.00 9.87 -11.61
CA PHE A 117 -18.08 9.23 -12.53
C PHE A 117 -18.73 8.36 -13.62
N ASP A 118 -18.54 8.79 -14.89
CA ASP A 118 -19.06 8.10 -16.08
C ASP A 118 -17.94 7.85 -17.07
N PHE A 119 -17.47 6.62 -17.11
CA PHE A 119 -16.35 6.21 -17.96
C PHE A 119 -16.73 5.76 -19.40
N ARG A 120 -18.03 5.95 -19.84
CA ARG A 120 -18.47 5.50 -21.16
C ARG A 120 -17.58 6.02 -22.32
N LEU A 121 -17.10 7.27 -22.24
CA LEU A 121 -16.23 7.84 -23.26
C LEU A 121 -14.74 7.86 -22.91
N PHE A 122 -14.32 7.20 -21.80
CA PHE A 122 -12.91 7.16 -21.37
C PHE A 122 -12.02 6.71 -22.54
N PRO A 123 -10.87 7.38 -22.84
CA PRO A 123 -10.20 8.49 -22.11
C PRO A 123 -10.65 9.89 -22.48
N PHE A 124 -11.68 10.02 -23.35
CA PHE A 124 -12.17 11.30 -23.85
C PHE A 124 -13.21 11.95 -22.94
N ASP A 125 -13.51 11.31 -21.81
CA ASP A 125 -14.48 11.74 -20.78
C ASP A 125 -14.17 13.08 -20.08
N ASN A 126 -15.25 13.74 -19.59
CA ASN A 126 -15.28 14.95 -18.74
C ASN A 126 -16.12 14.56 -17.50
N GLN A 127 -15.61 14.79 -16.27
CA GLN A 127 -16.31 14.41 -15.05
C GLN A 127 -16.69 15.58 -14.17
N LEU A 128 -17.60 15.34 -13.22
CA LEU A 128 -18.04 16.34 -12.25
C LEU A 128 -17.60 15.88 -10.87
N PHE A 129 -16.91 16.77 -10.15
CA PHE A 129 -16.49 16.54 -8.79
C PHE A 129 -17.13 17.63 -7.94
N PHE A 130 -17.50 17.30 -6.70
CA PHE A 130 -18.13 18.28 -5.81
C PHE A 130 -17.86 18.02 -4.31
N ILE A 131 -18.21 18.99 -3.48
CA ILE A 131 -18.14 18.89 -2.03
C ILE A 131 -19.48 19.42 -1.50
N HIS A 132 -20.17 18.61 -0.68
CA HIS A 132 -21.43 19.00 -0.07
C HIS A 132 -21.14 19.36 1.38
N VAL A 133 -21.57 20.54 1.80
CA VAL A 133 -21.43 21.05 3.16
C VAL A 133 -22.89 21.25 3.60
N ASP A 134 -23.40 20.28 4.37
CA ASP A 134 -24.78 20.25 4.85
C ASP A 134 -24.92 20.86 6.23
N SER A 135 -26.06 21.46 6.53
CA SER A 135 -26.31 21.91 7.89
C SER A 135 -27.04 20.72 8.53
N ILE A 136 -26.66 20.35 9.78
CA ILE A 136 -27.37 19.30 10.51
C ILE A 136 -28.74 19.86 10.87
N PHE A 137 -28.78 21.14 11.29
CA PHE A 137 -30.03 21.80 11.69
C PHE A 137 -30.87 22.36 10.50
N PRO A 138 -32.22 22.28 10.59
CA PRO A 138 -33.07 22.76 9.50
C PRO A 138 -33.12 24.29 9.34
N GLN A 139 -33.45 24.72 8.10
CA GLN A 139 -33.55 26.09 7.61
C GLN A 139 -34.37 27.07 8.49
N HIS A 140 -35.19 26.55 9.42
CA HIS A 140 -35.94 27.42 10.34
C HIS A 140 -35.04 27.98 11.47
N LEU A 141 -33.86 27.35 11.67
CA LEU A 141 -32.88 27.72 12.70
C LEU A 141 -31.69 28.41 12.06
N PHE A 142 -31.09 27.76 11.03
CA PHE A 142 -29.92 28.27 10.32
C PHE A 142 -30.08 28.20 8.81
N ARG A 143 -29.92 29.36 8.15
CA ARG A 143 -29.95 29.42 6.69
C ARG A 143 -28.57 29.71 6.12
N PHE A 144 -28.05 28.77 5.31
CA PHE A 144 -26.74 28.88 4.67
C PHE A 144 -26.77 29.90 3.56
N GLN A 145 -25.75 30.78 3.55
CA GLN A 145 -25.56 31.80 2.53
C GLN A 145 -24.15 31.72 1.96
N GLU A 146 -23.95 32.19 0.73
CA GLU A 146 -22.65 32.13 0.08
C GLU A 146 -21.77 33.31 0.52
N MET A 147 -20.65 32.99 1.20
CA MET A 147 -19.61 33.94 1.61
C MET A 147 -19.03 34.39 0.26
N GLN A 148 -18.94 35.72 0.01
CA GLN A 148 -18.67 36.28 -1.30
C GLN A 148 -17.25 36.13 -1.94
N GLY A 149 -16.19 36.71 -1.38
CA GLY A 149 -14.93 36.65 -2.12
C GLY A 149 -14.00 35.50 -1.78
N PHE A 150 -14.52 34.27 -1.66
CA PHE A 150 -13.66 33.22 -1.14
C PHE A 150 -13.62 31.88 -1.91
N SER A 151 -14.79 31.21 -2.02
CA SER A 151 -14.94 29.89 -2.59
C SER A 151 -14.37 29.71 -4.04
N GLY A 152 -14.03 28.47 -4.38
CA GLY A 152 -13.47 28.10 -5.68
C GLY A 152 -12.22 27.24 -5.60
N LEU A 153 -11.46 27.18 -6.70
CA LEU A 153 -10.22 26.39 -6.79
C LEU A 153 -9.02 27.32 -6.97
N GLY A 154 -7.85 26.94 -6.43
CA GLY A 154 -6.63 27.72 -6.49
C GLY A 154 -5.86 27.76 -7.81
N ASP A 155 -4.61 28.32 -7.75
CA ASP A 155 -3.69 28.51 -8.88
C ASP A 155 -2.68 27.39 -8.95
N GLN A 156 -2.32 26.80 -7.77
CA GLN A 156 -1.37 25.67 -7.70
C GLN A 156 -2.08 24.40 -7.18
N LEU A 157 -2.94 23.75 -8.00
CA LEU A 157 -3.67 22.55 -7.56
C LEU A 157 -2.81 21.29 -7.60
N GLY A 158 -1.76 21.32 -8.42
CA GLY A 158 -0.81 20.22 -8.53
C GLY A 158 -1.21 19.02 -9.36
N GLU A 159 -2.42 19.04 -9.95
CA GLU A 159 -2.88 17.94 -10.80
C GLU A 159 -2.27 18.08 -12.22
N GLU A 160 -1.89 16.93 -12.83
CA GLU A 160 -1.18 16.90 -14.11
C GLU A 160 -1.96 16.33 -15.25
N GLU A 161 -2.94 15.44 -14.97
CA GLU A 161 -3.76 14.74 -16.00
C GLU A 161 -5.10 15.42 -16.17
N TRP A 162 -5.71 15.79 -15.06
CA TRP A 162 -6.98 16.47 -15.17
C TRP A 162 -6.77 17.96 -15.38
N ILE A 163 -7.72 18.57 -16.07
CA ILE A 163 -7.69 19.98 -16.34
C ILE A 163 -9.11 20.54 -16.14
N VAL A 164 -9.27 21.36 -15.10
CA VAL A 164 -10.55 21.95 -14.67
C VAL A 164 -11.11 22.90 -15.75
N THR A 165 -12.25 22.45 -16.34
CA THR A 165 -12.99 23.13 -17.40
C THR A 165 -13.90 24.25 -16.86
N GLU A 166 -14.47 24.09 -15.63
CA GLU A 166 -15.36 25.06 -15.01
C GLU A 166 -15.57 24.76 -13.53
N VAL A 167 -15.90 25.80 -12.71
CA VAL A 167 -16.15 25.71 -11.25
C VAL A 167 -17.39 26.52 -10.85
N ASN A 168 -18.25 26.00 -9.94
CA ASN A 168 -19.49 26.69 -9.49
C ASN A 168 -19.79 26.47 -8.03
N THR A 169 -20.50 27.43 -7.41
CA THR A 169 -21.02 27.26 -6.06
C THR A 169 -22.48 27.59 -6.11
N HIS A 170 -23.27 26.84 -5.33
CA HIS A 170 -24.71 27.02 -5.24
C HIS A 170 -25.24 26.43 -3.95
N LEU A 171 -26.35 26.98 -3.48
CA LEU A 171 -27.01 26.52 -2.27
C LEU A 171 -28.26 25.75 -2.66
N THR A 172 -28.60 24.70 -1.89
CA THR A 172 -29.82 23.89 -2.03
C THR A 172 -30.26 23.32 -0.69
N THR A 173 -31.07 22.26 -0.73
CA THR A 173 -31.58 21.66 0.49
C THR A 173 -31.41 20.16 0.49
N HIS A 174 -31.44 19.56 1.68
CA HIS A 174 -31.38 18.13 1.93
C HIS A 174 -32.34 17.85 3.11
N ASN A 175 -32.65 16.56 3.34
CA ASN A 175 -33.55 16.11 4.42
C ASN A 175 -32.96 14.94 5.21
N GLU A 176 -31.62 14.84 5.22
CA GLU A 176 -30.82 13.79 5.86
C GLU A 176 -31.20 13.45 7.29
N PHE A 177 -31.32 14.45 8.18
CA PHE A 177 -31.57 14.13 9.58
C PHE A 177 -32.89 14.56 10.06
N THR A 178 -33.51 15.50 9.33
CA THR A 178 -34.80 16.10 9.70
C THR A 178 -35.91 15.95 8.65
N LYS A 179 -37.16 16.19 9.10
CA LYS A 179 -38.39 16.17 8.29
C LYS A 179 -38.34 17.42 7.42
N GLY A 180 -38.13 18.58 8.06
CA GLY A 180 -38.00 19.88 7.41
C GLY A 180 -36.74 20.00 6.59
N ASP A 181 -36.73 20.91 5.58
CA ASP A 181 -35.56 21.11 4.73
C ASP A 181 -34.40 21.70 5.52
N ALA A 182 -33.19 21.27 5.17
CA ALA A 182 -31.98 21.76 5.81
C ALA A 182 -31.07 22.26 4.70
N SER A 183 -30.30 23.31 4.99
CA SER A 183 -29.41 23.95 4.02
C SER A 183 -28.20 23.10 3.57
N ARG A 184 -27.81 23.23 2.30
CA ARG A 184 -26.66 22.55 1.71
C ARG A 184 -25.90 23.50 0.79
N PHE A 185 -24.62 23.72 1.09
CA PHE A 185 -23.72 24.53 0.27
C PHE A 185 -22.98 23.55 -0.65
N VAL A 186 -22.87 23.88 -1.94
CA VAL A 186 -22.23 23.02 -2.92
C VAL A 186 -21.12 23.74 -3.68
N LEU A 187 -19.91 23.12 -3.72
CA LEU A 187 -18.78 23.59 -4.51
C LEU A 187 -18.56 22.48 -5.53
N GLU A 188 -18.86 22.77 -6.81
CA GLU A 188 -18.74 21.85 -7.94
C GLU A 188 -17.65 22.30 -8.87
N PHE A 189 -17.04 21.36 -9.59
CA PHE A 189 -16.09 21.63 -10.66
C PHE A 189 -16.11 20.49 -11.68
N HIS A 190 -15.79 20.80 -12.93
CA HIS A 190 -15.72 19.82 -14.01
C HIS A 190 -14.30 19.76 -14.50
N ALA A 191 -13.79 18.55 -14.76
CA ALA A 191 -12.46 18.41 -15.27
C ALA A 191 -12.44 17.38 -16.37
N GLU A 192 -11.49 17.53 -17.31
CA GLU A 192 -11.29 16.62 -18.42
C GLU A 192 -9.81 16.21 -18.51
N ARG A 193 -9.54 15.11 -19.21
CA ARG A 193 -8.21 14.55 -19.29
C ARG A 193 -7.25 15.15 -20.32
N HIS A 194 -5.93 15.07 -19.99
CA HIS A 194 -4.80 15.39 -20.85
C HIS A 194 -4.52 14.04 -21.48
N LEU A 195 -4.83 13.92 -22.77
CA LEU A 195 -4.74 12.64 -23.50
C LEU A 195 -3.31 12.12 -23.76
N ASN A 196 -2.25 12.94 -23.52
CA ASN A 196 -0.85 12.56 -23.78
C ASN A 196 -0.47 11.17 -23.28
N TYR A 197 -0.72 10.86 -21.98
CA TYR A 197 -0.42 9.55 -21.39
C TYR A 197 -0.95 8.42 -22.27
N TYR A 198 -2.24 8.52 -22.61
CA TYR A 198 -2.96 7.55 -23.41
C TYR A 198 -2.35 7.44 -24.80
N LEU A 199 -2.04 8.59 -25.43
CA LEU A 199 -1.37 8.62 -26.74
C LEU A 199 -0.03 7.86 -26.70
N MET A 200 0.82 8.22 -25.75
CA MET A 200 2.15 7.69 -25.58
C MET A 200 2.22 6.25 -25.14
N ARG A 201 1.36 5.85 -24.20
CA ARG A 201 1.44 4.49 -23.66
C ARG A 201 0.51 3.51 -24.30
N ILE A 202 -0.59 3.95 -24.91
CA ILE A 202 -1.54 3.01 -25.49
C ILE A 202 -1.70 3.16 -27.01
N LEU A 203 -2.10 4.35 -27.52
CA LEU A 203 -2.31 4.52 -28.95
C LEU A 203 -1.09 4.20 -29.80
N ILE A 204 0.06 4.85 -29.52
CA ILE A 204 1.30 4.64 -30.29
C ILE A 204 1.79 3.16 -30.18
N PRO A 205 1.92 2.51 -28.97
CA PRO A 205 2.34 1.09 -28.95
C PRO A 205 1.42 0.15 -29.73
N VAL A 206 0.08 0.30 -29.58
CA VAL A 206 -0.92 -0.50 -30.30
C VAL A 206 -0.80 -0.27 -31.81
N LEU A 207 -0.72 1.01 -32.24
CA LEU A 207 -0.53 1.35 -33.66
C LEU A 207 0.76 0.78 -34.20
N LEU A 208 1.84 0.76 -33.40
CA LEU A 208 3.13 0.23 -33.83
C LEU A 208 3.06 -1.25 -34.09
N ILE A 209 2.49 -2.00 -33.13
CA ILE A 209 2.30 -3.45 -33.22
C ILE A 209 1.58 -3.78 -34.53
N ILE A 210 0.44 -3.11 -34.80
CA ILE A 210 -0.38 -3.25 -36.01
C ILE A 210 0.40 -2.95 -37.28
N THR A 211 1.03 -1.76 -37.37
CA THR A 211 1.77 -1.32 -38.55
C THR A 211 2.98 -2.19 -38.90
N VAL A 212 3.87 -2.42 -37.93
CA VAL A 212 5.07 -3.21 -38.21
C VAL A 212 4.67 -4.69 -38.49
N SER A 213 3.54 -5.17 -37.91
CA SER A 213 3.04 -6.51 -38.21
C SER A 213 2.54 -6.54 -39.64
N TRP A 214 1.91 -5.45 -40.12
CA TRP A 214 1.44 -5.39 -41.50
C TRP A 214 2.59 -5.42 -42.50
N PHE A 215 3.73 -4.79 -42.16
CA PHE A 215 4.91 -4.75 -43.03
C PHE A 215 5.31 -6.16 -43.42
N THR A 216 5.25 -7.08 -42.46
CA THR A 216 5.64 -8.47 -42.68
C THR A 216 4.80 -9.21 -43.72
N PHE A 217 3.61 -8.68 -44.09
CA PHE A 217 2.76 -9.31 -45.11
C PHE A 217 3.44 -9.33 -46.48
N PHE A 218 4.35 -8.38 -46.69
CA PHE A 218 5.07 -8.27 -47.94
C PHE A 218 6.09 -9.39 -48.12
N LEU A 219 6.24 -10.28 -47.10
CA LEU A 219 7.11 -11.47 -47.13
C LEU A 219 6.44 -12.64 -47.85
N GLN A 220 5.08 -12.63 -47.90
CA GLN A 220 4.23 -13.66 -48.53
C GLN A 220 4.41 -15.05 -47.85
N ASP A 221 4.65 -15.03 -46.50
CA ASP A 221 4.73 -16.22 -45.65
C ASP A 221 3.47 -16.18 -44.79
N TYR A 222 2.46 -17.05 -45.11
CA TYR A 222 1.18 -17.14 -44.42
C TYR A 222 1.32 -17.68 -43.00
N THR A 223 2.19 -18.70 -42.82
CA THR A 223 2.51 -19.30 -41.52
C THR A 223 3.07 -18.22 -40.59
N LYS A 224 4.04 -17.43 -41.08
CA LYS A 224 4.65 -16.35 -40.32
C LYS A 224 3.64 -15.31 -39.87
N ARG A 225 2.61 -15.00 -40.72
CA ARG A 225 1.53 -14.05 -40.42
C ARG A 225 0.72 -14.61 -39.26
N ILE A 226 0.32 -15.90 -39.36
CA ILE A 226 -0.45 -16.61 -38.33
C ILE A 226 0.23 -16.49 -36.95
N ASP A 227 1.52 -16.87 -36.85
CA ASP A 227 2.29 -16.79 -35.61
C ASP A 227 2.36 -15.38 -35.05
N LEU A 228 2.45 -14.41 -35.95
CA LEU A 228 2.51 -13.00 -35.58
C LEU A 228 1.17 -12.53 -35.02
N ALA A 229 0.05 -12.78 -35.74
CA ALA A 229 -1.31 -12.42 -35.32
C ALA A 229 -1.69 -13.13 -34.02
N GLY A 230 -1.10 -14.29 -33.79
CA GLY A 230 -1.31 -15.04 -32.55
C GLY A 230 -0.78 -14.33 -31.32
N GLY A 231 0.47 -13.90 -31.39
CA GLY A 231 1.09 -13.17 -30.30
C GLY A 231 0.49 -11.79 -30.15
N ASN A 232 0.19 -11.14 -31.30
CA ASN A 232 -0.48 -9.83 -31.30
C ASN A 232 -1.78 -9.88 -30.47
N LEU A 233 -2.59 -10.95 -30.68
CA LEU A 233 -3.81 -11.18 -29.92
C LEU A 233 -3.50 -11.22 -28.42
N LEU A 234 -2.43 -11.96 -28.01
CA LEU A 234 -2.03 -12.04 -26.59
C LEU A 234 -1.62 -10.69 -26.04
N LEU A 235 -0.88 -9.90 -26.86
CA LEU A 235 -0.43 -8.56 -26.47
C LEU A 235 -1.60 -7.72 -26.17
N PHE A 236 -2.64 -7.76 -27.04
CA PHE A 236 -3.87 -6.95 -26.87
C PHE A 236 -4.63 -7.40 -25.62
N ILE A 237 -4.66 -8.73 -25.36
CA ILE A 237 -5.22 -9.30 -24.13
C ILE A 237 -4.46 -8.72 -22.93
N ALA A 238 -3.12 -8.62 -23.01
CA ALA A 238 -2.33 -8.04 -21.94
C ALA A 238 -2.69 -6.57 -21.78
N PHE A 239 -2.67 -5.79 -22.88
CA PHE A 239 -3.04 -4.37 -22.85
C PHE A 239 -4.41 -4.17 -22.21
N ASN A 240 -5.34 -5.07 -22.52
CA ASN A 240 -6.70 -5.10 -22.00
C ASN A 240 -6.70 -5.17 -20.47
N PHE A 241 -5.78 -5.94 -19.87
CA PHE A 241 -5.67 -6.03 -18.41
C PHE A 241 -5.06 -4.80 -17.80
N THR A 242 -4.10 -4.19 -18.47
CA THR A 242 -3.44 -2.97 -18.01
C THR A 242 -4.44 -1.83 -17.93
N ILE A 243 -5.35 -1.71 -18.93
CA ILE A 243 -6.40 -0.71 -18.95
C ILE A 243 -7.43 -1.01 -17.87
N SER A 244 -7.78 -2.32 -17.68
CA SER A 244 -8.70 -2.78 -16.63
C SER A 244 -8.25 -2.29 -15.24
N SER A 245 -6.93 -2.19 -15.03
CA SER A 245 -6.31 -1.77 -13.78
C SER A 245 -6.70 -0.37 -13.34
N ASP A 246 -6.60 0.65 -14.24
CA ASP A 246 -6.94 2.06 -13.96
C ASP A 246 -8.37 2.25 -13.49
N LEU A 247 -9.31 1.40 -13.95
CA LEU A 247 -10.73 1.59 -13.69
C LEU A 247 -11.42 0.61 -12.76
N PRO A 248 -12.59 1.01 -12.19
CA PRO A 248 -13.42 0.07 -11.40
C PRO A 248 -13.95 -1.10 -12.24
N ARG A 249 -14.52 -2.13 -11.57
CA ARG A 249 -15.08 -3.28 -12.28
C ARG A 249 -16.50 -2.94 -12.73
N LEU A 250 -16.59 -1.91 -13.61
CA LEU A 250 -17.82 -1.38 -14.17
C LEU A 250 -18.68 -2.48 -14.82
N GLY A 251 -19.99 -2.26 -14.79
CA GLY A 251 -20.98 -3.14 -15.37
C GLY A 251 -21.32 -2.73 -16.79
N TYR A 252 -20.65 -1.67 -17.30
CA TYR A 252 -20.87 -1.11 -18.63
C TYR A 252 -19.60 -1.06 -19.53
N ILE A 253 -19.81 -1.00 -20.89
CA ILE A 253 -18.76 -0.95 -21.90
C ILE A 253 -18.21 0.46 -22.08
N THR A 254 -16.89 0.59 -21.96
CA THR A 254 -16.08 1.80 -22.12
C THR A 254 -15.76 1.92 -23.60
N LEU A 255 -15.46 3.15 -24.07
CA LEU A 255 -15.03 3.34 -25.46
C LEU A 255 -13.73 2.56 -25.63
N MET A 256 -12.89 2.55 -24.58
CA MET A 256 -11.63 1.83 -24.54
C MET A 256 -11.85 0.31 -24.69
N ASP A 257 -12.89 -0.23 -24.03
CA ASP A 257 -13.23 -1.66 -24.10
C ASP A 257 -13.56 -2.00 -25.53
N ALA A 258 -14.42 -1.18 -26.17
CA ALA A 258 -14.85 -1.33 -27.56
C ALA A 258 -13.65 -1.40 -28.50
N PHE A 259 -12.72 -0.43 -28.40
CA PHE A 259 -11.47 -0.39 -29.16
C PHE A 259 -10.69 -1.71 -28.99
N LEU A 260 -10.52 -2.16 -27.74
CA LEU A 260 -9.78 -3.39 -27.47
C LEU A 260 -10.48 -4.63 -28.03
N VAL A 261 -11.79 -4.77 -27.85
CA VAL A 261 -12.56 -5.90 -28.39
C VAL A 261 -12.48 -5.89 -29.92
N GLY A 262 -12.41 -4.69 -30.50
CA GLY A 262 -12.28 -4.48 -31.93
C GLY A 262 -11.00 -5.07 -32.46
N THR A 263 -9.87 -4.75 -31.78
CA THR A 263 -8.55 -5.28 -32.15
C THR A 263 -8.53 -6.80 -32.04
N PHE A 264 -9.23 -7.38 -31.03
CA PHE A 264 -9.33 -8.83 -30.89
C PHE A 264 -9.95 -9.43 -32.14
N ILE A 265 -11.17 -8.95 -32.54
CA ILE A 265 -11.91 -9.46 -33.69
C ILE A 265 -11.09 -9.43 -34.96
N ILE A 266 -10.49 -8.26 -35.31
CA ILE A 266 -9.68 -8.17 -36.52
C ILE A 266 -8.53 -9.18 -36.51
N THR A 267 -7.76 -9.23 -35.39
CA THR A 267 -6.65 -10.16 -35.19
C THR A 267 -7.10 -11.62 -35.34
N ALA A 268 -8.26 -11.95 -34.73
CA ALA A 268 -8.85 -13.29 -34.85
C ALA A 268 -9.08 -13.63 -36.33
N LEU A 269 -9.67 -12.69 -37.11
CA LEU A 269 -9.93 -12.90 -38.54
C LEU A 269 -8.63 -12.96 -39.32
N VAL A 270 -7.59 -12.18 -38.90
CA VAL A 270 -6.27 -12.20 -39.56
C VAL A 270 -5.73 -13.64 -39.50
N VAL A 271 -5.80 -14.29 -38.29
CA VAL A 271 -5.43 -15.70 -38.08
C VAL A 271 -6.27 -16.56 -39.04
N LEU A 272 -7.61 -16.50 -38.89
CA LEU A 272 -8.58 -17.25 -39.68
C LEU A 272 -8.31 -17.25 -41.19
N GLY A 273 -8.18 -16.05 -41.76
CA GLY A 273 -7.93 -15.81 -43.17
C GLY A 273 -6.64 -16.42 -43.67
N ASN A 274 -5.52 -16.06 -43.01
CA ASN A 274 -4.20 -16.58 -43.37
C ASN A 274 -4.10 -18.10 -43.25
N VAL A 275 -4.92 -18.73 -42.37
CA VAL A 275 -5.01 -20.20 -42.23
C VAL A 275 -5.60 -20.73 -43.56
N TRP A 276 -6.62 -20.05 -44.09
CA TRP A 276 -7.25 -20.45 -45.34
C TRP A 276 -6.30 -20.36 -46.52
N LEU A 277 -5.57 -19.21 -46.62
CA LEU A 277 -4.58 -18.97 -47.69
C LEU A 277 -3.45 -20.02 -47.67
N ARG A 278 -3.02 -20.40 -46.44
CA ARG A 278 -2.01 -21.42 -46.23
C ARG A 278 -2.58 -22.80 -46.50
N ARG A 279 -3.89 -23.00 -46.33
CA ARG A 279 -4.52 -24.27 -46.66
C ARG A 279 -4.62 -24.42 -48.18
N LEU A 280 -4.81 -23.31 -48.96
CA LEU A 280 -4.83 -23.37 -50.45
C LEU A 280 -3.47 -23.81 -51.00
N GLU A 281 -2.40 -23.19 -50.47
CA GLU A 281 -0.98 -23.40 -50.74
C GLU A 281 -0.67 -24.87 -50.51
N ASN A 282 -1.13 -25.41 -49.36
CA ASN A 282 -0.99 -26.80 -48.93
C ASN A 282 -1.68 -27.81 -49.86
N HIS A 283 -2.80 -27.41 -50.49
CA HIS A 283 -3.61 -28.27 -51.35
C HIS A 283 -3.32 -28.07 -52.85
N GLY A 284 -2.10 -27.61 -53.12
CA GLY A 284 -1.57 -27.41 -54.47
C GLY A 284 -2.20 -26.28 -55.24
N LYS A 285 -2.78 -25.32 -54.54
CA LYS A 285 -3.40 -24.15 -55.18
C LYS A 285 -2.65 -22.89 -54.74
N GLN A 286 -1.29 -22.97 -54.68
CA GLN A 286 -0.34 -21.90 -54.31
C GLN A 286 -0.53 -20.61 -55.16
N ALA A 287 -0.77 -20.76 -56.49
CA ALA A 287 -0.99 -19.67 -57.45
C ALA A 287 -2.23 -18.84 -57.14
N LEU A 288 -3.30 -19.52 -56.66
CA LEU A 288 -4.57 -18.94 -56.26
C LEU A 288 -4.40 -18.11 -54.99
N ALA A 289 -3.72 -18.69 -53.95
CA ALA A 289 -3.40 -18.06 -52.66
C ALA A 289 -2.75 -16.72 -52.93
N ARG A 290 -1.81 -16.70 -53.93
CA ARG A 290 -1.06 -15.53 -54.39
C ARG A 290 -1.92 -14.43 -54.98
N LYS A 291 -2.96 -14.79 -55.76
CA LYS A 291 -3.86 -13.80 -56.32
C LYS A 291 -4.74 -13.19 -55.24
N LEU A 292 -5.38 -14.04 -54.41
CA LEU A 292 -6.24 -13.63 -53.30
C LEU A 292 -5.50 -12.78 -52.27
N ASP A 293 -4.18 -13.03 -52.14
CA ASP A 293 -3.28 -12.35 -51.20
C ASP A 293 -3.41 -10.83 -51.26
N ILE A 294 -3.82 -10.28 -52.41
CA ILE A 294 -3.94 -8.83 -52.53
C ILE A 294 -5.09 -8.29 -51.65
N TYR A 295 -6.14 -9.12 -51.46
CA TYR A 295 -7.27 -8.81 -50.59
C TYR A 295 -6.73 -8.91 -49.18
N ALA A 296 -5.98 -10.00 -48.90
CA ALA A 296 -5.35 -10.25 -47.60
C ALA A 296 -4.49 -9.06 -47.14
N ILE A 297 -3.64 -8.53 -48.04
CA ILE A 297 -2.75 -7.41 -47.75
C ILE A 297 -3.54 -6.12 -47.54
N THR A 298 -4.51 -5.80 -48.42
CA THR A 298 -5.25 -4.53 -48.31
C THR A 298 -6.43 -4.57 -47.29
N SER A 299 -6.87 -5.76 -46.86
CA SER A 299 -7.96 -5.88 -45.89
C SER A 299 -7.45 -5.30 -44.59
N TYR A 300 -6.33 -5.86 -44.08
CA TYR A 300 -5.66 -5.47 -42.85
C TYR A 300 -5.77 -3.95 -42.57
N PRO A 301 -5.24 -3.03 -43.43
CA PRO A 301 -5.36 -1.59 -43.12
C PRO A 301 -6.78 -1.05 -43.07
N LEU A 302 -7.59 -1.43 -44.08
CA LEU A 302 -8.99 -1.02 -44.18
C LEU A 302 -9.79 -1.49 -42.97
N ALA A 303 -9.64 -2.77 -42.57
CA ALA A 303 -10.32 -3.39 -41.43
C ALA A 303 -10.17 -2.53 -40.19
N TYR A 304 -8.93 -2.15 -39.83
CA TYR A 304 -8.64 -1.31 -38.66
C TYR A 304 -9.16 0.12 -38.81
N LEU A 305 -9.13 0.71 -40.04
CA LEU A 305 -9.64 2.07 -40.30
C LEU A 305 -11.16 2.13 -40.29
N LEU A 306 -11.80 1.06 -40.77
CA LEU A 306 -13.23 0.86 -40.79
C LEU A 306 -13.70 0.73 -39.35
N GLY A 307 -12.99 -0.10 -38.58
CA GLY A 307 -13.27 -0.31 -37.16
C GLY A 307 -13.16 0.96 -36.34
N ALA A 308 -12.15 1.81 -36.64
CA ALA A 308 -11.91 3.09 -35.99
C ALA A 308 -13.03 4.12 -36.26
N LEU A 309 -13.57 4.14 -37.50
CA LEU A 309 -14.70 5.03 -37.81
C LEU A 309 -15.99 4.52 -37.16
N THR A 310 -16.14 3.19 -37.08
CA THR A 310 -17.28 2.49 -36.45
C THR A 310 -17.42 2.88 -34.97
N LEU A 311 -16.34 2.80 -34.14
CA LEU A 311 -16.46 3.22 -32.73
C LEU A 311 -16.72 4.70 -32.64
N TRP A 312 -16.04 5.51 -33.47
CA TRP A 312 -16.23 6.95 -33.46
C TRP A 312 -17.69 7.31 -33.75
N LEU A 313 -18.33 6.67 -34.74
CA LEU A 313 -19.73 6.92 -35.02
C LEU A 313 -20.57 6.41 -33.85
N LEU A 314 -20.38 5.12 -33.51
CA LEU A 314 -21.04 4.37 -32.43
C LEU A 314 -21.02 5.05 -31.03
N PHE A 315 -20.05 5.95 -30.79
CA PHE A 315 -19.90 6.69 -29.53
C PHE A 315 -20.06 8.22 -29.68
N PHE A 316 -19.86 8.78 -30.89
CA PHE A 316 -19.94 10.24 -31.13
C PHE A 316 -20.67 10.56 -32.46
N GLU B 7 1.49 49.41 17.14
CA GLU B 7 2.17 48.95 15.91
C GLU B 7 2.25 47.36 15.74
N PRO B 8 2.75 46.76 14.64
CA PRO B 8 2.74 45.27 14.55
C PRO B 8 3.90 44.57 15.25
N SER B 9 3.65 43.40 15.89
CA SER B 9 4.69 42.65 16.59
C SER B 9 5.47 41.73 15.64
N ASP B 10 6.81 41.78 15.72
CA ASP B 10 7.68 40.93 14.92
C ASP B 10 7.68 39.55 15.52
N VAL B 11 7.47 38.56 14.63
CA VAL B 11 7.39 37.14 14.90
C VAL B 11 8.54 36.53 14.10
N PHE B 12 9.53 35.90 14.77
CA PHE B 12 10.71 35.34 14.09
C PHE B 12 10.53 33.87 13.80
N ILE B 13 10.54 33.53 12.51
CA ILE B 13 10.33 32.17 11.99
C ILE B 13 11.66 31.56 11.55
N GLY B 14 11.89 30.34 12.04
CA GLY B 14 13.03 29.48 11.72
C GLY B 14 12.52 28.12 11.33
N LEU B 15 13.06 27.50 10.26
CA LEU B 15 12.61 26.17 9.86
C LEU B 15 13.78 25.34 9.37
N LYS B 16 14.08 24.22 10.03
CA LYS B 16 15.19 23.37 9.63
C LYS B 16 14.68 21.98 9.22
N ILE B 17 14.97 21.56 7.97
CA ILE B 17 14.62 20.20 7.50
C ILE B 17 15.77 19.29 7.96
N ASP B 18 15.47 18.28 8.79
CA ASP B 18 16.47 17.36 9.32
C ASP B 18 16.64 16.13 8.41
N GLN B 19 15.53 15.68 7.81
CA GLN B 19 15.48 14.48 6.96
C GLN B 19 14.57 14.69 5.77
N ILE B 20 14.94 14.12 4.62
CA ILE B 20 14.08 14.06 3.44
C ILE B 20 13.71 12.57 3.52
N THR B 21 12.50 12.27 3.99
CA THR B 21 12.02 10.90 4.14
C THR B 21 11.66 10.29 2.77
N GLY B 22 11.54 11.16 1.78
CA GLY B 22 11.24 10.75 0.43
C GLY B 22 10.65 11.83 -0.45
N ILE B 23 10.90 11.73 -1.75
CA ILE B 23 10.34 12.62 -2.76
C ILE B 23 9.53 11.68 -3.63
N ASN B 24 8.22 11.93 -3.79
CA ASN B 24 7.37 11.04 -4.58
C ASN B 24 7.04 11.81 -5.85
N GLN B 25 7.76 11.53 -6.95
CA GLN B 25 7.54 12.27 -8.17
C GLN B 25 6.23 11.93 -8.85
N LYS B 26 5.78 10.66 -8.73
CA LYS B 26 4.52 10.19 -9.31
C LYS B 26 3.33 11.01 -8.76
N GLU B 27 3.42 11.41 -7.45
CA GLU B 27 2.42 12.21 -6.71
C GLU B 27 2.79 13.68 -6.53
N GLU B 28 3.96 14.12 -7.07
CA GLU B 28 4.46 15.50 -7.00
C GLU B 28 4.32 16.11 -5.59
N ASN B 29 4.92 15.42 -4.62
CA ASN B 29 5.02 15.77 -3.20
C ASN B 29 6.35 15.24 -2.67
N PHE B 30 6.77 15.75 -1.51
CA PHE B 30 7.98 15.31 -0.84
C PHE B 30 7.67 15.28 0.66
N SER B 31 8.42 14.50 1.44
CA SER B 31 8.17 14.36 2.86
C SER B 31 9.44 14.58 3.63
N VAL B 32 9.32 15.30 4.77
CA VAL B 32 10.44 15.72 5.61
C VAL B 32 10.15 15.65 7.10
N VAL B 33 11.22 15.48 7.91
CA VAL B 33 11.21 15.56 9.37
C VAL B 33 11.89 16.90 9.57
N GLY B 34 11.26 17.80 10.32
CA GLY B 34 11.79 19.13 10.54
C GLY B 34 11.41 19.77 11.84
N SER B 35 12.05 20.90 12.16
CA SER B 35 11.82 21.66 13.36
C SER B 35 11.47 23.10 13.00
N LEU B 36 10.39 23.61 13.59
CA LEU B 36 9.97 24.99 13.39
C LEU B 36 10.32 25.71 14.68
N ARG B 37 10.90 26.90 14.57
CA ARG B 37 11.26 27.70 15.71
C ARG B 37 10.68 29.09 15.58
N ILE B 38 9.98 29.54 16.64
CA ILE B 38 9.34 30.86 16.70
C ILE B 38 9.82 31.61 17.91
N ASP B 39 10.18 32.88 17.73
CA ASP B 39 10.54 33.81 18.81
C ASP B 39 9.62 35.01 18.62
N TRP B 40 8.73 35.23 19.58
CA TRP B 40 7.76 36.31 19.52
C TRP B 40 7.66 36.92 20.89
N ARG B 41 7.89 38.25 20.98
CA ARG B 41 7.83 38.96 22.24
C ARG B 41 6.49 39.66 22.41
N GLN B 42 5.78 39.25 23.46
CA GLN B 42 4.50 39.79 23.84
C GLN B 42 4.68 40.39 25.23
N PRO B 43 4.74 41.74 25.32
CA PRO B 43 4.96 42.37 26.64
C PRO B 43 3.90 42.04 27.67
N LEU B 44 2.65 41.77 27.25
CA LEU B 44 1.55 41.41 28.17
C LEU B 44 1.81 40.06 28.88
N LEU B 45 2.64 39.17 28.25
CA LEU B 45 3.01 37.85 28.79
C LEU B 45 4.07 37.92 29.91
N ALA B 46 4.72 39.10 30.06
CA ALA B 46 5.73 39.38 31.07
C ALA B 46 5.23 39.02 32.47
N PHE B 47 6.12 38.45 33.29
CA PHE B 47 5.79 38.01 34.63
C PHE B 47 6.86 38.36 35.62
N GLU B 48 6.42 38.55 36.87
CA GLU B 48 7.29 38.79 38.00
C GLU B 48 7.44 37.46 38.72
N HIS B 49 8.64 37.20 39.25
CA HIS B 49 8.99 35.99 40.00
C HIS B 49 9.59 36.42 41.35
N ALA B 50 9.26 35.67 42.44
CA ALA B 50 9.83 35.96 43.75
C ALA B 50 11.27 35.40 43.73
N PRO B 51 12.21 35.96 44.54
CA PRO B 51 13.61 35.47 44.48
C PRO B 51 13.76 33.94 44.59
N GLY B 52 14.63 33.38 43.76
CA GLY B 52 14.92 31.95 43.77
C GLY B 52 14.14 31.14 42.75
N GLU B 53 12.87 31.49 42.52
CA GLU B 53 11.95 30.82 41.58
C GLU B 53 12.34 31.05 40.09
N PRO B 54 11.87 30.21 39.12
CA PRO B 54 12.32 30.36 37.72
C PRO B 54 11.98 31.66 36.99
N LYS B 55 12.99 32.13 36.22
CA LYS B 55 12.97 33.31 35.35
C LYS B 55 12.38 32.89 34.00
N HIS B 56 12.32 31.56 33.78
CA HIS B 56 11.77 30.97 32.56
C HIS B 56 10.71 29.89 32.83
N ARG B 57 9.45 30.20 32.52
CA ARG B 57 8.36 29.27 32.68
C ARG B 57 8.29 28.36 31.42
N THR B 58 8.19 27.03 31.61
CA THR B 58 8.09 26.10 30.49
C THR B 58 6.71 25.45 30.48
N TYR B 59 6.08 25.47 29.28
CA TYR B 59 4.72 25.01 29.10
C TYR B 59 4.58 24.04 27.99
N THR B 60 3.50 23.23 28.03
CA THR B 60 3.07 22.37 26.91
C THR B 60 2.32 23.35 26.01
N LEU B 61 2.09 23.06 24.73
CA LEU B 61 1.35 23.99 23.87
C LEU B 61 -0.10 24.23 24.35
N ALA B 62 -0.77 23.15 24.78
CA ALA B 62 -2.14 23.15 25.24
C ALA B 62 -2.35 24.08 26.41
N THR B 63 -1.50 24.03 27.44
CA THR B 63 -1.74 24.92 28.56
C THR B 63 -1.22 26.34 28.25
N PHE B 64 -0.37 26.49 27.22
CA PHE B 64 0.08 27.83 26.83
C PHE B 64 -1.04 28.58 26.10
N LEU B 65 -1.70 27.92 25.12
CA LEU B 65 -2.81 28.53 24.41
C LEU B 65 -3.94 28.89 25.37
N LYS B 66 -4.22 28.02 26.37
CA LYS B 66 -5.27 28.25 27.36
C LYS B 66 -4.97 29.47 28.19
N LEU B 67 -3.67 29.69 28.47
CA LEU B 67 -3.17 30.86 29.20
C LEU B 67 -3.40 32.13 28.35
N LEU B 68 -3.21 32.04 27.02
CA LEU B 68 -3.41 33.17 26.11
C LEU B 68 -4.88 33.58 26.07
N GLU B 69 -5.78 32.59 25.94
CA GLU B 69 -7.23 32.78 25.96
C GLU B 69 -7.73 33.48 27.25
N GLU B 70 -7.13 33.18 28.44
CA GLU B 70 -7.50 33.82 29.71
C GLU B 70 -7.07 35.26 29.71
N LYS B 71 -5.80 35.49 29.29
CA LYS B 71 -5.19 36.80 29.22
C LYS B 71 -5.74 37.62 28.01
N GLN B 72 -6.66 37.01 27.20
CA GLN B 72 -7.26 37.57 25.98
C GLN B 72 -6.18 38.07 25.01
N ILE B 73 -5.15 37.24 24.80
CA ILE B 73 -4.03 37.53 23.90
C ILE B 73 -4.17 36.70 22.63
N ARG B 74 -4.00 37.37 21.47
CA ARG B 74 -4.05 36.79 20.15
C ARG B 74 -2.65 36.35 19.81
N TRP B 75 -2.50 35.08 19.41
CA TRP B 75 -1.23 34.49 19.05
C TRP B 75 -1.04 34.57 17.54
N PRO B 76 0.21 34.58 17.02
CA PRO B 76 0.38 34.67 15.57
C PRO B 76 0.05 33.34 14.89
N ALA B 77 -1.25 33.02 14.79
CA ALA B 77 -1.73 31.79 14.18
C ALA B 77 -1.16 31.67 12.77
N PHE B 78 -0.47 30.56 12.49
CA PHE B 78 0.21 30.30 11.22
C PHE B 78 -0.21 28.95 10.57
N THR B 79 0.05 28.82 9.26
CA THR B 79 -0.29 27.60 8.53
C THR B 79 0.80 27.25 7.53
N TYR B 80 1.07 25.93 7.35
CA TYR B 80 2.01 25.43 6.36
C TYR B 80 1.16 25.32 5.11
N HIS B 81 1.16 26.36 4.29
CA HIS B 81 0.30 26.47 3.12
C HIS B 81 0.34 25.25 2.16
N ASN B 82 1.55 24.77 1.85
CA ASN B 82 1.69 23.67 0.92
C ASN B 82 1.70 22.30 1.61
N GLN B 83 1.22 22.21 2.90
CA GLN B 83 1.14 20.94 3.67
C GLN B 83 0.19 19.93 3.02
N GLN B 84 0.42 18.65 3.27
CA GLN B 84 -0.41 17.60 2.75
C GLN B 84 -0.68 16.50 3.80
N GLY B 85 -1.98 16.26 4.04
CA GLY B 85 -2.43 15.25 4.98
C GLY B 85 -2.10 15.56 6.42
N ARG B 86 -1.62 14.52 7.15
CA ARG B 86 -1.30 14.63 8.56
C ARG B 86 0.09 15.07 8.83
N MET B 87 0.25 15.89 9.88
CA MET B 87 1.54 16.31 10.36
C MET B 87 1.70 15.67 11.73
N ASP B 88 2.50 14.60 11.82
CA ASP B 88 2.78 13.86 13.04
C ASP B 88 3.75 14.67 13.87
N PHE B 89 3.28 15.24 15.03
CA PHE B 89 4.15 16.05 15.88
C PHE B 89 4.94 15.23 16.86
N GLN B 90 6.15 15.66 17.16
CA GLN B 90 7.00 15.02 18.12
C GLN B 90 7.07 15.89 19.37
N ASN B 91 7.29 17.21 19.16
CA ASN B 91 7.46 18.21 20.20
C ASN B 91 6.76 19.50 19.81
N ARG B 92 6.01 20.06 20.76
CA ARG B 92 5.28 21.32 20.63
C ARG B 92 5.44 21.92 22.04
N LEU B 93 6.56 22.64 22.27
CA LEU B 93 6.99 23.19 23.57
C LEU B 93 7.19 24.70 23.56
N ILE B 94 6.85 25.35 24.67
CA ILE B 94 6.95 26.79 24.85
C ILE B 94 7.82 27.14 26.06
N SER B 95 8.77 28.08 25.90
CA SER B 95 9.57 28.58 27.02
C SER B 95 9.39 30.12 27.08
N LEU B 96 8.81 30.59 28.17
CA LEU B 96 8.44 31.99 28.40
C LEU B 96 9.35 32.67 29.43
N SER B 97 9.98 33.79 29.01
CA SER B 97 10.87 34.54 29.88
C SER B 97 10.11 35.59 30.69
N GLU B 98 10.75 36.13 31.77
CA GLU B 98 10.20 37.23 32.60
C GLU B 98 9.69 38.34 31.66
N ASP B 99 10.47 38.62 30.57
CA ASP B 99 10.30 39.62 29.51
C ASP B 99 8.98 39.53 28.73
N GLY B 100 8.59 38.31 28.40
CA GLY B 100 7.43 38.02 27.57
C GLY B 100 7.86 37.32 26.29
N THR B 101 9.20 37.06 26.16
CA THR B 101 9.79 36.36 25.02
C THR B 101 9.32 34.92 25.05
N VAL B 102 8.41 34.58 24.12
CA VAL B 102 7.90 33.23 23.94
C VAL B 102 8.76 32.58 22.89
N MET B 103 9.35 31.42 23.23
CA MET B 103 10.19 30.62 22.36
C MET B 103 9.43 29.33 22.10
N TYR B 104 9.00 29.12 20.85
CA TYR B 104 8.23 27.94 20.50
C TYR B 104 9.07 27.04 19.62
N LEU B 105 8.92 25.71 19.81
CA LEU B 105 9.58 24.63 19.04
C LEU B 105 8.52 23.61 18.64
N GLU B 106 8.49 23.26 17.35
CA GLU B 106 7.54 22.34 16.74
C GLU B 106 8.32 21.35 15.89
N ARG B 107 8.49 20.11 16.37
CA ARG B 107 9.19 19.06 15.61
C ARG B 107 8.12 18.23 14.94
N PHE B 108 8.21 18.06 13.65
CA PHE B 108 7.15 17.35 12.94
C PHE B 108 7.68 16.51 11.80
N THR B 109 6.82 15.63 11.28
CA THR B 109 7.03 14.82 10.08
C THR B 109 5.84 15.17 9.18
N SER B 110 6.10 15.56 7.94
CA SER B 110 4.99 15.92 7.06
C SER B 110 5.32 15.79 5.61
N THR B 111 4.28 15.53 4.78
CA THR B 111 4.38 15.52 3.33
C THR B 111 3.96 16.92 2.91
N PHE B 112 4.63 17.46 1.89
CA PHE B 112 4.36 18.77 1.35
C PHE B 112 4.17 18.69 -0.18
N GLN B 113 3.44 19.64 -0.74
CA GLN B 113 3.20 19.72 -2.17
C GLN B 113 4.45 20.22 -2.89
N ALA B 114 4.73 19.57 -4.01
CA ALA B 114 5.85 19.94 -4.88
C ALA B 114 5.20 20.37 -6.23
N PRO B 115 4.67 21.61 -6.30
CA PRO B 115 3.97 22.01 -7.52
C PRO B 115 4.88 22.56 -8.60
N ALA B 116 6.19 22.71 -8.31
CA ALA B 116 7.23 23.25 -9.19
C ALA B 116 7.85 22.21 -10.17
N PHE B 117 7.34 20.95 -10.10
CA PHE B 117 7.81 19.79 -10.84
C PHE B 117 7.69 19.91 -12.38
N ASP B 118 8.85 19.91 -13.06
CA ASP B 118 8.98 19.98 -14.51
C ASP B 118 9.84 18.81 -15.02
N PHE B 119 9.18 17.80 -15.57
CA PHE B 119 9.84 16.60 -16.05
C PHE B 119 10.31 16.65 -17.53
N ARG B 120 10.25 17.84 -18.21
CA ARG B 120 10.62 17.96 -19.63
C ARG B 120 12.01 17.37 -19.94
N LEU B 121 13.00 17.58 -19.04
CA LEU B 121 14.36 17.04 -19.23
C LEU B 121 14.67 15.77 -18.44
N PHE B 122 13.66 15.14 -17.79
CA PHE B 122 13.85 13.91 -17.00
C PHE B 122 14.61 12.86 -17.84
N PRO B 123 15.66 12.17 -17.32
CA PRO B 123 16.19 12.16 -15.93
C PRO B 123 17.23 13.23 -15.61
N PHE B 124 17.50 14.14 -16.56
CA PHE B 124 18.52 15.18 -16.43
C PHE B 124 18.03 16.45 -15.71
N ASP B 125 16.76 16.44 -15.30
CA ASP B 125 16.08 17.55 -14.61
C ASP B 125 16.66 17.96 -13.22
N ASN B 126 16.42 19.23 -12.84
CA ASN B 126 16.68 19.89 -11.54
C ASN B 126 15.32 20.49 -11.10
N GLN B 127 14.88 20.20 -9.88
CA GLN B 127 13.59 20.68 -9.38
C GLN B 127 13.71 21.64 -8.20
N LEU B 128 12.61 22.36 -7.90
CA LEU B 128 12.51 23.25 -6.77
C LEU B 128 11.49 22.72 -5.81
N PHE B 129 11.89 22.58 -4.54
CA PHE B 129 11.00 22.14 -3.47
C PHE B 129 10.97 23.28 -2.44
N PHE B 130 9.82 23.49 -1.78
CA PHE B 130 9.70 24.55 -0.78
C PHE B 130 8.68 24.25 0.32
N ILE B 131 8.68 25.07 1.37
CA ILE B 131 7.71 25.02 2.45
C ILE B 131 7.25 26.48 2.68
N HIS B 132 5.94 26.71 2.64
CA HIS B 132 5.36 28.02 2.89
C HIS B 132 4.79 28.00 4.30
N VAL B 133 5.18 28.99 5.11
CA VAL B 133 4.71 29.17 6.47
C VAL B 133 4.04 30.54 6.43
N ASP B 134 2.71 30.53 6.33
CA ASP B 134 1.87 31.73 6.22
C ASP B 134 1.37 32.21 7.57
N SER B 135 1.19 33.51 7.74
CA SER B 135 0.55 34.00 8.94
C SER B 135 -0.93 34.09 8.56
N ILE B 136 -1.84 33.62 9.45
CA ILE B 136 -3.28 33.75 9.22
C ILE B 136 -3.62 35.23 9.34
N PHE B 137 -3.02 35.92 10.35
CA PHE B 137 -3.27 37.34 10.56
C PHE B 137 -2.43 38.30 9.64
N PRO B 138 -3.03 39.43 9.22
CA PRO B 138 -2.31 40.37 8.33
C PRO B 138 -1.19 41.17 8.98
N GLN B 139 -0.23 41.62 8.14
CA GLN B 139 0.98 42.37 8.45
C GLN B 139 0.82 43.58 9.38
N HIS B 140 -0.43 44.08 9.55
CA HIS B 140 -0.68 45.19 10.47
C HIS B 140 -0.67 44.73 11.94
N LEU B 141 -0.82 43.41 12.17
CA LEU B 141 -0.86 42.80 13.50
C LEU B 141 0.45 42.08 13.77
N PHE B 142 0.86 41.18 12.83
CA PHE B 142 2.08 40.38 12.95
C PHE B 142 2.93 40.43 11.69
N ARG B 143 4.21 40.83 11.84
CA ARG B 143 5.16 40.83 10.73
C ARG B 143 6.22 39.74 10.92
N PHE B 144 6.28 38.78 9.98
CA PHE B 144 7.22 37.69 10.01
C PHE B 144 8.61 38.16 9.69
N GLN B 145 9.57 37.70 10.49
CA GLN B 145 10.99 38.00 10.31
C GLN B 145 11.79 36.70 10.31
N GLU B 146 12.98 36.71 9.69
CA GLU B 146 13.82 35.52 9.61
C GLU B 146 14.64 35.36 10.88
N MET B 147 14.40 34.27 11.62
CA MET B 147 15.17 33.86 12.80
C MET B 147 16.55 33.52 12.20
N GLN B 148 17.64 34.10 12.75
CA GLN B 148 18.96 34.08 12.12
C GLN B 148 19.78 32.76 12.08
N GLY B 149 20.18 32.18 13.22
CA GLY B 149 21.03 31.00 13.11
C GLY B 149 20.34 29.65 13.10
N PHE B 150 19.29 29.46 12.24
CA PHE B 150 18.55 28.22 12.38
C PHE B 150 18.14 27.49 11.09
N SER B 151 17.33 28.17 10.25
CA SER B 151 16.73 27.61 9.02
C SER B 151 17.74 26.97 8.02
N GLY B 152 17.22 26.06 7.19
CA GLY B 152 17.99 25.33 6.19
C GLY B 152 17.80 23.82 6.20
N LEU B 153 18.74 23.09 5.58
CA LEU B 153 18.70 21.63 5.50
C LEU B 153 19.90 21.04 6.28
N GLY B 154 19.71 19.85 6.87
CA GLY B 154 20.73 19.16 7.66
C GLY B 154 21.85 18.47 6.89
N ASP B 155 22.66 17.66 7.62
CA ASP B 155 23.82 16.92 7.14
C ASP B 155 23.46 15.48 6.84
N GLN B 156 22.45 14.92 7.56
CA GLN B 156 21.96 13.54 7.36
C GLN B 156 20.50 13.54 6.87
N LEU B 157 20.26 13.93 5.60
CA LEU B 157 18.90 13.99 5.06
C LEU B 157 18.37 12.61 4.65
N GLY B 158 19.27 11.68 4.40
CA GLY B 158 18.92 10.30 4.07
C GLY B 158 18.48 10.01 2.64
N GLU B 159 18.46 11.05 1.76
CA GLU B 159 18.06 10.87 0.36
C GLU B 159 19.26 10.33 -0.45
N GLU B 160 19.01 9.41 -1.41
CA GLU B 160 20.07 8.75 -2.15
C GLU B 160 20.17 9.10 -3.62
N GLU B 161 19.01 9.53 -4.23
CA GLU B 161 18.91 9.86 -5.66
C GLU B 161 19.00 11.35 -5.87
N TRP B 162 18.31 12.11 -5.04
CA TRP B 162 18.39 13.55 -5.19
C TRP B 162 19.62 14.09 -4.47
N ILE B 163 20.13 15.20 -4.99
CA ILE B 163 21.30 15.85 -4.42
C ILE B 163 21.04 17.37 -4.46
N VAL B 164 20.87 17.96 -3.24
CA VAL B 164 20.56 19.38 -3.03
C VAL B 164 21.68 20.29 -3.56
N THR B 165 21.35 21.03 -4.62
CA THR B 165 22.22 21.97 -5.34
C THR B 165 22.32 23.34 -4.62
N GLU B 166 21.24 23.79 -3.95
CA GLU B 166 21.20 25.08 -3.24
C GLU B 166 19.96 25.18 -2.35
N VAL B 167 20.05 26.01 -1.26
CA VAL B 167 18.96 26.25 -0.29
C VAL B 167 18.84 27.76 0.04
N ASN B 168 17.59 28.30 0.17
CA ASN B 168 17.35 29.73 0.45
C ASN B 168 16.14 29.94 1.35
N THR B 169 16.14 31.06 2.07
CA THR B 169 14.99 31.49 2.84
C THR B 169 14.72 32.91 2.47
N HIS B 170 13.43 33.27 2.41
CA HIS B 170 12.97 34.62 2.09
C HIS B 170 11.55 34.84 2.58
N LEU B 171 11.22 36.10 2.87
CA LEU B 171 9.90 36.47 3.32
C LEU B 171 9.17 37.18 2.19
N THR B 172 7.84 36.97 2.10
CA THR B 172 6.94 37.61 1.13
C THR B 172 5.53 37.77 1.71
N THR B 173 4.54 37.93 0.82
CA THR B 173 3.17 38.13 1.28
C THR B 173 2.20 37.24 0.53
N HIS B 174 1.05 37.02 1.13
CA HIS B 174 -0.08 36.28 0.59
C HIS B 174 -1.37 37.02 1.01
N ASN B 175 -2.51 36.67 0.38
CA ASN B 175 -3.82 37.27 0.65
C ASN B 175 -4.92 36.23 0.85
N GLU B 176 -4.52 35.01 1.26
CA GLU B 176 -5.35 33.83 1.49
C GLU B 176 -6.62 34.05 2.29
N PHE B 177 -6.53 34.67 3.48
CA PHE B 177 -7.72 34.80 4.30
C PHE B 177 -8.19 36.19 4.46
N THR B 178 -7.31 37.16 4.17
CA THR B 178 -7.60 38.58 4.33
C THR B 178 -7.44 39.41 3.04
N LYS B 179 -8.02 40.64 3.09
CA LYS B 179 -7.96 41.66 2.02
C LYS B 179 -6.54 42.20 2.03
N GLY B 180 -6.08 42.63 3.22
CA GLY B 180 -4.72 43.15 3.46
C GLY B 180 -3.67 42.06 3.33
N ASP B 181 -2.41 42.46 3.04
CA ASP B 181 -1.31 41.50 2.89
C ASP B 181 -1.01 40.82 4.22
N ALA B 182 -0.63 39.55 4.14
CA ALA B 182 -0.28 38.77 5.30
C ALA B 182 1.10 38.17 5.03
N SER B 183 1.92 38.03 6.07
CA SER B 183 3.29 37.53 5.95
C SER B 183 3.40 36.06 5.57
N ARG B 184 4.44 35.73 4.78
CA ARG B 184 4.78 34.37 4.38
C ARG B 184 6.28 34.14 4.42
N PHE B 185 6.71 33.16 5.22
CA PHE B 185 8.11 32.74 5.32
C PHE B 185 8.29 31.58 4.35
N VAL B 186 9.38 31.60 3.57
CA VAL B 186 9.64 30.57 2.57
C VAL B 186 11.02 29.93 2.76
N LEU B 187 11.07 28.59 2.82
CA LEU B 187 12.29 27.80 2.84
C LEU B 187 12.26 27.01 1.54
N GLU B 188 13.16 27.36 0.61
CA GLU B 188 13.29 26.75 -0.72
C GLU B 188 14.59 25.99 -0.81
N PHE B 189 14.61 24.96 -1.65
CA PHE B 189 15.80 24.24 -2.00
C PHE B 189 15.67 23.64 -3.42
N HIS B 190 16.80 23.46 -4.10
CA HIS B 190 16.83 22.86 -5.44
C HIS B 190 17.60 21.56 -5.36
N ALA B 191 17.12 20.53 -6.03
CA ALA B 191 17.82 19.27 -6.04
C ALA B 191 17.84 18.70 -7.45
N GLU B 192 18.87 17.92 -7.77
CA GLU B 192 19.04 17.25 -9.05
C GLU B 192 19.34 15.77 -8.85
N ARG B 193 19.15 14.96 -9.89
CA ARG B 193 19.29 13.52 -9.80
C ARG B 193 20.68 12.94 -9.94
N HIS B 194 20.88 11.78 -9.29
CA HIS B 194 22.06 10.91 -9.40
C HIS B 194 21.64 9.96 -10.53
N LEU B 195 22.26 10.13 -11.70
CA LEU B 195 21.88 9.39 -12.90
C LEU B 195 22.20 7.90 -12.91
N ASN B 196 23.01 7.39 -11.93
CA ASN B 196 23.42 5.97 -11.86
C ASN B 196 22.30 4.98 -12.08
N TYR B 197 21.17 5.09 -11.34
CA TYR B 197 20.00 4.20 -11.49
C TYR B 197 19.60 4.08 -12.95
N TYR B 198 19.42 5.24 -13.61
CA TYR B 198 18.99 5.35 -14.99
C TYR B 198 20.03 4.72 -15.91
N LEU B 199 21.34 4.97 -15.68
CA LEU B 199 22.42 4.36 -16.44
C LEU B 199 22.36 2.83 -16.35
N MET B 200 22.30 2.31 -15.12
CA MET B 200 22.31 0.89 -14.82
C MET B 200 21.08 0.14 -15.24
N ARG B 201 19.89 0.72 -15.03
CA ARG B 201 18.66 0.01 -15.32
C ARG B 201 18.06 0.31 -16.66
N ILE B 202 18.35 1.47 -17.27
CA ILE B 202 17.72 1.81 -18.55
C ILE B 202 18.72 1.97 -19.69
N LEU B 203 19.72 2.86 -19.57
CA LEU B 203 20.68 3.08 -20.66
C LEU B 203 21.46 1.83 -21.07
N ILE B 204 22.12 1.16 -20.11
CA ILE B 204 22.91 -0.04 -20.39
C ILE B 204 22.00 -1.19 -20.95
N PRO B 205 20.84 -1.58 -20.33
CA PRO B 205 20.01 -2.64 -20.94
C PRO B 205 19.54 -2.32 -22.36
N VAL B 206 19.07 -1.07 -22.62
CA VAL B 206 18.63 -0.64 -23.95
C VAL B 206 19.79 -0.68 -24.94
N LEU B 207 20.97 -0.15 -24.55
CA LEU B 207 22.16 -0.20 -25.40
C LEU B 207 22.59 -1.62 -25.68
N LEU B 208 22.47 -2.53 -24.70
CA LEU B 208 22.84 -3.94 -24.89
C LEU B 208 21.96 -4.62 -25.91
N ILE B 209 20.61 -4.46 -25.76
CA ILE B 209 19.62 -5.01 -26.67
C ILE B 209 19.96 -4.59 -28.11
N ILE B 210 20.19 -3.27 -28.33
CA ILE B 210 20.56 -2.68 -29.62
C ILE B 210 21.86 -3.26 -30.19
N THR B 211 22.95 -3.23 -29.40
CA THR B 211 24.27 -3.71 -29.83
C THR B 211 24.31 -5.20 -30.17
N VAL B 212 23.85 -6.06 -29.24
CA VAL B 212 23.90 -7.50 -29.47
C VAL B 212 22.93 -7.88 -30.61
N SER B 213 21.85 -7.11 -30.80
CA SER B 213 20.93 -7.34 -31.92
C SER B 213 21.65 -6.98 -33.22
N TRP B 214 22.47 -5.91 -33.23
CA TRP B 214 23.22 -5.54 -34.41
C TRP B 214 24.25 -6.59 -34.81
N PHE B 215 24.87 -7.26 -33.82
CA PHE B 215 25.86 -8.30 -34.08
C PHE B 215 25.28 -9.35 -34.99
N THR B 216 24.02 -9.72 -34.78
CA THR B 216 23.35 -10.76 -35.55
C THR B 216 23.20 -10.41 -37.04
N PHE B 217 23.37 -9.12 -37.43
CA PHE B 217 23.28 -8.74 -38.86
C PHE B 217 24.37 -9.40 -39.68
N PHE B 218 25.50 -9.74 -39.04
CA PHE B 218 26.62 -10.36 -39.71
C PHE B 218 26.33 -11.82 -40.11
N LEU B 219 25.12 -12.33 -39.75
CA LEU B 219 24.66 -13.67 -40.11
C LEU B 219 24.07 -13.69 -41.52
N GLN B 220 23.61 -12.51 -42.01
CA GLN B 220 23.01 -12.29 -43.34
C GLN B 220 21.68 -13.11 -43.50
N ASP B 221 20.93 -13.23 -42.38
CA ASP B 221 19.61 -13.84 -42.34
C ASP B 221 18.64 -12.69 -42.08
N TYR B 222 17.89 -12.25 -43.15
CA TYR B 222 16.92 -11.14 -43.09
C TYR B 222 15.71 -11.48 -42.25
N THR B 223 15.21 -12.74 -42.36
CA THR B 223 14.08 -13.24 -41.58
C THR B 223 14.42 -13.15 -40.10
N LYS B 224 15.62 -13.65 -39.71
CA LYS B 224 16.10 -13.62 -38.34
C LYS B 224 16.16 -12.18 -37.78
N ARG B 225 16.55 -11.18 -38.61
CA ARG B 225 16.61 -9.76 -38.23
C ARG B 225 15.21 -9.26 -37.91
N ILE B 226 14.24 -9.56 -38.82
CA ILE B 226 12.83 -9.20 -38.68
C ILE B 226 12.27 -9.69 -37.32
N ASP B 227 12.41 -11.00 -37.01
CA ASP B 227 11.96 -11.60 -35.75
C ASP B 227 12.59 -10.93 -34.54
N LEU B 228 13.86 -10.56 -34.67
CA LEU B 228 14.60 -9.92 -33.61
C LEU B 228 14.08 -8.51 -33.37
N ALA B 229 13.97 -7.69 -34.43
CA ALA B 229 13.47 -6.32 -34.36
C ALA B 229 12.01 -6.29 -33.87
N GLY B 230 11.27 -7.37 -34.12
CA GLY B 230 9.91 -7.51 -33.63
C GLY B 230 9.81 -7.59 -32.11
N GLY B 231 10.61 -8.45 -31.51
CA GLY B 231 10.65 -8.59 -30.07
C GLY B 231 11.28 -7.38 -29.43
N ASN B 232 12.34 -6.85 -30.07
CA ASN B 232 12.99 -5.63 -29.59
C ASN B 232 11.97 -4.49 -29.42
N LEU B 233 11.09 -4.33 -30.42
CA LEU B 233 10.00 -3.36 -30.38
C LEU B 233 9.14 -3.58 -29.12
N LEU B 234 8.76 -4.86 -28.83
CA LEU B 234 7.95 -5.18 -27.65
C LEU B 234 8.69 -4.86 -26.37
N LEU B 235 10.01 -5.14 -26.31
CA LEU B 235 10.85 -4.86 -25.16
C LEU B 235 10.83 -3.40 -24.87
N PHE B 236 10.97 -2.55 -25.92
CA PHE B 236 10.96 -1.09 -25.78
C PHE B 236 9.59 -0.60 -25.31
N ILE B 237 8.50 -1.21 -25.84
CA ILE B 237 7.13 -0.96 -25.38
C ILE B 237 7.05 -1.30 -23.88
N ALA B 238 7.65 -2.41 -23.44
CA ALA B 238 7.67 -2.77 -22.04
C ALA B 238 8.42 -1.72 -21.24
N PHE B 239 9.65 -1.40 -21.65
CA PHE B 239 10.46 -0.38 -21.00
C PHE B 239 9.71 0.93 -20.86
N ASN B 240 8.95 1.28 -21.90
CA ASN B 240 8.11 2.47 -21.97
C ASN B 240 7.10 2.50 -20.83
N PHE B 241 6.52 1.34 -20.47
CA PHE B 241 5.56 1.25 -19.37
C PHE B 241 6.23 1.35 -18.02
N THR B 242 7.43 0.80 -17.88
CA THR B 242 8.20 0.84 -16.65
C THR B 242 8.57 2.30 -16.31
N ILE B 243 8.96 3.08 -17.33
CA ILE B 243 9.28 4.48 -17.14
C ILE B 243 8.01 5.27 -16.82
N SER B 244 6.87 4.96 -17.51
CA SER B 244 5.55 5.56 -17.28
C SER B 244 5.16 5.47 -15.79
N SER B 245 5.58 4.37 -15.12
CA SER B 245 5.29 4.10 -13.72
C SER B 245 5.83 5.15 -12.76
N ASP B 246 7.12 5.54 -12.86
CA ASP B 246 7.78 6.53 -12.01
C ASP B 246 7.11 7.90 -12.05
N LEU B 247 6.49 8.27 -13.18
CA LEU B 247 5.94 9.61 -13.35
C LEU B 247 4.41 9.76 -13.39
N PRO B 248 3.92 11.00 -13.14
CA PRO B 248 2.48 11.28 -13.32
C PRO B 248 2.02 11.13 -14.79
N ARG B 249 0.70 11.14 -15.05
CA ARG B 249 0.17 11.05 -16.40
C ARG B 249 0.20 12.44 -17.02
N LEU B 250 1.42 12.97 -17.17
CA LEU B 250 1.70 14.30 -17.73
C LEU B 250 1.05 14.49 -19.12
N GLY B 251 0.70 15.74 -19.40
CA GLY B 251 0.13 16.13 -20.67
C GLY B 251 1.19 16.58 -21.65
N TYR B 252 2.48 16.49 -21.25
CA TYR B 252 3.64 16.90 -22.06
C TYR B 252 4.69 15.80 -22.30
N ILE B 253 5.51 15.95 -23.39
CA ILE B 253 6.57 15.00 -23.78
C ILE B 253 7.84 15.22 -22.95
N THR B 254 8.32 14.13 -22.36
CA THR B 254 9.53 14.01 -21.55
C THR B 254 10.68 13.73 -22.51
N LEU B 255 11.92 14.04 -22.11
CA LEU B 255 13.09 13.70 -22.93
C LEU B 255 13.13 12.18 -23.04
N MET B 256 12.76 11.50 -21.94
CA MET B 256 12.67 10.05 -21.86
C MET B 256 11.65 9.50 -22.88
N ASP B 257 10.49 10.15 -23.00
CA ASP B 257 9.45 9.75 -23.95
C ASP B 257 9.99 9.81 -25.36
N ALA B 258 10.67 10.93 -25.71
CA ALA B 258 11.30 11.17 -27.00
C ALA B 258 12.28 10.05 -27.34
N PHE B 259 13.21 9.72 -26.41
CA PHE B 259 14.16 8.63 -26.55
C PHE B 259 13.44 7.31 -26.87
N LEU B 260 12.38 7.00 -26.09
CA LEU B 260 11.65 5.76 -26.30
C LEU B 260 10.92 5.74 -27.65
N VAL B 261 10.23 6.83 -28.03
CA VAL B 261 9.54 6.92 -29.31
C VAL B 261 10.54 6.79 -30.46
N GLY B 262 11.74 7.30 -30.23
CA GLY B 262 12.84 7.23 -31.18
C GLY B 262 13.24 5.80 -31.46
N THR B 263 13.43 4.99 -30.37
CA THR B 263 13.77 3.57 -30.49
C THR B 263 12.67 2.82 -31.23
N PHE B 264 11.39 3.18 -31.01
CA PHE B 264 10.27 2.59 -31.73
C PHE B 264 10.41 2.79 -33.23
N ILE B 265 10.57 4.05 -33.67
CA ILE B 265 10.70 4.41 -35.08
C ILE B 265 11.83 3.67 -35.77
N ILE B 266 13.05 3.70 -35.19
CA ILE B 266 14.19 2.99 -35.82
C ILE B 266 13.90 1.48 -35.96
N THR B 267 13.43 0.84 -34.86
CA THR B 267 13.06 -0.57 -34.84
C THR B 267 12.00 -0.89 -35.90
N ALA B 268 10.97 -0.02 -36.03
CA ALA B 268 9.92 -0.16 -37.03
C ALA B 268 10.55 -0.18 -38.44
N LEU B 269 11.49 0.75 -38.72
CA LEU B 269 12.16 0.83 -40.02
C LEU B 269 13.07 -0.35 -40.21
N VAL B 270 13.71 -0.86 -39.11
CA VAL B 270 14.57 -2.06 -39.19
C VAL B 270 13.75 -3.23 -39.73
N VAL B 271 12.51 -3.44 -39.19
CA VAL B 271 11.55 -4.44 -39.67
C VAL B 271 11.26 -4.15 -41.15
N LEU B 272 10.75 -2.94 -41.46
CA LEU B 272 10.39 -2.49 -42.80
C LEU B 272 11.45 -2.78 -43.86
N GLY B 273 12.68 -2.33 -43.60
CA GLY B 273 13.81 -2.49 -44.49
C GLY B 273 14.17 -3.95 -44.76
N ASN B 274 14.37 -4.72 -43.69
CA ASN B 274 14.72 -6.14 -43.81
C ASN B 274 13.65 -6.96 -44.50
N VAL B 275 12.35 -6.50 -44.45
CA VAL B 275 11.24 -7.13 -45.16
C VAL B 275 11.50 -6.95 -46.67
N TRP B 276 11.94 -5.72 -47.05
CA TRP B 276 12.25 -5.41 -48.44
C TRP B 276 13.41 -6.26 -48.97
N LEU B 277 14.52 -6.34 -48.19
CA LEU B 277 15.70 -7.14 -48.56
C LEU B 277 15.36 -8.62 -48.72
N ARG B 278 14.48 -9.14 -47.85
CA ARG B 278 14.00 -10.52 -47.89
C ARG B 278 13.05 -10.70 -49.03
N ARG B 279 12.32 -9.63 -49.44
CA ARG B 279 11.43 -9.72 -50.59
C ARG B 279 12.26 -9.78 -51.91
N LEU B 280 13.45 -9.09 -51.96
CA LEU B 280 14.34 -9.16 -53.14
C LEU B 280 14.88 -10.58 -53.34
N GLU B 281 15.35 -11.20 -52.22
CA GLU B 281 15.88 -12.55 -52.07
C GLU B 281 14.84 -13.55 -52.58
N ASN B 282 13.59 -13.37 -52.14
CA ASN B 282 12.43 -14.15 -52.51
C ASN B 282 12.09 -14.09 -54.01
N HIS B 283 12.35 -12.93 -54.65
CA HIS B 283 12.02 -12.70 -56.07
C HIS B 283 13.21 -12.89 -57.01
N GLY B 284 14.13 -13.73 -56.58
CA GLY B 284 15.33 -14.13 -57.32
C GLY B 284 16.36 -13.06 -57.51
N LYS B 285 16.36 -12.06 -56.65
CA LYS B 285 17.34 -10.97 -56.72
C LYS B 285 18.18 -10.99 -55.42
N GLN B 286 18.57 -12.21 -54.95
CA GLN B 286 19.40 -12.52 -53.77
C GLN B 286 20.75 -11.75 -53.79
N ALA B 287 21.40 -11.65 -54.98
CA ALA B 287 22.70 -10.99 -55.24
C ALA B 287 22.63 -9.51 -54.94
N LEU B 288 21.50 -8.87 -55.31
CA LEU B 288 21.19 -7.46 -55.12
C LEU B 288 21.01 -7.16 -53.64
N ALA B 289 20.18 -7.99 -52.93
CA ALA B 289 19.90 -7.91 -51.48
C ALA B 289 21.24 -7.85 -50.74
N ARG B 290 22.21 -8.71 -51.17
CA ARG B 290 23.57 -8.83 -50.64
C ARG B 290 24.40 -7.56 -50.80
N LYS B 291 24.29 -6.86 -51.94
CA LYS B 291 25.01 -5.61 -52.14
C LYS B 291 24.43 -4.51 -51.28
N LEU B 292 23.10 -4.33 -51.33
CA LEU B 292 22.38 -3.32 -50.53
C LEU B 292 22.56 -3.53 -49.03
N ASP B 293 22.77 -4.79 -48.62
CA ASP B 293 22.96 -5.22 -47.23
C ASP B 293 24.00 -4.38 -46.50
N ILE B 294 24.98 -3.78 -47.22
CA ILE B 294 25.99 -2.97 -46.55
C ILE B 294 25.38 -1.68 -45.98
N TYR B 295 24.33 -1.16 -46.64
CA TYR B 295 23.59 0.01 -46.18
C TYR B 295 22.79 -0.47 -44.97
N ALA B 296 22.15 -1.64 -45.09
CA ALA B 296 21.38 -2.26 -44.02
C ALA B 296 22.20 -2.40 -42.73
N ILE B 297 23.44 -2.90 -42.85
CA ILE B 297 24.31 -3.12 -41.71
C ILE B 297 24.79 -1.79 -41.11
N THR B 298 25.22 -0.83 -41.94
CA THR B 298 25.75 0.44 -41.43
C THR B 298 24.65 1.49 -41.07
N SER B 299 23.40 1.30 -41.53
CA SER B 299 22.30 2.22 -41.21
C SER B 299 22.06 2.13 -39.72
N TYR B 300 21.76 0.90 -39.26
CA TYR B 300 21.48 0.56 -37.87
C TYR B 300 22.30 1.40 -36.87
N PRO B 301 23.67 1.35 -36.84
CA PRO B 301 24.43 2.18 -35.88
C PRO B 301 24.26 3.70 -36.03
N LEU B 302 24.34 4.18 -37.29
CA LEU B 302 24.19 5.59 -37.62
C LEU B 302 22.82 6.10 -37.22
N ALA B 303 21.74 5.36 -37.55
CA ALA B 303 20.34 5.70 -37.23
C ALA B 303 20.20 6.04 -35.75
N TYR B 304 20.69 5.16 -34.85
CA TYR B 304 20.62 5.37 -33.40
C TYR B 304 21.49 6.52 -32.94
N LEU B 305 22.68 6.72 -33.55
CA LEU B 305 23.59 7.83 -33.19
C LEU B 305 23.09 9.19 -33.67
N LEU B 306 22.45 9.19 -34.84
CA LEU B 306 21.83 10.34 -35.47
C LEU B 306 20.64 10.74 -34.59
N GLY B 307 19.84 9.75 -34.19
CA GLY B 307 18.69 9.95 -33.31
C GLY B 307 19.08 10.52 -31.96
N ALA B 308 20.21 10.06 -31.40
CA ALA B 308 20.76 10.52 -30.11
C ALA B 308 21.21 11.97 -30.17
N LEU B 309 21.81 12.41 -31.30
CA LEU B 309 22.21 13.82 -31.46
C LEU B 309 20.97 14.71 -31.67
N THR B 310 19.94 14.17 -32.37
CA THR B 310 18.67 14.83 -32.65
C THR B 310 17.93 15.20 -31.34
N LEU B 311 17.75 14.26 -30.38
CA LEU B 311 17.09 14.62 -29.12
C LEU B 311 17.95 15.59 -28.32
N TRP B 312 19.28 15.38 -28.31
CA TRP B 312 20.19 16.25 -27.59
C TRP B 312 20.08 17.68 -28.12
N LEU B 313 20.03 17.89 -29.43
CA LEU B 313 19.86 19.23 -29.99
C LEU B 313 18.46 19.72 -29.65
N LEU B 314 17.43 18.92 -30.00
CA LEU B 314 16.00 19.17 -29.81
C LEU B 314 15.59 19.53 -28.34
N PHE B 315 16.41 19.16 -27.34
CA PHE B 315 16.17 19.43 -25.92
C PHE B 315 17.25 20.30 -25.27
N PHE B 316 18.47 20.37 -25.83
CA PHE B 316 19.59 21.16 -25.27
C PHE B 316 20.38 21.93 -26.36
N GLU C 7 22.94 23.73 40.50
CA GLU C 7 23.71 22.84 39.60
C GLU C 7 22.81 21.98 38.59
N PRO C 8 23.33 21.22 37.58
CA PRO C 8 22.40 20.47 36.69
C PRO C 8 21.92 19.13 37.25
N SER C 9 20.62 18.80 37.00
CA SER C 9 20.05 17.54 37.48
C SER C 9 20.31 16.38 36.52
N ASP C 10 20.78 15.24 37.08
CA ASP C 10 21.04 14.03 36.30
C ASP C 10 19.72 13.37 36.00
N VAL C 11 19.55 13.04 34.71
CA VAL C 11 18.38 12.41 34.13
C VAL C 11 18.90 11.07 33.56
N PHE C 12 18.41 9.92 34.07
CA PHE C 12 18.86 8.59 33.66
C PHE C 12 17.99 8.02 32.57
N ILE C 13 18.60 7.81 31.37
CA ILE C 13 17.94 7.29 30.18
C ILE C 13 18.26 5.82 29.96
N GLY C 14 17.21 5.04 29.73
CA GLY C 14 17.24 3.62 29.41
C GLY C 14 16.37 3.38 28.20
N LEU C 15 16.82 2.55 27.23
CA LEU C 15 16.02 2.27 26.03
C LEU C 15 16.19 0.83 25.60
N LYS C 16 15.11 0.06 25.61
CA LYS C 16 15.18 -1.35 25.23
C LYS C 16 14.32 -1.61 23.99
N ILE C 17 14.93 -2.11 22.87
CA ILE C 17 14.19 -2.49 21.67
C ILE C 17 13.68 -3.90 21.93
N ASP C 18 12.35 -4.10 21.93
CA ASP C 18 11.72 -5.41 22.16
C ASP C 18 11.53 -6.20 20.88
N GLN C 19 11.22 -5.47 19.78
CA GLN C 19 10.93 -6.05 18.46
C GLN C 19 11.50 -5.21 17.34
N ILE C 20 11.99 -5.86 16.28
CA ILE C 20 12.38 -5.21 15.05
C ILE C 20 11.20 -5.62 14.17
N THR C 21 10.25 -4.69 13.94
CA THR C 21 9.05 -4.95 13.17
C THR C 21 9.36 -4.97 11.67
N GLY C 22 10.56 -4.51 11.33
CA GLY C 22 11.04 -4.49 9.96
C GLY C 22 12.13 -3.49 9.69
N ILE C 23 12.96 -3.79 8.70
CA ILE C 23 14.02 -2.91 8.22
C ILE C 23 13.61 -2.70 6.76
N ASN C 24 13.40 -1.45 6.36
CA ASN C 24 13.02 -1.15 4.97
C ASN C 24 14.27 -0.55 4.29
N GLN C 25 15.03 -1.37 3.55
CA GLN C 25 16.25 -0.86 2.95
C GLN C 25 16.00 0.08 1.78
N LYS C 26 14.90 -0.14 1.03
CA LYS C 26 14.52 0.72 -0.10
C LYS C 26 14.31 2.17 0.38
N GLU C 27 13.76 2.36 1.60
CA GLU C 27 13.49 3.64 2.26
C GLU C 27 14.52 4.05 3.33
N GLU C 28 15.58 3.21 3.56
CA GLU C 28 16.64 3.44 4.54
C GLU C 28 16.11 3.92 5.89
N ASN C 29 15.24 3.09 6.47
CA ASN C 29 14.61 3.25 7.77
C ASN C 29 14.37 1.84 8.35
N PHE C 30 14.12 1.77 9.66
CA PHE C 30 13.82 0.52 10.36
C PHE C 30 12.73 0.84 11.38
N SER C 31 11.98 -0.16 11.80
CA SER C 31 10.89 0.04 12.74
C SER C 31 10.98 -0.91 13.89
N VAL C 32 10.72 -0.40 15.11
CA VAL C 32 10.86 -1.14 16.37
C VAL C 32 9.76 -0.85 17.39
N VAL C 33 9.52 -1.84 18.30
CA VAL C 33 8.62 -1.71 19.44
C VAL C 33 9.64 -1.63 20.54
N GLY C 34 9.56 -0.61 21.39
CA GLY C 34 10.52 -0.41 22.47
C GLY C 34 9.98 0.27 23.70
N SER C 35 10.78 0.28 24.76
CA SER C 35 10.44 0.91 26.03
C SER C 35 11.51 1.90 26.41
N LEU C 36 11.11 3.11 26.77
CA LEU C 36 12.02 4.13 27.22
C LEU C 36 11.81 4.25 28.73
N ARG C 37 12.90 4.32 29.48
CA ARG C 37 12.84 4.44 30.92
C ARG C 37 13.66 5.63 31.37
N ILE C 38 13.04 6.51 32.18
CA ILE C 38 13.66 7.72 32.74
C ILE C 38 13.56 7.71 34.25
N ASP C 39 14.68 8.00 34.93
CA ASP C 39 14.76 8.18 36.38
C ASP C 39 15.36 9.56 36.59
N TRP C 40 14.58 10.48 37.14
CA TRP C 40 15.00 11.86 37.34
C TRP C 40 14.50 12.30 38.68
N ARG C 41 15.44 12.76 39.54
CA ARG C 41 15.10 13.25 40.87
C ARG C 41 15.00 14.76 40.90
N GLN C 42 13.80 15.23 41.23
CA GLN C 42 13.49 16.64 41.34
C GLN C 42 13.06 16.86 42.80
N PRO C 43 13.93 17.47 43.62
CA PRO C 43 13.59 17.68 45.04
C PRO C 43 12.32 18.51 45.26
N LEU C 44 11.99 19.43 44.34
CA LEU C 44 10.77 20.25 44.43
C LEU C 44 9.48 19.40 44.32
N LEU C 45 9.56 18.20 43.66
CA LEU C 45 8.44 17.26 43.49
C LEU C 45 8.11 16.45 44.74
N ALA C 46 9.03 16.49 45.73
CA ALA C 46 8.90 15.82 47.01
C ALA C 46 7.56 16.14 47.67
N PHE C 47 6.97 15.14 48.31
CA PHE C 47 5.68 15.29 49.01
C PHE C 47 5.69 14.60 50.36
N GLU C 48 4.86 15.14 51.26
CA GLU C 48 4.67 14.57 52.57
C GLU C 48 3.38 13.76 52.52
N HIS C 49 3.37 12.66 53.28
CA HIS C 49 2.25 11.74 53.43
C HIS C 49 1.97 11.52 54.91
N ALA C 50 0.70 11.40 55.30
CA ALA C 50 0.34 11.10 56.69
C ALA C 50 0.56 9.59 56.89
N PRO C 51 0.85 9.10 58.13
CA PRO C 51 1.14 7.66 58.30
C PRO C 51 0.11 6.71 57.68
N GLY C 52 0.58 5.65 57.03
CA GLY C 52 -0.29 4.65 56.43
C GLY C 52 -0.57 4.86 54.95
N GLU C 53 -0.73 6.13 54.53
CA GLU C 53 -1.01 6.52 53.13
C GLU C 53 0.18 6.29 52.18
N PRO C 54 -0.02 6.29 50.83
CA PRO C 54 1.10 5.96 49.92
C PRO C 54 2.29 6.92 49.89
N LYS C 55 3.46 6.28 49.86
CA LYS C 55 4.80 6.83 49.77
C LYS C 55 5.08 7.00 48.28
N HIS C 56 4.28 6.36 47.40
CA HIS C 56 4.41 6.45 45.94
C HIS C 56 3.12 6.82 45.21
N ARG C 57 3.08 8.02 44.65
CA ARG C 57 1.97 8.51 43.84
C ARG C 57 2.15 8.06 42.40
N THR C 58 1.09 7.48 41.80
CA THR C 58 1.16 7.03 40.38
C THR C 58 0.24 7.88 39.52
N TYR C 59 0.80 8.39 38.41
CA TYR C 59 0.11 9.32 37.54
C TYR C 59 0.11 8.91 36.11
N THR C 60 -0.86 9.44 35.35
CA THR C 60 -0.91 9.34 33.89
C THR C 60 0.07 10.46 33.46
N LEU C 61 0.58 10.44 32.21
CA LEU C 61 1.50 11.51 31.79
C LEU C 61 0.83 12.93 31.80
N ALA C 62 -0.43 12.99 31.34
CA ALA C 62 -1.21 14.21 31.25
C ALA C 62 -1.38 14.90 32.56
N THR C 63 -1.77 14.17 33.63
CA THR C 63 -1.95 14.88 34.91
C THR C 63 -0.59 15.11 35.59
N PHE C 64 0.49 14.41 35.15
CA PHE C 64 1.82 14.66 35.71
C PHE C 64 2.37 15.96 35.16
N LEU C 65 2.30 16.18 33.83
CA LEU C 65 2.78 17.41 33.22
C LEU C 65 2.02 18.61 33.78
N LYS C 66 0.69 18.46 33.98
CA LYS C 66 -0.15 19.53 34.50
C LYS C 66 0.27 19.91 35.90
N LEU C 67 0.70 18.92 36.68
CA LEU C 67 1.22 19.09 38.04
C LEU C 67 2.54 19.88 37.98
N LEU C 68 3.41 19.60 36.96
CA LEU C 68 4.69 20.31 36.78
C LEU C 68 4.48 21.77 36.47
N GLU C 69 3.55 22.06 35.53
CA GLU C 69 3.15 23.40 35.15
C GLU C 69 2.62 24.25 36.33
N GLU C 70 1.89 23.63 37.30
CA GLU C 70 1.37 24.33 38.49
C GLU C 70 2.52 24.68 39.39
N LYS C 71 3.39 23.70 39.64
CA LYS C 71 4.56 23.81 40.50
C LYS C 71 5.69 24.62 39.80
N GLN C 72 5.44 25.08 38.54
CA GLN C 72 6.39 25.82 37.70
C GLN C 72 7.75 25.09 37.60
N ILE C 73 7.68 23.78 37.36
CA ILE C 73 8.86 22.94 37.21
C ILE C 73 9.04 22.59 35.72
N ARG C 74 10.29 22.73 35.25
CA ARG C 74 10.74 22.41 33.91
C ARG C 74 11.15 20.94 33.92
N TRP C 75 10.59 20.17 32.99
CA TRP C 75 10.87 18.75 32.84
C TRP C 75 11.95 18.56 31.80
N PRO C 76 12.73 17.47 31.84
CA PRO C 76 13.78 17.30 30.83
C PRO C 76 13.20 16.92 29.47
N ALA C 77 12.60 17.89 28.77
CA ALA C 77 11.96 17.68 27.47
C ALA C 77 12.99 17.09 26.52
N PHE C 78 12.66 15.93 25.95
CA PHE C 78 13.53 15.15 25.06
C PHE C 78 12.89 14.84 23.69
N THR C 79 13.72 14.50 22.71
CA THR C 79 13.24 14.16 21.38
C THR C 79 14.02 12.99 20.81
N TYR C 80 13.33 12.11 20.04
CA TYR C 80 13.97 11.01 19.34
C TYR C 80 14.40 11.62 18.03
N HIS C 81 15.65 12.10 17.97
CA HIS C 81 16.14 12.85 16.83
C HIS C 81 15.94 12.18 15.45
N ASN C 82 16.24 10.89 15.36
CA ASN C 82 16.13 10.19 14.10
C ASN C 82 14.74 9.53 13.90
N GLN C 83 13.69 9.94 14.68
CA GLN C 83 12.31 9.42 14.55
C GLN C 83 11.69 9.74 13.17
N GLN C 84 10.73 8.91 12.76
CA GLN C 84 10.06 9.09 11.48
C GLN C 84 8.54 8.84 11.60
N GLY C 85 7.76 9.83 11.21
CA GLY C 85 6.31 9.76 11.26
C GLY C 85 5.73 9.70 12.65
N ARG C 86 4.73 8.81 12.83
CA ARG C 86 4.03 8.66 14.09
C ARG C 86 4.65 7.70 15.00
N MET C 87 4.59 7.99 16.30
CA MET C 87 5.03 7.09 17.35
C MET C 87 3.77 6.69 18.11
N ASP C 88 3.28 5.47 17.86
CA ASP C 88 2.08 4.92 18.49
C ASP C 88 2.47 4.50 19.90
N PHE C 89 1.97 5.20 20.93
CA PHE C 89 2.27 4.87 22.33
C PHE C 89 1.35 3.81 22.89
N GLN C 90 1.90 3.00 23.76
CA GLN C 90 1.15 1.97 24.46
C GLN C 90 0.97 2.38 25.91
N ASN C 91 2.07 2.84 26.54
CA ASN C 91 2.15 3.22 27.93
C ASN C 91 3.02 4.45 28.07
N ARG C 92 2.52 5.42 28.87
CA ARG C 92 3.19 6.67 29.22
C ARG C 92 2.76 6.89 30.67
N LEU C 93 3.52 6.26 31.61
CA LEU C 93 3.21 6.22 33.04
C LEU C 93 4.31 6.81 33.93
N ILE C 94 3.93 7.45 35.04
CA ILE C 94 4.83 8.10 35.99
C ILE C 94 4.59 7.59 37.41
N SER C 95 5.68 7.23 38.14
CA SER C 95 5.58 6.84 39.55
C SER C 95 6.51 7.77 40.34
N LEU C 96 5.91 8.57 41.24
CA LEU C 96 6.57 9.59 42.03
C LEU C 96 6.71 9.21 43.52
N SER C 97 7.95 9.20 44.02
CA SER C 97 8.22 8.87 45.42
C SER C 97 8.16 10.12 46.30
N GLU C 98 8.07 9.94 47.65
CA GLU C 98 8.09 11.02 48.65
C GLU C 98 9.24 11.96 48.32
N ASP C 99 10.40 11.37 47.92
CA ASP C 99 11.73 11.93 47.60
C ASP C 99 11.68 12.97 46.51
N GLY C 100 10.94 12.67 45.45
CA GLY C 100 10.86 13.46 44.24
C GLY C 100 11.36 12.65 43.05
N THR C 101 11.73 11.35 43.31
CA THR C 101 12.20 10.42 42.28
C THR C 101 11.03 10.10 41.35
N VAL C 102 11.08 10.67 40.13
CA VAL C 102 10.10 10.41 39.09
C VAL C 102 10.67 9.28 38.24
N MET C 103 9.87 8.22 38.08
CA MET C 103 10.18 7.06 37.26
C MET C 103 9.19 7.08 36.10
N TYR C 104 9.70 7.29 34.87
CA TYR C 104 8.86 7.37 33.69
C TYR C 104 9.10 6.17 32.82
N LEU C 105 8.02 5.65 32.20
CA LEU C 105 8.01 4.51 31.26
C LEU C 105 7.21 4.92 30.02
N GLU C 106 7.79 4.73 28.84
CA GLU C 106 7.21 5.08 27.53
C GLU C 106 7.35 3.88 26.61
N ARG C 107 6.25 3.13 26.36
CA ARG C 107 6.28 1.97 25.45
C ARG C 107 5.76 2.47 24.12
N PHE C 108 6.51 2.26 23.06
CA PHE C 108 6.11 2.80 21.78
C PHE C 108 6.45 1.90 20.62
N THR C 109 5.86 2.19 19.45
CA THR C 109 6.17 1.57 18.16
C THR C 109 6.55 2.73 17.25
N SER C 110 7.70 2.64 16.59
CA SER C 110 8.11 3.75 15.73
C SER C 110 9.09 3.35 14.66
N THR C 111 9.05 4.07 13.52
CA THR C 111 10.01 3.92 12.44
C THR C 111 11.08 4.97 12.73
N PHE C 112 12.33 4.61 12.46
CA PHE C 112 13.48 5.47 12.66
C PHE C 112 14.32 5.54 11.39
N GLN C 113 15.07 6.64 11.22
CA GLN C 113 15.96 6.83 10.09
C GLN C 113 17.19 5.98 10.23
N ALA C 114 17.57 5.36 9.12
CA ALA C 114 18.79 4.53 9.04
C ALA C 114 19.71 5.24 8.02
N PRO C 115 20.39 6.35 8.43
CA PRO C 115 21.20 7.11 7.47
C PRO C 115 22.59 6.52 7.26
N ALA C 116 22.95 5.47 8.02
CA ALA C 116 24.26 4.80 7.99
C ALA C 116 24.41 3.71 6.90
N PHE C 117 23.34 3.54 6.08
CA PHE C 117 23.20 2.51 5.06
C PHE C 117 24.20 2.60 3.90
N ASP C 118 25.04 1.56 3.77
CA ASP C 118 26.06 1.44 2.72
C ASP C 118 25.91 0.11 1.99
N PHE C 119 25.32 0.17 0.79
CA PHE C 119 25.05 -1.02 -0.01
C PHE C 119 26.21 -1.47 -0.95
N ARG C 120 27.43 -0.87 -0.85
CA ARG C 120 28.55 -1.19 -1.75
C ARG C 120 28.85 -2.69 -1.83
N LEU C 121 28.75 -3.40 -0.70
CA LEU C 121 29.01 -4.86 -0.66
C LEU C 121 27.75 -5.73 -0.63
N PHE C 122 26.53 -5.14 -0.81
CA PHE C 122 25.27 -5.88 -0.81
C PHE C 122 25.36 -7.09 -1.76
N PRO C 123 24.95 -8.33 -1.37
CA PRO C 123 24.25 -8.73 -0.13
C PRO C 123 25.15 -9.10 1.05
N PHE C 124 26.47 -8.92 0.90
CA PHE C 124 27.46 -9.28 1.93
C PHE C 124 27.69 -8.21 2.97
N ASP C 125 26.98 -7.09 2.86
CA ASP C 125 27.03 -5.92 3.75
C ASP C 125 26.65 -6.18 5.24
N ASN C 126 27.17 -5.31 6.13
CA ASN C 126 26.89 -5.17 7.57
C ASN C 126 26.53 -3.69 7.77
N GLN C 127 25.39 -3.40 8.42
CA GLN C 127 24.93 -2.02 8.62
C GLN C 127 24.87 -1.61 10.09
N LEU C 128 24.78 -0.29 10.32
CA LEU C 128 24.63 0.29 11.66
C LEU C 128 23.29 0.95 11.75
N PHE C 129 22.53 0.59 12.79
CA PHE C 129 21.23 1.17 13.10
C PHE C 129 21.32 1.78 14.47
N PHE C 130 20.65 2.92 14.69
CA PHE C 130 20.69 3.59 15.99
C PHE C 130 19.41 4.38 16.32
N ILE C 131 19.30 4.82 17.58
CA ILE C 131 18.23 5.66 18.06
C ILE C 131 18.90 6.79 18.88
N HIS C 132 18.61 8.04 18.52
CA HIS C 132 19.13 9.20 19.23
C HIS C 132 18.02 9.73 20.11
N VAL C 133 18.31 9.93 21.39
CA VAL C 133 17.40 10.47 22.38
C VAL C 133 18.13 11.73 22.86
N ASP C 134 17.72 12.88 22.32
CA ASP C 134 18.32 14.19 22.60
C ASP C 134 17.59 14.92 23.73
N SER C 135 18.31 15.72 24.49
CA SER C 135 17.65 16.57 25.47
C SER C 135 17.42 17.88 24.71
N ILE C 136 16.22 18.48 24.82
CA ILE C 136 15.95 19.79 24.20
C ILE C 136 16.77 20.82 24.99
N PHE C 137 16.80 20.68 26.34
CA PHE C 137 17.54 21.59 27.21
C PHE C 137 19.06 21.29 27.33
N PRO C 138 19.89 22.36 27.43
CA PRO C 138 21.35 22.17 27.50
C PRO C 138 21.87 21.61 28.83
N GLN C 139 23.05 20.97 28.75
CA GLN C 139 23.79 20.28 29.81
C GLN C 139 23.96 21.08 31.14
N HIS C 140 23.73 22.41 31.12
CA HIS C 140 23.82 23.21 32.34
C HIS C 140 22.55 23.05 33.22
N LEU C 141 21.46 22.53 32.62
CA LEU C 141 20.17 22.31 33.28
C LEU C 141 19.98 20.83 33.53
N PHE C 142 20.12 19.99 32.48
CA PHE C 142 19.94 18.54 32.55
C PHE C 142 21.08 17.77 31.90
N ARG C 143 21.70 16.87 32.68
CA ARG C 143 22.76 16.00 32.16
C ARG C 143 22.29 14.55 32.09
N PHE C 144 22.27 14.00 30.86
CA PHE C 144 21.84 12.63 30.61
C PHE C 144 22.87 11.64 31.09
N GLN C 145 22.40 10.62 31.81
CA GLN C 145 23.21 9.52 32.32
C GLN C 145 22.61 8.19 31.87
N GLU C 146 23.44 7.14 31.79
CA GLU C 146 22.98 5.82 31.36
C GLU C 146 22.35 5.07 32.53
N MET C 147 21.04 4.76 32.40
CA MET C 147 20.27 3.94 33.35
C MET C 147 20.91 2.56 33.17
N GLN C 148 21.34 1.92 34.27
CA GLN C 148 22.20 0.75 34.26
C GLN C 148 21.66 -0.62 33.74
N GLY C 149 20.69 -1.25 34.39
CA GLY C 149 20.32 -2.60 33.91
C GLY C 149 19.15 -2.65 32.97
N PHE C 150 19.14 -1.82 31.90
CA PHE C 150 17.94 -1.78 31.09
C PHE C 150 18.12 -1.83 29.56
N SER C 151 18.83 -0.85 29.00
CA SER C 151 19.02 -0.65 27.56
C SER C 151 19.58 -1.87 26.78
N GLY C 152 19.29 -1.92 25.49
CA GLY C 152 19.71 -2.98 24.59
C GLY C 152 18.61 -3.55 23.71
N LEU C 153 18.84 -4.76 23.15
CA LEU C 153 17.89 -5.44 22.27
C LEU C 153 17.39 -6.72 22.96
N GLY C 154 16.14 -7.12 22.69
CA GLY C 154 15.50 -8.29 23.28
C GLY C 154 15.90 -9.65 22.75
N ASP C 155 15.14 -10.68 23.20
CA ASP C 155 15.33 -12.10 22.87
C ASP C 155 14.47 -12.51 21.68
N GLN C 156 13.28 -11.89 21.54
CA GLN C 156 12.33 -12.16 20.46
C GLN C 156 12.11 -10.90 19.59
N LEU C 157 13.11 -10.55 18.76
CA LEU C 157 13.03 -9.35 17.91
C LEU C 157 12.15 -9.58 16.67
N GLY C 158 12.03 -10.83 16.28
CA GLY C 158 11.19 -11.23 15.15
C GLY C 158 11.77 -11.07 13.77
N GLU C 159 13.03 -10.57 13.65
CA GLU C 159 13.67 -10.38 12.35
C GLU C 159 14.26 -11.72 11.85
N GLU C 160 14.15 -11.99 10.52
CA GLU C 160 14.54 -13.25 9.95
C GLU C 160 15.74 -13.22 9.03
N GLU C 161 15.99 -12.02 8.40
CA GLU C 161 17.09 -11.82 7.43
C GLU C 161 18.29 -11.18 8.12
N TRP C 162 18.03 -10.18 8.94
CA TRP C 162 19.13 -9.54 9.64
C TRP C 162 19.48 -10.31 10.89
N ILE C 163 20.74 -10.23 11.27
CA ILE C 163 21.25 -10.90 12.45
C ILE C 163 22.21 -9.93 13.14
N VAL C 164 21.78 -9.46 14.34
CA VAL C 164 22.50 -8.47 15.17
C VAL C 164 23.85 -9.02 15.65
N THR C 165 24.93 -8.41 15.11
CA THR C 165 26.33 -8.74 15.37
C THR C 165 26.85 -8.14 16.68
N GLU C 166 26.35 -6.94 17.07
CA GLU C 166 26.75 -6.23 18.30
C GLU C 166 25.80 -5.09 18.63
N VAL C 167 25.70 -4.71 19.94
CA VAL C 167 24.85 -3.62 20.46
C VAL C 167 25.62 -2.76 21.48
N ASN C 168 25.44 -1.40 21.45
CA ASN C 168 26.14 -0.47 22.35
C ASN C 168 25.29 0.71 22.74
N THR C 169 25.58 1.29 23.90
CA THR C 169 24.96 2.54 24.34
C THR C 169 26.08 3.46 24.75
N HIS C 170 25.88 4.75 24.45
CA HIS C 170 26.85 5.80 24.77
C HIS C 170 26.17 7.16 24.79
N LEU C 171 26.72 8.07 25.58
CA LEU C 171 26.22 9.43 25.69
C LEU C 171 27.17 10.35 24.93
N THR C 172 26.62 11.41 24.30
CA THR C 172 27.36 12.47 23.61
C THR C 172 26.61 13.80 23.68
N THR C 173 26.93 14.72 22.76
CA THR C 173 26.30 16.02 22.75
C THR C 173 25.83 16.40 21.36
N HIS C 174 24.89 17.33 21.31
CA HIS C 174 24.33 17.91 20.10
C HIS C 174 24.09 19.42 20.39
N ASN C 175 23.85 20.23 19.34
CA ASN C 175 23.61 21.67 19.45
C ASN C 175 22.38 22.12 18.62
N GLU C 176 21.45 21.17 18.41
CA GLU C 176 20.21 21.32 17.65
C GLU C 176 19.39 22.57 17.94
N PHE C 177 19.08 22.86 19.20
CA PHE C 177 18.22 23.99 19.49
C PHE C 177 18.88 25.09 20.19
N THR C 178 20.03 24.78 20.82
CA THR C 178 20.78 25.74 21.64
C THR C 178 22.24 25.97 21.19
N LYS C 179 22.82 27.08 21.73
CA LYS C 179 24.19 27.54 21.55
C LYS C 179 25.08 26.54 22.31
N GLY C 180 24.77 26.37 23.60
CA GLY C 180 25.45 25.45 24.50
C GLY C 180 25.19 23.99 24.16
N ASP C 181 26.09 23.09 24.58
CA ASP C 181 25.95 21.64 24.31
C ASP C 181 24.75 21.09 25.04
N ALA C 182 24.07 20.14 24.42
CA ALA C 182 22.91 19.48 25.01
C ALA C 182 23.18 17.99 24.94
N SER C 183 22.70 17.24 25.94
CA SER C 183 22.92 15.79 26.06
C SER C 183 22.20 14.96 25.00
N ARG C 184 22.85 13.87 24.57
CA ARG C 184 22.31 12.88 23.62
C ARG C 184 22.66 11.46 24.05
N PHE C 185 21.63 10.64 24.28
CA PHE C 185 21.77 9.22 24.61
C PHE C 185 21.67 8.45 23.29
N VAL C 186 22.57 7.50 23.07
CA VAL C 186 22.59 6.72 21.83
C VAL C 186 22.54 5.22 22.09
N LEU C 187 21.61 4.51 21.42
CA LEU C 187 21.51 3.06 21.41
C LEU C 187 21.78 2.66 19.98
N GLU C 188 22.93 2.01 19.76
CA GLU C 188 23.42 1.55 18.46
C GLU C 188 23.42 0.03 18.43
N PHE C 189 23.29 -0.53 17.22
CA PHE C 189 23.44 -1.94 16.96
C PHE C 189 23.90 -2.15 15.51
N HIS C 190 24.61 -3.25 15.27
CA HIS C 190 25.09 -3.61 13.93
C HIS C 190 24.44 -4.91 13.56
N ALA C 191 24.00 -5.04 12.31
CA ALA C 191 23.39 -6.27 11.85
C ALA C 191 23.89 -6.61 10.48
N GLU C 192 23.93 -7.92 10.16
CA GLU C 192 24.35 -8.43 8.86
C GLU C 192 23.33 -9.43 8.32
N ARG C 193 23.36 -9.69 7.02
CA ARG C 193 22.38 -10.51 6.36
C ARG C 193 22.59 -12.03 6.42
N HIS C 194 21.45 -12.76 6.36
CA HIS C 194 21.34 -14.20 6.20
C HIS C 194 21.26 -14.33 4.69
N LEU C 195 22.34 -14.83 4.09
CA LEU C 195 22.48 -14.94 2.64
C LEU C 195 21.57 -15.96 1.93
N ASN C 196 20.90 -16.87 2.70
CA ASN C 196 20.03 -17.92 2.12
C ASN C 196 19.09 -17.43 1.02
N TYR C 197 18.28 -16.36 1.27
CA TYR C 197 17.35 -15.78 0.29
C TYR C 197 18.06 -15.55 -1.05
N TYR C 198 19.19 -14.85 -0.98
CA TYR C 198 20.01 -14.48 -2.13
C TYR C 198 20.52 -15.73 -2.84
N LEU C 199 21.04 -16.73 -2.07
CA LEU C 199 21.48 -18.00 -2.63
C LEU C 199 20.36 -18.69 -3.42
N MET C 200 19.20 -18.85 -2.78
CA MET C 200 18.03 -19.54 -3.32
C MET C 200 17.35 -18.84 -4.46
N ARG C 201 17.20 -17.53 -4.38
CA ARG C 201 16.46 -16.81 -5.41
C ARG C 201 17.29 -16.20 -6.48
N ILE C 202 18.58 -15.90 -6.22
CA ILE C 202 19.40 -15.25 -7.23
C ILE C 202 20.60 -16.09 -7.69
N LEU C 203 21.48 -16.51 -6.79
CA LEU C 203 22.67 -17.26 -7.18
C LEU C 203 22.35 -18.58 -7.91
N ILE C 204 21.51 -19.46 -7.30
CA ILE C 204 21.15 -20.75 -7.90
C ILE C 204 20.41 -20.55 -9.26
N PRO C 205 19.32 -19.70 -9.39
CA PRO C 205 18.68 -19.51 -10.70
C PRO C 205 19.64 -19.01 -11.79
N VAL C 206 20.48 -17.99 -11.46
CA VAL C 206 21.46 -17.45 -12.41
C VAL C 206 22.49 -18.50 -12.82
N LEU C 207 23.02 -19.26 -11.84
CA LEU C 207 23.96 -20.34 -12.11
C LEU C 207 23.33 -21.43 -12.94
N LEU C 208 22.04 -21.72 -12.73
CA LEU C 208 21.33 -22.76 -13.50
C LEU C 208 21.20 -22.36 -14.96
N ILE C 209 20.73 -21.13 -15.22
CA ILE C 209 20.57 -20.56 -16.55
C ILE C 209 21.91 -20.71 -17.31
N ILE C 210 23.02 -20.29 -16.71
CA ILE C 210 24.37 -20.36 -17.26
C ILE C 210 24.80 -21.79 -17.56
N THR C 211 24.72 -22.69 -16.56
CA THR C 211 25.15 -24.10 -16.71
C THR C 211 24.35 -24.88 -17.75
N VAL C 212 23.00 -24.86 -17.64
CA VAL C 212 22.18 -25.63 -18.57
C VAL C 212 22.29 -25.03 -20.00
N SER C 213 22.55 -23.72 -20.11
CA SER C 213 22.78 -23.08 -21.41
C SER C 213 24.10 -23.56 -21.98
N TRP C 214 25.11 -23.75 -21.12
CA TRP C 214 26.40 -24.27 -21.58
C TRP C 214 26.30 -25.69 -22.11
N PHE C 215 25.43 -26.52 -21.49
CA PHE C 215 25.25 -27.93 -21.91
C PHE C 215 24.91 -27.97 -23.37
N THR C 216 24.05 -27.06 -23.83
CA THR C 216 23.60 -27.00 -25.21
C THR C 216 24.73 -26.77 -26.24
N PHE C 217 25.93 -26.30 -25.80
CA PHE C 217 27.05 -26.09 -26.72
C PHE C 217 27.52 -27.40 -27.34
N PHE C 218 27.26 -28.51 -26.64
CA PHE C 218 27.65 -29.83 -27.11
C PHE C 218 26.79 -30.31 -28.30
N LEU C 219 25.80 -29.48 -28.71
CA LEU C 219 24.94 -29.75 -29.86
C LEU C 219 25.62 -29.31 -31.17
N GLN C 220 26.58 -28.35 -31.07
CA GLN C 220 27.37 -27.77 -32.20
C GLN C 220 26.45 -27.02 -33.20
N ASP C 221 25.37 -26.39 -32.68
CA ASP C 221 24.46 -25.54 -33.44
C ASP C 221 24.74 -24.11 -32.92
N TYR C 222 25.45 -23.29 -33.75
CA TYR C 222 25.82 -21.91 -33.43
C TYR C 222 24.63 -20.99 -33.38
N THR C 223 23.66 -21.18 -34.31
CA THR C 223 22.42 -20.41 -34.37
C THR C 223 21.64 -20.61 -33.06
N LYS C 224 21.49 -21.87 -32.62
CA LYS C 224 20.80 -22.22 -31.39
C LYS C 224 21.45 -21.55 -30.17
N ARG C 225 22.80 -21.44 -30.13
CA ARG C 225 23.55 -20.80 -29.05
C ARG C 225 23.18 -19.31 -29.02
N ILE C 226 23.21 -18.65 -30.20
CA ILE C 226 22.88 -17.24 -30.36
C ILE C 226 21.48 -16.95 -29.77
N ASP C 227 20.43 -17.68 -30.19
CA ASP C 227 19.07 -17.52 -29.70
C ASP C 227 18.97 -17.72 -28.18
N LEU C 228 19.76 -18.65 -27.67
CA LEU C 228 19.77 -18.93 -26.25
C LEU C 228 20.42 -17.78 -25.46
N ALA C 229 21.64 -17.33 -25.89
CA ALA C 229 22.36 -16.22 -25.26
C ALA C 229 21.55 -14.93 -25.36
N GLY C 230 20.72 -14.82 -26.40
CA GLY C 230 19.83 -13.67 -26.56
C GLY C 230 18.77 -13.55 -25.47
N GLY C 231 18.08 -14.64 -25.21
CA GLY C 231 17.08 -14.68 -24.16
C GLY C 231 17.71 -14.61 -22.80
N ASN C 232 18.86 -15.29 -22.62
CA ASN C 232 19.61 -15.24 -21.37
C ASN C 232 19.93 -13.80 -20.98
N LEU C 233 20.37 -12.99 -21.97
CA LEU C 233 20.62 -11.57 -21.78
C LEU C 233 19.35 -10.86 -21.24
N LEU C 234 18.16 -11.13 -21.84
CA LEU C 234 16.90 -10.55 -21.38
C LEU C 234 16.55 -10.98 -19.97
N LEU C 235 16.79 -12.27 -19.63
CA LEU C 235 16.55 -12.82 -18.30
C LEU C 235 17.34 -12.07 -17.30
N PHE C 236 18.65 -11.82 -17.60
CA PHE C 236 19.55 -11.10 -16.69
C PHE C 236 19.09 -9.64 -16.53
N ILE C 237 18.61 -9.01 -17.65
CA ILE C 237 18.01 -7.68 -17.62
C ILE C 237 16.80 -7.70 -16.68
N ALA C 238 15.97 -8.76 -16.75
CA ALA C 238 14.84 -8.88 -15.84
C ALA C 238 15.32 -9.00 -14.40
N PHE C 239 16.24 -9.95 -14.12
CA PHE C 239 16.80 -10.12 -12.79
C PHE C 239 17.36 -8.83 -12.24
N ASN C 240 17.98 -8.04 -13.10
CA ASN C 240 18.56 -6.74 -12.80
C ASN C 240 17.50 -5.78 -12.24
N PHE C 241 16.26 -5.83 -12.77
CA PHE C 241 15.15 -5.00 -12.30
C PHE C 241 14.61 -5.47 -10.98
N THR C 242 14.56 -6.78 -10.78
CA THR C 242 14.08 -7.38 -9.55
C THR C 242 14.98 -6.99 -8.37
N ILE C 243 16.31 -6.98 -8.60
CA ILE C 243 17.28 -6.57 -7.59
C ILE C 243 17.16 -5.07 -7.36
N SER C 244 16.97 -4.26 -8.43
CA SER C 244 16.78 -2.80 -8.36
C SER C 244 15.64 -2.45 -7.39
N SER C 245 14.60 -3.32 -7.33
CA SER C 245 13.42 -3.14 -6.51
C SER C 245 13.73 -3.05 -5.02
N ASP C 246 14.52 -4.00 -4.46
CA ASP C 246 14.89 -4.06 -3.04
C ASP C 246 15.59 -2.80 -2.56
N LEU C 247 16.35 -2.12 -3.44
CA LEU C 247 17.18 -1.00 -3.04
C LEU C 247 16.78 0.40 -3.49
N PRO C 248 17.30 1.45 -2.80
CA PRO C 248 17.09 2.85 -3.29
C PRO C 248 17.74 3.11 -4.65
N ARG C 249 17.43 4.26 -5.27
CA ARG C 249 18.03 4.62 -6.55
C ARG C 249 19.38 5.26 -6.30
N LEU C 250 20.29 4.45 -5.74
CA LEU C 250 21.66 4.81 -5.37
C LEU C 250 22.43 5.44 -6.52
N GLY C 251 23.35 6.33 -6.17
CA GLY C 251 24.21 7.00 -7.13
C GLY C 251 25.52 6.26 -7.29
N TYR C 252 25.67 5.10 -6.58
CA TYR C 252 26.87 4.26 -6.58
C TYR C 252 26.65 2.79 -7.01
N ILE C 253 27.74 2.12 -7.48
CA ILE C 253 27.73 0.70 -7.94
C ILE C 253 27.81 -0.26 -6.75
N THR C 254 26.86 -1.21 -6.72
CA THR C 254 26.70 -2.28 -5.74
C THR C 254 27.53 -3.45 -6.25
N LEU C 255 27.94 -4.36 -5.34
CA LEU C 255 28.64 -5.57 -5.75
C LEU C 255 27.68 -6.37 -6.64
N MET C 256 26.37 -6.33 -6.29
CA MET C 256 25.32 -6.97 -7.04
C MET C 256 25.20 -6.39 -8.47
N ASP C 257 25.32 -5.07 -8.62
CA ASP C 257 25.27 -4.39 -9.92
C ASP C 257 26.41 -4.90 -10.78
N ALA C 258 27.63 -4.95 -10.21
CA ALA C 258 28.84 -5.43 -10.87
C ALA C 258 28.64 -6.84 -11.41
N PHE C 259 28.16 -7.77 -10.57
CA PHE C 259 27.85 -9.15 -10.93
C PHE C 259 26.89 -9.17 -12.13
N LEU C 260 25.80 -8.39 -12.07
CA LEU C 260 24.83 -8.36 -13.15
C LEU C 260 25.39 -7.77 -14.44
N VAL C 261 26.12 -6.65 -14.37
CA VAL C 261 26.75 -6.06 -15.55
C VAL C 261 27.76 -7.03 -16.17
N GLY C 262 28.40 -7.83 -15.31
CA GLY C 262 29.35 -8.84 -15.71
C GLY C 262 28.70 -9.90 -16.56
N THR C 263 27.54 -10.43 -16.10
CA THR C 263 26.77 -11.43 -16.84
C THR C 263 26.33 -10.87 -18.18
N PHE C 264 25.97 -9.56 -18.26
CA PHE C 264 25.60 -8.92 -19.51
C PHE C 264 26.74 -9.02 -20.51
N ILE C 265 27.94 -8.53 -20.13
CA ILE C 265 29.14 -8.50 -20.98
C ILE C 265 29.49 -9.89 -21.52
N ILE C 266 29.58 -10.92 -20.64
CA ILE C 266 29.91 -12.27 -21.12
C ILE C 266 28.85 -12.76 -22.14
N THR C 267 27.56 -12.63 -21.80
CA THR C 267 26.44 -13.01 -22.67
C THR C 267 26.52 -12.29 -24.03
N ALA C 268 26.82 -10.97 -24.00
CA ALA C 268 26.99 -10.17 -25.20
C ALA C 268 28.08 -10.79 -26.08
N LEU C 269 29.24 -11.16 -25.48
CA LEU C 269 30.37 -11.75 -26.21
C LEU C 269 30.01 -13.14 -26.69
N VAL C 270 29.20 -13.90 -25.90
CA VAL C 270 28.75 -15.23 -26.31
C VAL C 270 27.99 -15.11 -27.65
N VAL C 271 27.05 -14.12 -27.75
CA VAL C 271 26.32 -13.80 -28.99
C VAL C 271 27.36 -13.47 -30.08
N LEU C 272 28.19 -12.44 -29.86
CA LEU C 272 29.22 -11.94 -30.76
C LEU C 272 30.08 -13.05 -31.36
N GLY C 273 30.67 -13.88 -30.50
CA GLY C 273 31.52 -15.00 -30.89
C GLY C 273 30.85 -16.03 -31.77
N ASN C 274 29.70 -16.56 -31.29
CA ASN C 274 28.92 -17.56 -32.03
C ASN C 274 28.41 -17.07 -33.35
N VAL C 275 28.22 -15.72 -33.51
CA VAL C 275 27.84 -15.08 -34.79
C VAL C 275 29.04 -15.27 -35.75
N TRP C 276 30.28 -15.06 -35.24
CA TRP C 276 31.47 -15.23 -36.05
C TRP C 276 31.64 -16.68 -36.52
N LEU C 277 31.50 -17.65 -35.58
CA LEU C 277 31.61 -19.08 -35.89
C LEU C 277 30.57 -19.52 -36.93
N ARG C 278 29.35 -18.97 -36.84
CA ARG C 278 28.26 -19.24 -37.77
C ARG C 278 28.51 -18.53 -39.08
N ARG C 279 29.26 -17.40 -39.07
CA ARG C 279 29.61 -16.71 -40.30
C ARG C 279 30.70 -17.51 -41.05
N LEU C 280 31.63 -18.23 -40.33
CA LEU C 280 32.65 -19.08 -40.97
C LEU C 280 32.00 -20.25 -41.72
N GLU C 281 31.03 -20.91 -41.03
CA GLU C 281 30.19 -22.03 -41.46
C GLU C 281 29.47 -21.63 -42.76
N ASN C 282 28.88 -20.42 -42.75
CA ASN C 282 28.16 -19.80 -43.86
C ASN C 282 29.02 -19.52 -45.07
N HIS C 283 30.32 -19.23 -44.86
CA HIS C 283 31.27 -18.87 -45.92
C HIS C 283 32.15 -20.07 -46.37
N GLY C 284 31.60 -21.27 -46.18
CA GLY C 284 32.21 -22.53 -46.57
C GLY C 284 33.44 -22.93 -45.79
N LYS C 285 33.59 -22.40 -44.58
CA LYS C 285 34.72 -22.73 -43.73
C LYS C 285 34.20 -23.42 -42.45
N GLN C 286 33.21 -24.33 -42.62
CA GLN C 286 32.56 -25.16 -41.58
C GLN C 286 33.58 -25.97 -40.73
N ALA C 287 34.62 -26.54 -41.39
CA ALA C 287 35.69 -27.35 -40.78
C ALA C 287 36.52 -26.54 -39.78
N LEU C 288 36.77 -25.25 -40.11
CA LEU C 288 37.52 -24.28 -39.29
C LEU C 288 36.71 -23.92 -38.05
N ALA C 289 35.39 -23.58 -38.22
CA ALA C 289 34.43 -23.24 -37.15
C ALA C 289 34.48 -24.35 -36.10
N ARG C 290 34.53 -25.63 -36.58
CA ARG C 290 34.60 -26.85 -35.78
C ARG C 290 35.87 -26.97 -34.92
N LYS C 291 37.02 -26.57 -35.47
CA LYS C 291 38.26 -26.60 -34.71
C LYS C 291 38.26 -25.51 -33.65
N LEU C 292 37.93 -24.26 -34.04
CA LEU C 292 37.86 -23.10 -33.14
C LEU C 292 36.83 -23.30 -32.03
N ASP C 293 35.78 -24.10 -32.31
CA ASP C 293 34.68 -24.40 -31.40
C ASP C 293 35.16 -24.85 -30.02
N ILE C 294 36.38 -25.44 -29.93
CA ILE C 294 36.87 -25.89 -28.65
C ILE C 294 37.18 -24.70 -27.71
N TYR C 295 37.56 -23.54 -28.29
CA TYR C 295 37.81 -22.30 -27.58
C TYR C 295 36.45 -21.81 -27.16
N ALA C 296 35.47 -21.82 -28.10
CA ALA C 296 34.10 -21.41 -27.88
C ALA C 296 33.47 -22.15 -26.68
N ILE C 297 33.63 -23.48 -26.62
CA ILE C 297 33.09 -24.31 -25.56
C ILE C 297 33.77 -24.04 -24.23
N THR C 298 35.12 -23.99 -24.20
CA THR C 298 35.85 -23.81 -22.93
C THR C 298 35.94 -22.33 -22.46
N SER C 299 35.67 -21.34 -23.34
CA SER C 299 35.70 -19.94 -22.96
C SER C 299 34.61 -19.71 -21.95
N TYR C 300 33.37 -20.02 -22.36
CA TYR C 300 32.16 -19.89 -21.57
C TYR C 300 32.38 -20.16 -20.08
N PRO C 301 32.82 -21.37 -19.62
CA PRO C 301 33.02 -21.59 -18.17
C PRO C 301 34.09 -20.70 -17.53
N LEU C 302 35.26 -20.59 -18.20
CA LEU C 302 36.39 -19.78 -17.75
C LEU C 302 36.00 -18.33 -17.62
N ALA C 303 35.32 -17.75 -18.65
CA ALA C 303 34.85 -16.38 -18.69
C ALA C 303 34.09 -16.01 -17.42
N TYR C 304 33.08 -16.84 -17.03
CA TYR C 304 32.28 -16.62 -15.83
C TYR C 304 33.07 -16.81 -14.56
N LEU C 305 34.03 -17.76 -14.51
CA LEU C 305 34.88 -18.01 -13.32
C LEU C 305 35.93 -16.92 -13.13
N LEU C 306 36.45 -16.39 -14.23
CA LEU C 306 37.40 -15.30 -14.29
C LEU C 306 36.67 -14.05 -13.80
N GLY C 307 35.46 -13.82 -14.30
CA GLY C 307 34.62 -12.69 -13.90
C GLY C 307 34.28 -12.70 -12.43
N ALA C 308 34.01 -13.91 -11.87
CA ALA C 308 33.69 -14.12 -10.46
C ALA C 308 34.88 -13.81 -9.53
N LEU C 309 36.12 -14.17 -9.95
CA LEU C 309 37.31 -13.85 -9.17
C LEU C 309 37.61 -12.33 -9.25
N THR C 310 37.33 -11.72 -10.42
CA THR C 310 37.51 -10.29 -10.70
C THR C 310 36.68 -9.44 -9.74
N LEU C 311 35.35 -9.69 -9.58
CA LEU C 311 34.57 -8.89 -8.62
C LEU C 311 35.04 -9.14 -7.21
N TRP C 312 35.34 -10.40 -6.86
CA TRP C 312 35.79 -10.74 -5.53
C TRP C 312 37.07 -9.98 -5.18
N LEU C 313 38.05 -9.91 -6.10
CA LEU C 313 39.26 -9.15 -5.87
C LEU C 313 38.91 -7.66 -5.80
N LEU C 314 38.23 -7.16 -6.86
CA LEU C 314 37.77 -5.78 -7.06
C LEU C 314 36.95 -5.17 -5.88
N PHE C 315 36.35 -6.03 -5.04
CA PHE C 315 35.56 -5.60 -3.89
C PHE C 315 36.13 -6.09 -2.54
N PHE C 316 36.94 -7.16 -2.52
CA PHE C 316 37.52 -7.74 -1.28
C PHE C 316 39.01 -8.13 -1.44
N GLU D 7 -1.28 -7.15 51.87
CA GLU D 7 -1.00 -8.23 50.90
C GLU D 7 -1.29 -7.83 49.37
N PRO D 8 -0.97 -8.64 48.33
CA PRO D 8 -1.26 -8.20 46.94
C PRO D 8 -2.71 -8.41 46.46
N SER D 9 -3.25 -7.45 45.68
CA SER D 9 -4.63 -7.53 45.17
C SER D 9 -4.73 -8.36 43.90
N ASP D 10 -5.67 -9.31 43.86
CA ASP D 10 -5.91 -10.16 42.68
C ASP D 10 -6.66 -9.34 41.66
N VAL D 11 -6.13 -9.40 40.41
CA VAL D 11 -6.61 -8.71 39.23
C VAL D 11 -6.97 -9.83 38.25
N PHE D 12 -8.25 -9.96 37.86
CA PHE D 12 -8.72 -11.02 36.97
C PHE D 12 -8.74 -10.59 35.52
N ILE D 13 -7.93 -11.26 34.69
CA ILE D 13 -7.75 -10.97 33.26
C ILE D 13 -8.50 -11.98 32.41
N GLY D 14 -9.28 -11.46 31.46
CA GLY D 14 -10.03 -12.21 30.46
C GLY D 14 -9.76 -11.60 29.11
N LEU D 15 -9.52 -12.43 28.07
CA LEU D 15 -9.26 -11.91 26.73
C LEU D 15 -9.92 -12.78 25.67
N LYS D 16 -10.85 -12.23 24.91
CA LYS D 16 -11.52 -12.99 23.87
C LYS D 16 -11.24 -12.41 22.48
N ILE D 17 -10.66 -13.22 21.56
CA ILE D 17 -10.43 -12.80 20.19
C ILE D 17 -11.73 -13.06 19.44
N ASP D 18 -12.35 -12.01 18.87
CA ASP D 18 -13.61 -12.13 18.13
C ASP D 18 -13.39 -12.38 16.64
N GLN D 19 -12.32 -11.78 16.09
CA GLN D 19 -11.97 -11.86 14.66
C GLN D 19 -10.49 -11.97 14.45
N ILE D 20 -10.07 -12.74 13.44
CA ILE D 20 -8.69 -12.80 12.97
C ILE D 20 -8.82 -12.02 11.68
N THR D 21 -8.39 -10.75 11.70
CA THR D 21 -8.51 -9.86 10.55
C THR D 21 -7.48 -10.21 9.48
N GLY D 22 -6.50 -11.01 9.86
CA GLY D 22 -5.43 -11.47 8.98
C GLY D 22 -4.18 -11.93 9.70
N ILE D 23 -3.47 -12.87 9.08
CA ILE D 23 -2.18 -13.36 9.56
C ILE D 23 -1.24 -12.99 8.41
N ASN D 24 -0.19 -12.21 8.71
CA ASN D 24 0.75 -11.76 7.66
C ASN D 24 2.03 -12.54 7.88
N GLN D 25 2.22 -13.63 7.10
CA GLN D 25 3.40 -14.46 7.33
C GLN D 25 4.68 -13.81 6.85
N LYS D 26 4.60 -12.98 5.80
CA LYS D 26 5.76 -12.27 5.24
C LYS D 26 6.38 -11.35 6.33
N GLU D 27 5.53 -10.76 7.19
CA GLU D 27 5.89 -9.85 8.30
C GLU D 27 5.86 -10.52 9.68
N GLU D 28 5.55 -11.82 9.77
CA GLU D 28 5.48 -12.59 11.03
C GLU D 28 4.74 -11.84 12.16
N ASN D 29 3.49 -11.48 11.85
CA ASN D 29 2.52 -10.81 12.73
C ASN D 29 1.12 -11.28 12.32
N PHE D 30 0.14 -11.08 13.22
CA PHE D 30 -1.27 -11.39 12.98
C PHE D 30 -2.10 -10.25 13.55
N SER D 31 -3.33 -10.08 13.08
CA SER D 31 -4.18 -9.00 13.54
C SER D 31 -5.53 -9.51 13.94
N VAL D 32 -6.05 -9.00 15.08
CA VAL D 32 -7.31 -9.42 15.70
C VAL D 32 -8.18 -8.30 16.24
N VAL D 33 -9.50 -8.54 16.32
CA VAL D 33 -10.48 -7.67 16.98
C VAL D 33 -10.77 -8.48 18.23
N GLY D 34 -10.66 -7.86 19.40
CA GLY D 34 -10.85 -8.56 20.66
C GLY D 34 -11.35 -7.70 21.81
N SER D 35 -11.73 -8.37 22.90
CA SER D 35 -12.23 -7.72 24.10
C SER D 35 -11.41 -8.17 25.29
N LEU D 36 -10.95 -7.20 26.09
CA LEU D 36 -10.20 -7.47 27.29
C LEU D 36 -11.14 -7.18 28.44
N ARG D 37 -11.18 -8.09 29.42
CA ARG D 37 -12.04 -7.92 30.58
C ARG D 37 -11.21 -8.04 31.85
N ILE D 38 -11.36 -7.04 32.74
CA ILE D 38 -10.65 -6.98 34.02
C ILE D 38 -11.65 -6.85 35.16
N ASP D 39 -11.47 -7.65 36.21
CA ASP D 39 -12.24 -7.58 37.45
C ASP D 39 -11.20 -7.41 38.56
N TRP D 40 -11.23 -6.26 39.21
CA TRP D 40 -10.27 -5.94 40.27
C TRP D 40 -11.02 -5.25 41.40
N ARG D 41 -10.92 -5.81 42.61
CA ARG D 41 -11.58 -5.24 43.77
C ARG D 41 -10.61 -4.40 44.59
N GLN D 42 -10.95 -3.11 44.70
CA GLN D 42 -10.21 -2.12 45.45
C GLN D 42 -11.16 -1.62 46.54
N PRO D 43 -10.93 -2.04 47.80
CA PRO D 43 -11.82 -1.62 48.88
C PRO D 43 -11.91 -0.12 49.08
N LEU D 44 -10.84 0.63 48.77
CA LEU D 44 -10.82 2.10 48.88
C LEU D 44 -11.81 2.78 47.91
N LEU D 45 -12.14 2.08 46.79
CA LEU D 45 -13.08 2.57 45.77
C LEU D 45 -14.56 2.48 46.19
N ALA D 46 -14.83 1.69 47.25
CA ALA D 46 -16.16 1.50 47.82
C ALA D 46 -16.86 2.83 48.09
N PHE D 47 -18.18 2.85 47.82
CA PHE D 47 -19.00 4.04 47.97
C PHE D 47 -20.33 3.75 48.60
N GLU D 48 -20.86 4.76 49.29
CA GLU D 48 -22.17 4.71 49.91
C GLU D 48 -23.09 5.48 48.97
N HIS D 49 -24.33 5.00 48.87
CA HIS D 49 -25.40 5.58 48.05
C HIS D 49 -26.64 5.80 48.93
N ALA D 50 -27.37 6.91 48.72
CA ALA D 50 -28.60 7.18 49.45
C ALA D 50 -29.69 6.29 48.81
N PRO D 51 -30.75 5.87 49.56
CA PRO D 51 -31.76 4.97 48.97
C PRO D 51 -32.32 5.42 47.62
N GLY D 52 -32.47 4.47 46.70
CA GLY D 52 -33.01 4.73 45.37
C GLY D 52 -31.98 4.98 44.28
N GLU D 53 -30.88 5.67 44.63
CA GLU D 53 -29.78 6.01 43.72
C GLU D 53 -28.94 4.77 43.28
N PRO D 54 -28.14 4.84 42.18
CA PRO D 54 -27.42 3.63 41.71
C PRO D 54 -26.37 3.02 42.63
N LYS D 55 -26.39 1.68 42.66
CA LYS D 55 -25.50 0.77 43.39
C LYS D 55 -24.27 0.54 42.52
N HIS D 56 -24.40 0.88 41.22
CA HIS D 56 -23.33 0.75 40.23
C HIS D 56 -23.05 2.04 39.44
N ARG D 57 -21.90 2.66 39.69
CA ARG D 57 -21.49 3.87 39.00
C ARG D 57 -20.79 3.45 37.70
N THR D 58 -21.17 4.08 36.56
CA THR D 58 -20.55 3.78 35.28
C THR D 58 -19.75 4.99 34.80
N TYR D 59 -18.50 4.73 34.39
CA TYR D 59 -17.56 5.76 34.04
C TYR D 59 -16.92 5.52 32.72
N THR D 60 -16.42 6.62 32.10
CA THR D 60 -15.57 6.57 30.92
C THR D 60 -14.19 6.25 31.52
N LEU D 61 -13.22 5.75 30.72
CA LEU D 61 -11.90 5.46 31.31
C LEU D 61 -11.20 6.73 31.85
N ALA D 62 -11.31 7.84 31.10
CA ALA D 62 -10.70 9.12 31.42
C ALA D 62 -11.12 9.66 32.76
N THR D 63 -12.44 9.68 33.05
CA THR D 63 -12.84 10.21 34.36
C THR D 63 -12.61 9.17 35.46
N PHE D 64 -12.44 7.88 35.11
CA PHE D 64 -12.15 6.86 36.12
C PHE D 64 -10.71 6.99 36.59
N LEU D 65 -9.75 7.10 35.67
CA LEU D 65 -8.35 7.27 36.03
C LEU D 65 -8.16 8.56 36.86
N LYS D 66 -8.86 9.66 36.49
CA LYS D 66 -8.77 10.93 37.19
C LYS D 66 -9.25 10.79 38.61
N LEU D 67 -10.28 9.95 38.81
CA LEU D 67 -10.85 9.64 40.11
C LEU D 67 -9.81 8.88 40.95
N LEU D 68 -9.03 7.96 40.32
CA LEU D 68 -7.98 7.18 40.99
C LEU D 68 -6.86 8.08 41.49
N GLU D 69 -6.40 9.00 40.60
CA GLU D 69 -5.38 10.00 40.91
C GLU D 69 -5.75 10.91 42.11
N GLU D 70 -7.06 11.28 42.27
CA GLU D 70 -7.55 12.10 43.39
C GLU D 70 -7.47 11.30 44.66
N LYS D 71 -7.99 10.06 44.59
CA LYS D 71 -8.04 9.13 45.70
C LYS D 71 -6.64 8.52 46.00
N GLN D 72 -5.60 8.92 45.20
CA GLN D 72 -4.22 8.43 45.29
C GLN D 72 -4.16 6.89 45.28
N ILE D 73 -4.91 6.29 44.35
CA ILE D 73 -4.98 4.85 44.16
C ILE D 73 -4.20 4.47 42.88
N ARG D 74 -3.36 3.44 43.01
CA ARG D 74 -2.54 2.90 41.93
C ARG D 74 -3.38 1.80 41.30
N TRP D 75 -3.52 1.87 39.98
CA TRP D 75 -4.28 0.92 39.20
C TRP D 75 -3.33 -0.14 38.65
N PRO D 76 -3.81 -1.38 38.35
CA PRO D 76 -2.89 -2.39 37.83
C PRO D 76 -2.51 -2.12 36.37
N ALA D 77 -1.63 -1.13 36.16
CA ALA D 77 -1.16 -0.74 34.83
C ALA D 77 -0.58 -1.95 34.13
N PHE D 78 -1.12 -2.27 32.94
CA PHE D 78 -0.77 -3.43 32.13
C PHE D 78 -0.35 -3.08 30.68
N THR D 79 0.35 -4.01 30.02
CA THR D 79 0.80 -3.80 28.64
C THR D 79 0.66 -5.06 27.83
N TYR D 80 0.29 -4.93 26.53
CA TYR D 80 0.21 -6.05 25.61
C TYR D 80 1.62 -6.15 25.09
N HIS D 81 2.44 -7.00 25.69
CA HIS D 81 3.86 -7.10 25.40
C HIS D 81 4.21 -7.29 23.92
N ASN D 82 3.51 -8.20 23.24
CA ASN D 82 3.78 -8.49 21.85
C ASN D 82 2.96 -7.62 20.87
N GLN D 83 2.38 -6.47 21.34
CA GLN D 83 1.60 -5.54 20.49
C GLN D 83 2.44 -4.89 19.40
N GLN D 84 1.80 -4.50 18.31
CA GLN D 84 2.46 -3.85 17.19
C GLN D 84 1.65 -2.66 16.64
N GLY D 85 2.30 -1.50 16.62
CA GLY D 85 1.72 -0.27 16.12
C GLY D 85 0.57 0.24 16.94
N ARG D 86 -0.50 0.68 16.25
CA ARG D 86 -1.66 1.27 16.94
C ARG D 86 -2.69 0.27 17.30
N MET D 87 -3.33 0.49 18.44
CA MET D 87 -4.45 -0.29 18.91
C MET D 87 -5.65 0.66 18.88
N ASP D 88 -6.51 0.48 17.86
CA ASP D 88 -7.71 1.26 17.66
C ASP D 88 -8.76 0.76 18.64
N PHE D 89 -9.11 1.59 19.65
CA PHE D 89 -10.12 1.22 20.65
C PHE D 89 -11.52 1.52 20.21
N GLN D 90 -12.44 0.66 20.62
CA GLN D 90 -13.86 0.83 20.35
C GLN D 90 -14.55 1.25 21.63
N ASN D 91 -14.25 0.53 22.74
CA ASN D 91 -14.84 0.71 24.06
C ASN D 91 -13.79 0.56 25.12
N ARG D 92 -13.80 1.49 26.07
CA ARG D 92 -12.92 1.52 27.25
C ARG D 92 -13.85 2.06 28.35
N LEU D 93 -14.60 1.13 28.99
CA LEU D 93 -15.65 1.41 29.96
C LEU D 93 -15.42 0.76 31.32
N ILE D 94 -15.81 1.46 32.39
CA ILE D 94 -15.66 1.02 33.77
C ILE D 94 -17.01 1.00 34.50
N SER D 95 -17.33 -0.11 35.22
CA SER D 95 -18.53 -0.19 36.04
C SER D 95 -18.09 -0.53 37.47
N LEU D 96 -18.34 0.40 38.39
CA LEU D 96 -17.93 0.34 39.78
C LEU D 96 -19.08 0.07 40.75
N SER D 97 -18.97 -1.00 41.55
CA SER D 97 -20.00 -1.38 42.51
C SER D 97 -19.78 -0.70 43.86
N GLU D 98 -20.83 -0.68 44.73
CA GLU D 98 -20.77 -0.15 46.10
C GLU D 98 -19.51 -0.70 46.79
N ASP D 99 -19.22 -2.01 46.56
CA ASP D 99 -18.14 -2.86 47.07
C ASP D 99 -16.72 -2.33 46.79
N GLY D 100 -16.51 -1.86 45.57
CA GLY D 100 -15.21 -1.42 45.08
C GLY D 100 -14.80 -2.27 43.88
N THR D 101 -15.69 -3.22 43.48
CA THR D 101 -15.47 -4.11 42.34
C THR D 101 -15.51 -3.28 41.06
N VAL D 102 -14.33 -3.07 40.46
CA VAL D 102 -14.19 -2.37 39.20
C VAL D 102 -14.19 -3.44 38.12
N MET D 103 -15.10 -3.26 37.15
CA MET D 103 -15.25 -4.13 35.99
C MET D 103 -14.85 -3.29 34.77
N TYR D 104 -13.74 -3.66 34.13
CA TYR D 104 -13.24 -2.93 32.97
C TYR D 104 -13.42 -3.76 31.73
N LEU D 105 -13.76 -3.10 30.61
CA LEU D 105 -13.94 -3.67 29.26
C LEU D 105 -13.18 -2.80 28.27
N GLU D 106 -12.35 -3.43 27.45
CA GLU D 106 -11.50 -2.79 26.44
C GLU D 106 -11.68 -3.54 25.13
N ARG D 107 -12.44 -2.97 24.17
CA ARG D 107 -12.64 -3.58 22.85
C ARG D 107 -11.64 -2.94 21.92
N PHE D 108 -10.84 -3.73 21.23
CA PHE D 108 -9.79 -3.15 20.40
C PHE D 108 -9.55 -3.96 19.12
N THR D 109 -8.83 -3.34 18.18
CA THR D 109 -8.32 -3.95 16.96
C THR D 109 -6.82 -3.74 17.02
N SER D 110 -6.03 -4.82 16.84
CA SER D 110 -4.59 -4.65 16.91
C SER D 110 -3.82 -5.72 16.19
N THR D 111 -2.61 -5.37 15.71
CA THR D 111 -1.67 -6.33 15.12
C THR D 111 -0.75 -6.74 16.27
N PHE D 112 -0.37 -8.01 16.29
CA PHE D 112 0.51 -8.57 17.31
C PHE D 112 1.66 -9.33 16.66
N GLN D 113 2.79 -9.43 17.37
CA GLN D 113 3.95 -10.16 16.92
C GLN D 113 3.72 -11.65 16.96
N ALA D 114 4.15 -12.32 15.90
CA ALA D 114 4.09 -13.78 15.80
C ALA D 114 5.55 -14.28 15.72
N PRO D 115 6.28 -14.33 16.86
CA PRO D 115 7.70 -14.69 16.81
C PRO D 115 7.96 -16.19 16.77
N ALA D 116 6.90 -17.00 16.95
CA ALA D 116 6.94 -18.47 16.99
C ALA D 116 6.93 -19.17 15.59
N PHE D 117 6.95 -18.36 14.52
CA PHE D 117 6.85 -18.77 13.13
C PHE D 117 8.02 -19.66 12.61
N ASP D 118 7.69 -20.91 12.24
CA ASP D 118 8.63 -21.89 11.71
C ASP D 118 8.12 -22.43 10.37
N PHE D 119 8.71 -21.96 9.27
CA PHE D 119 8.31 -22.32 7.93
C PHE D 119 9.02 -23.57 7.36
N ARG D 120 9.81 -24.34 8.17
CA ARG D 120 10.56 -25.52 7.69
C ARG D 120 9.69 -26.52 6.92
N LEU D 121 8.45 -26.76 7.37
CA LEU D 121 7.53 -27.68 6.70
C LEU D 121 6.47 -27.02 5.81
N PHE D 122 6.56 -25.67 5.57
CA PHE D 122 5.60 -24.93 4.74
C PHE D 122 5.42 -25.64 3.39
N PRO D 123 4.18 -25.87 2.88
CA PRO D 123 2.86 -25.42 3.37
C PRO D 123 2.18 -26.33 4.37
N PHE D 124 2.86 -27.40 4.80
CA PHE D 124 2.33 -28.41 5.71
C PHE D 124 2.46 -28.04 7.20
N ASP D 125 3.02 -26.86 7.48
CA ASP D 125 3.27 -26.31 8.82
C ASP D 125 2.03 -26.03 9.69
N ASN D 126 2.24 -26.03 11.03
CA ASN D 126 1.32 -25.67 12.13
C ASN D 126 2.08 -24.62 12.97
N GLN D 127 1.46 -23.45 13.25
CA GLN D 127 2.11 -22.36 14.00
C GLN D 127 1.44 -22.05 15.30
N LEU D 128 2.15 -21.31 16.17
CA LEU D 128 1.64 -20.85 17.47
C LEU D 128 1.56 -19.36 17.45
N PHE D 129 0.38 -18.83 17.79
CA PHE D 129 0.13 -17.40 17.90
C PHE D 129 -0.29 -17.15 19.35
N PHE D 130 0.08 -15.98 19.91
CA PHE D 130 -0.27 -15.64 21.28
C PHE D 130 -0.40 -14.13 21.53
N ILE D 131 -0.93 -13.78 22.70
CA ILE D 131 -1.05 -12.40 23.16
C ILE D 131 -0.56 -12.42 24.63
N HIS D 132 0.40 -11.55 24.94
CA HIS D 132 0.94 -11.41 26.28
C HIS D 132 0.35 -10.15 26.87
N VAL D 133 -0.23 -10.27 28.07
CA VAL D 133 -0.83 -9.17 28.82
C VAL D 133 -0.01 -9.17 30.12
N ASP D 134 0.96 -8.26 30.19
CA ASP D 134 1.89 -8.12 31.32
C ASP D 134 1.42 -7.10 32.34
N SER D 135 1.74 -7.29 33.60
CA SER D 135 1.46 -6.28 34.59
C SER D 135 2.75 -5.45 34.64
N ILE D 136 2.64 -4.11 34.64
CA ILE D 136 3.81 -3.24 34.79
C ILE D 136 4.31 -3.40 36.22
N PHE D 137 3.37 -3.46 37.20
CA PHE D 137 3.71 -3.62 38.62
C PHE D 137 4.01 -5.09 39.05
N PRO D 138 5.00 -5.28 39.97
CA PRO D 138 5.34 -6.64 40.41
C PRO D 138 4.31 -7.32 41.31
N GLN D 139 4.35 -8.68 41.31
CA GLN D 139 3.48 -9.62 42.01
C GLN D 139 3.24 -9.34 43.50
N HIS D 140 4.08 -8.48 44.14
CA HIS D 140 3.86 -8.12 45.55
C HIS D 140 2.74 -7.08 45.69
N LEU D 141 2.36 -6.41 44.59
CA LEU D 141 1.32 -5.38 44.55
C LEU D 141 0.07 -5.94 43.89
N PHE D 142 0.22 -6.51 42.66
CA PHE D 142 -0.87 -7.08 41.89
C PHE D 142 -0.55 -8.47 41.35
N ARG D 143 -1.43 -9.44 41.66
CA ARG D 143 -1.31 -10.79 41.15
C ARG D 143 -2.42 -11.09 40.14
N PHE D 144 -2.03 -11.40 38.88
CA PHE D 144 -2.95 -11.71 37.80
C PHE D 144 -3.56 -13.06 37.98
N GLN D 145 -4.89 -13.13 37.81
CA GLN D 145 -5.65 -14.36 37.89
C GLN D 145 -6.50 -14.53 36.62
N GLU D 146 -6.88 -15.77 36.27
CA GLU D 146 -7.67 -16.03 35.08
C GLU D 146 -9.16 -15.84 35.37
N MET D 147 -9.76 -14.85 34.67
CA MET D 147 -11.20 -14.57 34.68
C MET D 147 -11.79 -15.82 34.02
N GLN D 148 -12.77 -16.49 34.68
CA GLN D 148 -13.23 -17.82 34.28
C GLN D 148 -14.08 -17.98 32.99
N GLY D 149 -15.28 -17.40 32.87
CA GLY D 149 -16.08 -17.69 31.69
C GLY D 149 -15.92 -16.77 30.50
N PHE D 150 -14.67 -16.44 30.09
CA PHE D 150 -14.54 -15.41 29.07
C PHE D 150 -13.55 -15.63 27.94
N SER D 151 -12.25 -15.77 28.29
CA SER D 151 -11.13 -15.89 27.35
C SER D 151 -11.27 -17.01 26.29
N GLY D 152 -10.58 -16.82 25.16
CA GLY D 152 -10.58 -17.75 24.03
C GLY D 152 -10.81 -17.11 22.67
N LEU D 153 -11.20 -17.92 21.68
CA LEU D 153 -11.46 -17.45 20.32
C LEU D 153 -12.95 -17.65 19.98
N GLY D 154 -13.51 -16.76 19.14
CA GLY D 154 -14.91 -16.81 18.73
C GLY D 154 -15.31 -17.86 17.68
N ASP D 155 -16.57 -17.75 17.18
CA ASP D 155 -17.19 -18.65 16.19
C ASP D 155 -17.08 -18.09 14.78
N GLN D 156 -17.02 -16.74 14.65
CA GLN D 156 -16.87 -16.05 13.36
C GLN D 156 -15.55 -15.27 13.31
N LEU D 157 -14.40 -15.99 13.18
CA LEU D 157 -13.09 -15.34 13.14
C LEU D 157 -12.78 -14.73 11.76
N GLY D 158 -13.43 -15.26 10.74
CA GLY D 158 -13.29 -14.75 9.37
C GLY D 158 -12.07 -15.19 8.59
N GLU D 159 -11.19 -16.03 9.19
CA GLU D 159 -9.99 -16.52 8.49
C GLU D 159 -10.37 -17.70 7.58
N GLU D 160 -9.75 -17.78 6.38
CA GLU D 160 -10.11 -18.77 5.38
C GLU D 160 -9.05 -19.82 5.10
N GLU D 161 -7.75 -19.50 5.36
CA GLU D 161 -6.61 -20.40 5.11
C GLU D 161 -6.18 -21.08 6.39
N TRP D 162 -6.11 -20.34 7.48
CA TRP D 162 -5.74 -20.96 8.72
C TRP D 162 -6.95 -21.59 9.41
N ILE D 163 -6.68 -22.64 10.18
CA ILE D 163 -7.71 -23.35 10.89
C ILE D 163 -7.15 -23.69 12.28
N VAL D 164 -7.74 -23.05 13.32
CA VAL D 164 -7.32 -23.17 14.72
C VAL D 164 -7.52 -24.60 15.24
N THR D 165 -6.38 -25.25 15.51
CA THR D 165 -6.26 -26.64 16.01
C THR D 165 -6.50 -26.73 17.55
N GLU D 166 -6.11 -25.69 18.32
CA GLU D 166 -6.26 -25.65 19.78
C GLU D 166 -6.02 -24.25 20.33
N VAL D 167 -6.63 -23.92 21.51
CA VAL D 167 -6.50 -22.62 22.21
C VAL D 167 -6.28 -22.84 23.73
N ASN D 168 -5.39 -22.05 24.38
CA ASN D 168 -5.09 -22.16 25.82
C ASN D 168 -4.84 -20.82 26.49
N THR D 169 -5.07 -20.76 27.79
CA THR D 169 -4.72 -19.60 28.58
C THR D 169 -3.94 -20.10 29.76
N HIS D 170 -2.93 -19.31 30.17
CA HIS D 170 -2.08 -19.62 31.31
C HIS D 170 -1.41 -18.36 31.84
N LEU D 171 -1.10 -18.36 33.12
CA LEU D 171 -0.43 -17.25 33.78
C LEU D 171 1.02 -17.64 34.02
N THR D 172 1.94 -16.66 33.94
CA THR D 172 3.37 -16.80 34.23
C THR D 172 3.97 -15.47 34.74
N THR D 173 5.30 -15.34 34.65
CA THR D 173 5.97 -14.14 35.11
C THR D 173 6.93 -13.60 34.09
N HIS D 174 7.25 -12.32 34.23
CA HIS D 174 8.22 -11.60 33.42
C HIS D 174 8.98 -10.65 34.37
N ASN D 175 10.11 -10.08 33.89
CA ASN D 175 10.95 -9.16 34.68
C ASN D 175 11.31 -7.89 33.88
N GLU D 176 10.46 -7.55 32.90
CA GLU D 176 10.59 -6.42 31.98
C GLU D 176 10.97 -5.08 32.61
N PHE D 177 10.24 -4.64 33.65
CA PHE D 177 10.52 -3.31 34.18
C PHE D 177 11.09 -3.32 35.54
N THR D 178 10.90 -4.45 36.25
CA THR D 178 11.33 -4.61 37.63
C THR D 178 12.30 -5.77 37.86
N LYS D 179 12.95 -5.73 39.06
CA LYS D 179 13.88 -6.75 39.56
C LYS D 179 13.01 -7.95 39.98
N GLY D 180 11.98 -7.69 40.79
CA GLY D 180 11.01 -8.69 41.24
C GLY D 180 10.13 -9.20 40.11
N ASP D 181 9.58 -10.42 40.26
CA ASP D 181 8.70 -11.01 39.23
C ASP D 181 7.42 -10.21 39.10
N ALA D 182 6.91 -10.11 37.86
CA ALA D 182 5.67 -9.41 37.57
C ALA D 182 4.79 -10.38 36.81
N SER D 183 3.46 -10.30 37.02
CA SER D 183 2.49 -11.20 36.40
C SER D 183 2.33 -11.04 34.89
N ARG D 184 2.08 -12.17 34.18
CA ARG D 184 1.83 -12.21 32.75
C ARG D 184 0.71 -13.20 32.42
N PHE D 185 -0.37 -12.70 31.79
CA PHE D 185 -1.49 -13.52 31.33
C PHE D 185 -1.21 -13.85 29.86
N VAL D 186 -1.39 -15.11 29.47
CA VAL D 186 -1.12 -15.57 28.10
C VAL D 186 -2.33 -16.25 27.47
N LEU D 187 -2.73 -15.79 26.26
CA LEU D 187 -3.77 -16.42 25.44
C LEU D 187 -3.03 -16.92 24.22
N GLU D 188 -2.92 -18.24 24.08
CA GLU D 188 -2.23 -18.94 22.99
C GLU D 188 -3.23 -19.68 22.15
N PHE D 189 -2.89 -19.88 20.88
CA PHE D 189 -3.64 -20.72 19.96
C PHE D 189 -2.73 -21.26 18.87
N HIS D 190 -3.06 -22.44 18.33
CA HIS D 190 -2.30 -23.07 17.26
C HIS D 190 -3.18 -23.16 16.05
N ALA D 191 -2.64 -22.86 14.88
CA ALA D 191 -3.41 -22.97 13.66
C ALA D 191 -2.58 -23.64 12.58
N GLU D 192 -3.26 -24.33 11.65
CA GLU D 192 -2.64 -24.99 10.52
C GLU D 192 -3.33 -24.60 9.22
N ARG D 193 -2.66 -24.81 8.09
CA ARG D 193 -3.15 -24.38 6.79
C ARG D 193 -4.15 -25.28 6.09
N HIS D 194 -5.01 -24.65 5.26
CA HIS D 194 -5.94 -25.28 4.33
C HIS D 194 -5.09 -25.35 3.05
N LEU D 195 -4.66 -26.56 2.70
CA LEU D 195 -3.75 -26.79 1.58
C LEU D 195 -4.33 -26.53 0.18
N ASN D 196 -5.68 -26.37 0.04
CA ASN D 196 -6.34 -26.15 -1.26
C ASN D 196 -5.65 -25.14 -2.17
N TYR D 197 -5.36 -23.91 -1.67
CA TYR D 197 -4.68 -22.86 -2.45
C TYR D 197 -3.43 -23.42 -3.11
N TYR D 198 -2.58 -24.06 -2.29
CA TYR D 198 -1.31 -24.63 -2.69
C TYR D 198 -1.52 -25.74 -3.74
N LEU D 199 -2.50 -26.62 -3.50
CA LEU D 199 -2.87 -27.67 -4.47
C LEU D 199 -3.25 -27.06 -5.83
N MET D 200 -4.19 -26.10 -5.82
CA MET D 200 -4.74 -25.47 -7.00
C MET D 200 -3.79 -24.57 -7.74
N ARG D 201 -2.99 -23.79 -7.04
CA ARG D 201 -2.12 -22.83 -7.69
C ARG D 201 -0.72 -23.29 -7.91
N ILE D 202 -0.22 -24.25 -7.12
CA ILE D 202 1.18 -24.68 -7.26
C ILE D 202 1.31 -26.16 -7.67
N LEU D 203 0.77 -27.10 -6.88
CA LEU D 203 0.93 -28.52 -7.21
C LEU D 203 0.37 -28.92 -8.58
N ILE D 204 -0.90 -28.60 -8.86
CA ILE D 204 -1.54 -28.95 -10.14
C ILE D 204 -0.81 -28.25 -11.33
N PRO D 205 -0.55 -26.90 -11.34
CA PRO D 205 0.19 -26.30 -12.48
C PRO D 205 1.57 -26.92 -12.72
N VAL D 206 2.36 -27.15 -11.65
CA VAL D 206 3.68 -27.77 -11.73
C VAL D 206 3.57 -29.20 -12.26
N LEU D 207 2.64 -29.99 -11.73
CA LEU D 207 2.40 -31.36 -12.21
C LEU D 207 1.97 -31.38 -13.66
N LEU D 208 1.17 -30.37 -14.09
CA LEU D 208 0.70 -30.30 -15.48
C LEU D 208 1.84 -30.05 -16.43
N ILE D 209 2.69 -29.04 -16.11
CA ILE D 209 3.87 -28.68 -16.89
C ILE D 209 4.73 -29.94 -17.11
N ILE D 210 5.03 -30.69 -16.01
CA ILE D 210 5.82 -31.92 -16.03
C ILE D 210 5.19 -33.00 -16.90
N THR D 211 3.90 -33.34 -16.64
CA THR D 211 3.19 -34.41 -17.37
C THR D 211 3.05 -34.14 -18.87
N VAL D 212 2.52 -32.97 -19.24
CA VAL D 212 2.30 -32.65 -20.66
C VAL D 212 3.66 -32.51 -21.38
N SER D 213 4.72 -32.10 -20.66
CA SER D 213 6.05 -32.03 -21.23
C SER D 213 6.56 -33.44 -21.48
N TRP D 214 6.25 -34.39 -20.59
CA TRP D 214 6.66 -35.76 -20.79
C TRP D 214 5.98 -36.41 -22.00
N PHE D 215 4.72 -36.04 -22.27
CA PHE D 215 3.97 -36.56 -23.41
C PHE D 215 4.76 -36.36 -24.68
N THR D 216 5.37 -35.19 -24.82
CA THR D 216 6.12 -34.82 -26.01
C THR D 216 7.33 -35.72 -26.29
N PHE D 217 7.80 -36.51 -25.27
CA PHE D 217 8.93 -37.43 -25.49
C PHE D 217 8.61 -38.50 -26.51
N PHE D 218 7.32 -38.81 -26.67
CA PHE D 218 6.84 -39.81 -27.60
C PHE D 218 6.97 -39.36 -29.06
N LEU D 219 7.44 -38.11 -29.28
CA LEU D 219 7.69 -37.54 -30.61
C LEU D 219 9.07 -37.96 -31.14
N GLN D 220 10.00 -38.34 -30.22
CA GLN D 220 11.38 -38.76 -30.50
C GLN D 220 12.21 -37.62 -31.19
N ASP D 221 11.92 -36.35 -30.81
CA ASP D 221 12.66 -35.18 -31.23
C ASP D 221 13.40 -34.69 -29.99
N TYR D 222 14.76 -34.94 -29.95
CA TYR D 222 15.63 -34.57 -28.82
C TYR D 222 15.80 -33.07 -28.68
N THR D 223 15.92 -32.35 -29.81
CA THR D 223 16.02 -30.90 -29.85
C THR D 223 14.79 -30.29 -29.20
N LYS D 224 13.58 -30.75 -29.63
CA LYS D 224 12.31 -30.29 -29.10
C LYS D 224 12.22 -30.47 -27.59
N ARG D 225 12.77 -31.58 -27.05
CA ARG D 225 12.79 -31.88 -25.59
C ARG D 225 13.65 -30.84 -24.88
N ILE D 226 14.87 -30.58 -25.44
CA ILE D 226 15.81 -29.59 -24.91
C ILE D 226 15.13 -28.21 -24.77
N ASP D 227 14.51 -27.68 -25.85
CA ASP D 227 13.81 -26.39 -25.85
C ASP D 227 12.69 -26.35 -24.82
N LEU D 228 12.00 -27.47 -24.65
CA LEU D 228 10.91 -27.59 -23.72
C LEU D 228 11.42 -27.55 -22.27
N ALA D 229 12.43 -28.38 -21.93
CA ALA D 229 13.05 -28.43 -20.59
C ALA D 229 13.71 -27.08 -20.26
N GLY D 230 14.13 -26.35 -21.28
CA GLY D 230 14.70 -25.03 -21.09
C GLY D 230 13.71 -24.01 -20.56
N GLY D 231 12.54 -23.94 -21.18
CA GLY D 231 11.47 -23.06 -20.75
C GLY D 231 10.88 -23.52 -19.43
N ASN D 232 10.72 -24.84 -19.28
CA ASN D 232 10.25 -25.43 -18.03
C ASN D 232 11.09 -24.97 -16.84
N LEU D 233 12.43 -24.99 -17.01
CA LEU D 233 13.36 -24.49 -16.01
C LEU D 233 13.04 -23.03 -15.65
N LEU D 234 12.81 -22.17 -16.67
CA LEU D 234 12.47 -20.76 -16.43
C LEU D 234 11.15 -20.62 -15.68
N LEU D 235 10.15 -21.44 -16.04
CA LEU D 235 8.83 -21.44 -15.40
C LEU D 235 8.98 -21.73 -13.95
N PHE D 236 9.82 -22.75 -13.60
CA PHE D 236 10.06 -23.13 -12.21
C PHE D 236 10.79 -22.02 -11.45
N ILE D 237 11.77 -21.35 -12.12
CA ILE D 237 12.45 -20.18 -11.59
C ILE D 237 11.40 -19.10 -11.31
N ALA D 238 10.42 -18.89 -12.21
CA ALA D 238 9.37 -17.93 -11.98
C ALA D 238 8.54 -18.34 -10.76
N PHE D 239 8.05 -19.60 -10.73
CA PHE D 239 7.27 -20.14 -9.61
C PHE D 239 8.02 -19.95 -8.30
N ASN D 240 9.33 -20.13 -8.33
CA ASN D 240 10.24 -19.97 -7.20
C ASN D 240 10.16 -18.55 -6.63
N PHE D 241 10.02 -17.53 -7.49
CA PHE D 241 9.89 -16.14 -7.05
C PHE D 241 8.54 -15.85 -6.47
N THR D 242 7.49 -16.45 -7.03
CA THR D 242 6.12 -16.29 -6.57
C THR D 242 5.98 -16.84 -5.13
N ILE D 243 6.61 -17.99 -4.86
CA ILE D 243 6.61 -18.58 -3.53
C ILE D 243 7.44 -17.73 -2.57
N SER D 244 8.61 -17.22 -3.03
CA SER D 244 9.48 -16.31 -2.27
C SER D 244 8.69 -15.12 -1.73
N SER D 245 7.69 -14.64 -2.50
CA SER D 245 6.86 -13.50 -2.16
C SER D 245 6.09 -13.66 -0.87
N ASP D 246 5.38 -14.79 -0.68
CA ASP D 246 4.55 -15.08 0.52
C ASP D 246 5.35 -15.06 1.80
N LEU D 247 6.64 -15.41 1.76
CA LEU D 247 7.44 -15.56 2.96
C LEU D 247 8.54 -14.53 3.23
N PRO D 248 9.00 -14.43 4.51
CA PRO D 248 10.17 -13.58 4.82
C PRO D 248 11.46 -14.08 4.14
N ARG D 249 12.54 -13.27 4.17
CA ARG D 249 13.82 -13.68 3.58
C ARG D 249 14.58 -14.55 4.58
N LEU D 250 13.97 -15.69 4.91
CA LEU D 250 14.48 -16.70 5.83
C LEU D 250 15.93 -17.12 5.54
N GLY D 251 16.64 -17.45 6.61
CA GLY D 251 18.02 -17.91 6.55
C GLY D 251 18.09 -19.43 6.49
N TYR D 252 16.90 -20.09 6.42
CA TYR D 252 16.76 -21.54 6.36
C TYR D 252 15.95 -22.08 5.15
N ILE D 253 16.18 -23.37 4.78
CA ILE D 253 15.50 -24.06 3.67
C ILE D 253 14.12 -24.57 4.10
N THR D 254 13.12 -24.20 3.30
CA THR D 254 11.70 -24.56 3.42
C THR D 254 11.52 -25.89 2.67
N LEU D 255 10.48 -26.66 3.02
CA LEU D 255 10.18 -27.88 2.28
C LEU D 255 9.86 -27.47 0.84
N MET D 256 9.19 -26.30 0.69
CA MET D 256 8.84 -25.72 -0.61
C MET D 256 10.10 -25.41 -1.42
N ASP D 257 11.15 -24.86 -0.78
CA ASP D 257 12.43 -24.54 -1.43
C ASP D 257 13.02 -25.81 -1.98
N ALA D 258 13.07 -26.87 -1.14
CA ALA D 258 13.59 -28.19 -1.50
C ALA D 258 12.88 -28.74 -2.75
N PHE D 259 11.54 -28.75 -2.77
CA PHE D 259 10.74 -29.17 -3.90
C PHE D 259 11.14 -28.39 -5.16
N LEU D 260 11.24 -27.05 -5.05
CA LEU D 260 11.60 -26.23 -6.19
C LEU D 260 13.02 -26.50 -6.70
N VAL D 261 14.00 -26.58 -5.80
CA VAL D 261 15.39 -26.89 -6.16
C VAL D 261 15.45 -28.25 -6.83
N GLY D 262 14.60 -29.16 -6.37
CA GLY D 262 14.48 -30.51 -6.90
C GLY D 262 14.08 -30.50 -8.35
N THR D 263 13.01 -29.72 -8.68
CA THR D 263 12.53 -29.57 -10.05
C THR D 263 13.61 -28.97 -10.95
N PHE D 264 14.41 -28.01 -10.41
CA PHE D 264 15.52 -27.44 -11.15
C PHE D 264 16.52 -28.52 -11.57
N ILE D 265 17.03 -29.32 -10.59
CA ILE D 265 18.01 -30.39 -10.83
C ILE D 265 17.53 -31.38 -11.89
N ILE D 266 16.32 -31.92 -11.76
CA ILE D 266 15.81 -32.88 -12.75
C ILE D 266 15.76 -32.25 -14.15
N THR D 267 15.17 -31.05 -14.25
CA THR D 267 15.07 -30.30 -15.51
C THR D 267 16.45 -30.07 -16.14
N ALA D 268 17.45 -29.70 -15.29
CA ALA D 268 18.83 -29.50 -15.73
C ALA D 268 19.35 -30.78 -16.37
N LEU D 269 19.13 -31.94 -15.71
CA LEU D 269 19.59 -33.24 -16.23
C LEU D 269 18.83 -33.64 -17.47
N VAL D 270 17.51 -33.26 -17.54
CA VAL D 270 16.70 -33.54 -18.74
C VAL D 270 17.36 -32.89 -19.97
N VAL D 271 17.77 -31.59 -19.83
CA VAL D 271 18.52 -30.85 -20.84
C VAL D 271 19.81 -31.63 -21.16
N LEU D 272 20.67 -31.84 -20.14
CA LEU D 272 21.95 -32.53 -20.23
C LEU D 272 21.90 -33.84 -21.01
N GLY D 273 20.99 -34.72 -20.61
CA GLY D 273 20.78 -36.04 -21.21
C GLY D 273 20.38 -35.99 -22.66
N ASN D 274 19.30 -35.24 -22.97
CA ASN D 274 18.80 -35.09 -24.34
C ASN D 274 19.81 -34.45 -25.27
N VAL D 275 20.75 -33.62 -24.73
CA VAL D 275 21.87 -33.02 -25.50
C VAL D 275 22.77 -34.20 -25.96
N TRP D 276 23.03 -35.14 -25.04
CA TRP D 276 23.86 -36.30 -25.34
C TRP D 276 23.23 -37.18 -26.43
N LEU D 277 21.92 -37.49 -26.28
CA LEU D 277 21.18 -38.31 -27.25
C LEU D 277 21.17 -37.66 -28.64
N ARG D 278 21.03 -36.32 -28.69
CA ARG D 278 21.05 -35.54 -29.93
C ARG D 278 22.45 -35.47 -30.47
N ARG D 279 23.48 -35.55 -29.61
CA ARG D 279 24.87 -35.57 -30.06
C ARG D 279 25.18 -36.94 -30.70
N LEU D 280 24.58 -38.05 -30.21
CA LEU D 280 24.77 -39.39 -30.83
C LEU D 280 24.21 -39.43 -32.25
N GLU D 281 22.98 -38.90 -32.40
CA GLU D 281 22.20 -38.75 -33.62
C GLU D 281 23.02 -37.96 -34.65
N ASN D 282 23.61 -36.84 -34.19
CA ASN D 282 24.48 -35.95 -34.96
C ASN D 282 25.76 -36.62 -35.45
N HIS D 283 26.31 -37.58 -34.68
CA HIS D 283 27.56 -38.27 -35.00
C HIS D 283 27.35 -39.64 -35.67
N GLY D 284 26.22 -39.77 -36.33
CA GLY D 284 25.84 -40.95 -37.11
C GLY D 284 25.52 -42.18 -36.30
N LYS D 285 25.15 -41.99 -35.04
CA LYS D 285 24.80 -43.12 -34.18
C LYS D 285 23.33 -42.96 -33.75
N GLN D 286 22.46 -42.55 -34.71
CA GLN D 286 21.00 -42.35 -34.58
C GLN D 286 20.27 -43.62 -34.01
N ALA D 287 20.69 -44.82 -34.46
CA ALA D 287 20.15 -46.14 -34.07
C ALA D 287 20.34 -46.41 -32.59
N LEU D 288 21.50 -46.00 -32.05
CA LEU D 288 21.91 -46.14 -30.65
C LEU D 288 21.09 -45.22 -29.79
N ALA D 289 20.95 -43.92 -30.19
CA ALA D 289 20.16 -42.86 -29.51
C ALA D 289 18.76 -43.41 -29.26
N ARG D 290 18.19 -44.10 -30.30
CA ARG D 290 16.87 -44.73 -30.33
C ARG D 290 16.71 -45.84 -29.30
N LYS D 291 17.74 -46.68 -29.13
CA LYS D 291 17.68 -47.75 -28.12
C LYS D 291 17.74 -47.17 -26.71
N LEU D 292 18.73 -46.29 -26.45
CA LEU D 292 18.91 -45.61 -25.16
C LEU D 292 17.71 -44.77 -24.75
N ASP D 293 16.99 -44.26 -25.75
CA ASP D 293 15.80 -43.41 -25.60
C ASP D 293 14.77 -44.00 -24.62
N ILE D 294 14.75 -45.34 -24.46
CA ILE D 294 13.79 -45.95 -23.55
C ILE D 294 14.12 -45.60 -22.08
N TYR D 295 15.42 -45.39 -21.78
CA TYR D 295 15.90 -44.97 -20.47
C TYR D 295 15.49 -43.52 -20.35
N ALA D 296 15.73 -42.73 -21.40
CA ALA D 296 15.37 -41.31 -21.46
C ALA D 296 13.88 -41.08 -21.17
N ILE D 297 13.00 -41.88 -21.78
CA ILE D 297 11.56 -41.76 -21.60
C ILE D 297 11.14 -42.18 -20.18
N THR D 298 11.65 -43.32 -19.67
CA THR D 298 11.25 -43.81 -18.35
C THR D 298 12.01 -43.14 -17.15
N SER D 299 13.13 -42.46 -17.40
CA SER D 299 13.86 -41.77 -16.34
C SER D 299 12.98 -40.67 -15.83
N TYR D 300 12.57 -39.76 -16.74
CA TYR D 300 11.72 -38.62 -16.47
C TYR D 300 10.66 -38.89 -15.37
N PRO D 301 9.70 -39.86 -15.52
CA PRO D 301 8.72 -40.08 -14.44
C PRO D 301 9.32 -40.55 -13.12
N LEU D 302 10.25 -41.54 -13.18
CA LEU D 302 10.92 -42.09 -12.01
C LEU D 302 11.69 -41.02 -11.27
N ALA D 303 12.47 -40.18 -11.99
CA ALA D 303 13.27 -39.09 -11.44
C ALA D 303 12.43 -38.20 -10.51
N TYR D 304 11.26 -37.74 -11.01
CA TYR D 304 10.34 -36.89 -10.23
C TYR D 304 9.70 -37.62 -9.06
N LEU D 305 9.38 -38.92 -9.21
CA LEU D 305 8.78 -39.74 -8.16
C LEU D 305 9.78 -40.09 -7.06
N LEU D 306 11.04 -40.32 -7.46
CA LEU D 306 12.18 -40.59 -6.61
C LEU D 306 12.44 -39.34 -5.79
N GLY D 307 12.46 -38.20 -6.45
CA GLY D 307 12.67 -36.89 -5.83
C GLY D 307 11.60 -36.56 -4.79
N ALA D 308 10.33 -36.91 -5.11
CA ALA D 308 9.17 -36.69 -4.23
C ALA D 308 9.23 -37.55 -2.96
N LEU D 309 9.69 -38.81 -3.06
CA LEU D 309 9.87 -39.66 -1.88
C LEU D 309 11.06 -39.18 -1.02
N THR D 310 12.11 -38.67 -1.69
CA THR D 310 13.32 -38.14 -1.08
C THR D 310 12.99 -36.96 -0.15
N LEU D 311 12.24 -35.94 -0.61
CA LEU D 311 11.90 -34.82 0.28
C LEU D 311 10.99 -35.29 1.40
N TRP D 312 10.01 -36.16 1.08
CA TRP D 312 9.10 -36.69 2.08
C TRP D 312 9.86 -37.41 3.19
N LEU D 313 10.86 -38.24 2.85
CA LEU D 313 11.66 -38.92 3.87
C LEU D 313 12.50 -37.88 4.59
N LEU D 314 13.27 -37.06 3.83
CA LEU D 314 14.17 -36.00 4.27
C LEU D 314 13.52 -34.94 5.22
N PHE D 315 12.19 -34.81 5.19
CA PHE D 315 11.45 -33.86 6.03
C PHE D 315 10.46 -34.55 6.99
N PHE D 316 10.02 -35.80 6.72
CA PHE D 316 9.04 -36.53 7.54
C PHE D 316 9.41 -38.02 7.72
N GLU E 7 -38.32 -0.50 35.59
CA GLU E 7 -38.43 -1.20 34.31
C GLU E 7 -37.32 -0.81 33.25
N PRO E 8 -37.11 -1.53 32.11
CA PRO E 8 -36.03 -1.12 31.18
C PRO E 8 -36.39 0.02 30.22
N SER E 9 -35.43 0.94 29.96
CA SER E 9 -35.65 2.08 29.06
C SER E 9 -35.44 1.71 27.59
N ASP E 10 -36.41 2.08 26.73
CA ASP E 10 -36.32 1.83 25.29
C ASP E 10 -35.36 2.83 24.68
N VAL E 11 -34.42 2.30 23.89
CA VAL E 11 -33.37 3.02 23.18
C VAL E 11 -33.63 2.73 21.69
N PHE E 12 -33.92 3.79 20.89
CA PHE E 12 -34.25 3.65 19.48
C PHE E 12 -33.04 3.82 18.60
N ILE E 13 -32.68 2.74 17.87
CA ILE E 13 -31.51 2.68 16.99
C ILE E 13 -31.92 2.80 15.53
N GLY E 14 -31.24 3.70 14.83
CA GLY E 14 -31.36 3.95 13.40
C GLY E 14 -29.97 3.95 12.78
N LEU E 15 -29.80 3.30 11.62
CA LEU E 15 -28.48 3.28 10.96
C LEU E 15 -28.64 3.38 9.46
N LYS E 16 -28.10 4.44 8.85
CA LYS E 16 -28.19 4.63 7.42
C LYS E 16 -26.80 4.60 6.77
N ILE E 17 -26.56 3.66 5.81
CA ILE E 17 -25.31 3.60 5.05
C ILE E 17 -25.48 4.60 3.90
N ASP E 18 -24.62 5.62 3.83
CA ASP E 18 -24.67 6.64 2.78
C ASP E 18 -23.82 6.27 1.57
N GLN E 19 -22.68 5.59 1.82
CA GLN E 19 -21.70 5.21 0.80
C GLN E 19 -21.13 3.84 1.08
N ILE E 20 -20.86 3.07 0.02
CA ILE E 20 -20.12 1.82 0.09
C ILE E 20 -18.80 2.27 -0.51
N THR E 21 -17.80 2.51 0.34
CA THR E 21 -16.49 3.01 -0.10
C THR E 21 -15.67 1.90 -0.76
N GLY E 22 -16.12 0.66 -0.57
CA GLY E 22 -15.48 -0.51 -1.14
C GLY E 22 -15.80 -1.79 -0.41
N ILE E 23 -15.76 -2.89 -1.16
CA ILE E 23 -15.94 -4.23 -0.64
C ILE E 23 -14.62 -4.90 -0.98
N ASN E 24 -13.90 -5.42 0.03
CA ASN E 24 -12.61 -6.07 -0.22
C ASN E 24 -12.84 -7.57 -0.05
N GLN E 25 -13.01 -8.30 -1.18
CA GLN E 25 -13.29 -9.72 -1.07
C GLN E 25 -12.09 -10.53 -0.66
N LYS E 26 -10.88 -10.09 -1.04
CA LYS E 26 -9.64 -10.78 -0.68
C LYS E 26 -9.47 -10.84 0.88
N GLU E 27 -9.92 -9.78 1.56
CA GLU E 27 -9.90 -9.61 3.03
C GLU E 27 -11.24 -9.84 3.73
N GLU E 28 -12.30 -10.21 2.96
CA GLU E 28 -13.65 -10.47 3.48
C GLU E 28 -14.12 -9.43 4.52
N ASN E 29 -14.13 -8.17 4.07
CA ASN E 29 -14.57 -6.98 4.78
C ASN E 29 -15.15 -5.99 3.75
N PHE E 30 -15.91 -5.01 4.22
CA PHE E 30 -16.47 -3.95 3.38
C PHE E 30 -16.36 -2.65 4.17
N SER E 31 -16.40 -1.52 3.48
CA SER E 31 -16.25 -0.22 4.13
C SER E 31 -17.35 0.71 3.70
N VAL E 32 -17.91 1.46 4.67
CA VAL E 32 -19.04 2.36 4.48
C VAL E 32 -18.94 3.69 5.24
N VAL E 33 -19.61 4.73 4.72
CA VAL E 33 -19.79 6.02 5.36
C VAL E 33 -21.24 5.93 5.78
N GLY E 34 -21.52 6.16 7.07
CA GLY E 34 -22.88 6.05 7.59
C GLY E 34 -23.20 6.95 8.76
N SER E 35 -24.48 7.01 9.11
CA SER E 35 -24.99 7.80 10.22
C SER E 35 -25.77 6.91 11.18
N LEU E 36 -25.45 7.01 12.46
CA LEU E 36 -26.15 6.28 13.49
C LEU E 36 -27.02 7.29 14.21
N ARG E 37 -28.27 6.92 14.47
CA ARG E 37 -29.21 7.79 15.15
C ARG E 37 -29.81 7.07 16.34
N ILE E 38 -29.75 7.72 17.52
CA ILE E 38 -30.28 7.18 18.77
C ILE E 38 -31.27 8.16 19.38
N ASP E 39 -32.43 7.66 19.82
CA ASP E 39 -33.45 8.42 20.55
C ASP E 39 -33.69 7.64 21.84
N TRP E 40 -33.32 8.23 22.98
CA TRP E 40 -33.43 7.59 24.28
C TRP E 40 -33.93 8.61 25.27
N ARG E 41 -35.04 8.30 25.94
CA ARG E 41 -35.63 9.20 26.93
C ARG E 41 -35.24 8.80 28.33
N GLN E 42 -34.56 9.72 29.00
CA GLN E 42 -34.10 9.57 30.37
C GLN E 42 -34.78 10.69 31.16
N PRO E 43 -35.80 10.35 31.97
CA PRO E 43 -36.52 11.37 32.74
C PRO E 43 -35.64 12.19 33.68
N LEU E 44 -34.55 11.58 34.22
CA LEU E 44 -33.62 12.29 35.11
C LEU E 44 -32.89 13.45 34.40
N LEU E 45 -32.74 13.36 33.04
CA LEU E 45 -32.08 14.37 32.21
C LEU E 45 -32.94 15.61 31.96
N ALA E 46 -34.24 15.53 32.28
CA ALA E 46 -35.21 16.61 32.16
C ALA E 46 -34.72 17.89 32.84
N PHE E 47 -34.99 19.04 32.20
CA PHE E 47 -34.56 20.33 32.70
C PHE E 47 -35.63 21.39 32.57
N GLU E 48 -35.57 22.36 33.48
CA GLU E 48 -36.45 23.49 33.46
C GLU E 48 -35.65 24.65 32.86
N HIS E 49 -36.35 25.50 32.09
CA HIS E 49 -35.81 26.68 31.42
C HIS E 49 -36.68 27.89 31.79
N ALA E 50 -36.04 29.06 32.00
CA ALA E 50 -36.79 30.30 32.29
C ALA E 50 -37.34 30.79 30.94
N PRO E 51 -38.49 31.54 30.92
CA PRO E 51 -39.07 31.96 29.62
C PRO E 51 -38.07 32.61 28.64
N GLY E 52 -38.16 32.23 27.37
CA GLY E 52 -37.32 32.77 26.32
C GLY E 52 -36.07 31.96 25.99
N GLU E 53 -35.46 31.35 27.02
CA GLU E 53 -34.23 30.53 26.90
C GLU E 53 -34.50 29.18 26.19
N PRO E 54 -33.47 28.46 25.65
CA PRO E 54 -33.75 27.24 24.86
C PRO E 54 -34.39 26.06 25.57
N LYS E 55 -35.35 25.43 24.84
CA LYS E 55 -36.12 24.24 25.21
C LYS E 55 -35.30 23.02 24.82
N HIS E 56 -34.27 23.25 23.97
CA HIS E 56 -33.36 22.21 23.50
C HIS E 56 -31.88 22.56 23.69
N ARG E 57 -31.21 21.86 24.62
CA ARG E 57 -29.80 22.05 24.89
C ARG E 57 -29.01 21.19 23.90
N THR E 58 -27.99 21.79 23.25
CA THR E 58 -27.16 21.04 22.30
C THR E 58 -25.74 20.91 22.87
N TYR E 59 -25.24 19.67 22.85
CA TYR E 59 -23.95 19.34 23.44
C TYR E 59 -23.05 18.61 22.51
N THR E 60 -21.74 18.67 22.80
CA THR E 60 -20.73 17.85 22.12
C THR E 60 -20.85 16.51 22.89
N LEU E 61 -20.36 15.40 22.33
CA LEU E 61 -20.45 14.13 23.07
C LEU E 61 -19.68 14.14 24.42
N ALA E 62 -18.48 14.74 24.40
CA ALA E 62 -17.60 14.83 25.55
C ALA E 62 -18.22 15.54 26.71
N THR E 63 -18.85 16.71 26.50
CA THR E 63 -19.45 17.37 27.67
C THR E 63 -20.81 16.73 28.03
N PHE E 64 -21.40 15.92 27.13
CA PHE E 64 -22.64 15.22 27.46
C PHE E 64 -22.35 14.07 28.37
N LEU E 65 -21.34 13.23 28.05
CA LEU E 65 -20.96 12.11 28.89
C LEU E 65 -20.54 12.59 30.28
N LYS E 66 -19.80 13.71 30.35
CA LYS E 66 -19.34 14.29 31.61
C LYS E 66 -20.52 14.71 32.49
N LEU E 67 -21.58 15.21 31.83
CA LEU E 67 -22.82 15.62 32.48
C LEU E 67 -23.51 14.36 33.06
N LEU E 68 -23.46 13.22 32.33
CA LEU E 68 -24.06 11.94 32.77
C LEU E 68 -23.37 11.43 34.02
N GLU E 69 -22.03 11.43 34.00
CA GLU E 69 -21.19 11.03 35.13
C GLU E 69 -21.46 11.86 36.42
N GLU E 70 -21.78 13.18 36.29
CA GLU E 70 -22.09 14.05 37.46
C GLU E 70 -23.43 13.65 38.01
N LYS E 71 -24.42 13.50 37.12
CA LYS E 71 -25.78 13.13 37.43
C LYS E 71 -25.89 11.63 37.81
N GLN E 72 -24.76 10.89 37.76
CA GLN E 72 -24.65 9.45 38.01
C GLN E 72 -25.68 8.65 37.18
N ILE E 73 -25.75 8.98 35.87
CA ILE E 73 -26.64 8.33 34.93
C ILE E 73 -25.83 7.41 34.03
N ARG E 74 -26.33 6.17 33.85
CA ARG E 74 -25.75 5.14 32.99
C ARG E 74 -26.36 5.33 31.61
N TRP E 75 -25.51 5.43 30.60
CA TRP E 75 -25.91 5.61 29.22
C TRP E 75 -25.96 4.24 28.52
N PRO E 76 -26.78 4.07 27.45
CA PRO E 76 -26.82 2.76 26.79
C PRO E 76 -25.57 2.51 25.97
N ALA E 77 -24.45 2.20 26.65
CA ALA E 77 -23.15 1.95 26.00
C ALA E 77 -23.33 0.83 24.99
N PHE E 78 -22.97 1.11 23.73
CA PHE E 78 -23.13 0.20 22.58
C PHE E 78 -21.83 -0.04 21.81
N THR E 79 -21.77 -1.13 21.03
CA THR E 79 -20.60 -1.46 20.25
C THR E 79 -21.01 -1.98 18.88
N TYR E 80 -20.20 -1.65 17.84
CA TYR E 80 -20.41 -2.18 16.49
C TYR E 80 -19.64 -3.47 16.50
N HIS E 81 -20.32 -4.56 16.80
CA HIS E 81 -19.70 -5.87 16.99
C HIS E 81 -18.76 -6.33 15.85
N ASN E 82 -19.21 -6.18 14.61
CA ASN E 82 -18.40 -6.62 13.48
C ASN E 82 -17.48 -5.52 12.92
N GLN E 83 -17.20 -4.42 13.72
CA GLN E 83 -16.30 -3.33 13.31
C GLN E 83 -14.86 -3.79 13.11
N GLN E 84 -14.12 -3.07 12.27
CA GLN E 84 -12.73 -3.39 11.99
C GLN E 84 -11.84 -2.13 11.94
N GLY E 85 -10.82 -2.15 12.80
CA GLY E 85 -9.86 -1.05 12.91
C GLY E 85 -10.46 0.24 13.44
N ARG E 86 -10.10 1.36 12.80
CA ARG E 86 -10.54 2.68 13.23
C ARG E 86 -11.82 3.10 12.61
N MET E 87 -12.62 3.83 13.39
CA MET E 87 -13.84 4.43 12.92
C MET E 87 -13.60 5.92 12.98
N ASP E 88 -13.37 6.55 11.81
CA ASP E 88 -13.12 7.97 11.67
C ASP E 88 -14.46 8.69 11.80
N PHE E 89 -14.67 9.44 12.92
CA PHE E 89 -15.93 10.16 13.13
C PHE E 89 -15.93 11.52 12.49
N GLN E 90 -17.10 11.92 12.02
CA GLN E 90 -17.30 13.22 11.43
C GLN E 90 -18.08 14.09 12.40
N ASN E 91 -19.18 13.52 12.97
CA ASN E 91 -20.12 14.19 13.87
C ASN E 91 -20.53 13.23 14.97
N ARG E 92 -20.50 13.73 16.21
CA ARG E 92 -20.93 13.02 17.43
C ARG E 92 -21.59 14.10 18.25
N LEU E 93 -22.89 14.34 17.98
CA LEU E 93 -23.69 15.44 18.55
C LEU E 93 -24.93 14.97 19.31
N ILE E 94 -25.26 15.70 20.39
CA ILE E 94 -26.39 15.40 21.26
C ILE E 94 -27.34 16.59 21.35
N SER E 95 -28.66 16.37 21.19
CA SER E 95 -29.67 17.41 21.38
C SER E 95 -30.67 16.92 22.44
N LEU E 96 -30.70 17.61 23.58
CA LEU E 96 -31.48 17.27 24.75
C LEU E 96 -32.68 18.19 24.96
N SER E 97 -33.88 17.61 25.04
CA SER E 97 -35.12 18.36 25.22
C SER E 97 -35.43 18.56 26.70
N GLU E 98 -36.35 19.51 27.01
CA GLU E 98 -36.84 19.79 28.37
C GLU E 98 -37.22 18.44 29.04
N ASP E 99 -37.86 17.55 28.23
CA ASP E 99 -38.39 16.20 28.54
C ASP E 99 -37.36 15.21 29.09
N GLY E 100 -36.18 15.21 28.48
CA GLY E 100 -35.11 14.27 28.77
C GLY E 100 -34.80 13.44 27.54
N THR E 101 -35.51 13.74 26.41
CA THR E 101 -35.31 13.07 25.12
C THR E 101 -33.94 13.47 24.55
N VAL E 102 -33.00 12.52 24.62
CA VAL E 102 -31.66 12.69 24.08
C VAL E 102 -31.70 12.14 22.67
N MET E 103 -31.28 12.97 21.70
CA MET E 103 -31.19 12.63 20.29
C MET E 103 -29.70 12.65 19.94
N TYR E 104 -29.15 11.48 19.62
CA TYR E 104 -27.74 11.35 19.30
C TYR E 104 -27.57 11.05 17.83
N LEU E 105 -26.51 11.64 17.21
CA LEU E 105 -26.12 11.45 15.80
C LEU E 105 -24.62 11.17 15.77
N GLU E 106 -24.23 10.11 15.07
CA GLU E 106 -22.86 9.65 14.93
C GLU E 106 -22.60 9.39 13.45
N ARG E 107 -21.85 10.29 12.77
CA ARG E 107 -21.50 10.12 11.35
C ARG E 107 -20.12 9.53 11.34
N PHE E 108 -19.93 8.40 10.66
CA PHE E 108 -18.63 7.73 10.67
C PHE E 108 -18.29 7.10 9.35
N THR E 109 -17.01 6.73 9.21
CA THR E 109 -16.47 5.95 8.10
C THR E 109 -15.84 4.73 8.77
N SER E 110 -16.18 3.52 8.32
CA SER E 110 -15.59 2.36 8.95
C SER E 110 -15.60 1.14 8.07
N THR E 111 -14.61 0.24 8.30
CA THR E 111 -14.55 -1.06 7.66
C THR E 111 -15.25 -2.02 8.61
N PHE E 112 -15.99 -2.97 8.08
CA PHE E 112 -16.70 -3.96 8.85
C PHE E 112 -16.38 -5.38 8.33
N GLN E 113 -16.52 -6.38 9.19
CA GLN E 113 -16.31 -7.77 8.84
C GLN E 113 -17.44 -8.29 7.98
N ALA E 114 -17.08 -9.03 6.94
CA ALA E 114 -18.02 -9.68 6.04
C ALA E 114 -17.78 -11.20 6.20
N PRO E 115 -18.29 -11.81 7.30
CA PRO E 115 -17.99 -13.23 7.54
C PRO E 115 -18.89 -14.18 6.79
N ALA E 116 -19.93 -13.65 6.12
CA ALA E 116 -20.95 -14.41 5.37
C ALA E 116 -20.54 -14.79 3.92
N PHE E 117 -19.30 -14.45 3.54
CA PHE E 117 -18.71 -14.62 2.22
C PHE E 117 -18.56 -16.07 1.75
N ASP E 118 -19.29 -16.41 0.68
CA ASP E 118 -19.30 -17.75 0.05
C ASP E 118 -19.00 -17.63 -1.44
N PHE E 119 -17.76 -17.94 -1.81
CA PHE E 119 -17.30 -17.84 -3.18
C PHE E 119 -17.53 -19.09 -4.07
N ARG E 120 -18.29 -20.11 -3.58
CA ARG E 120 -18.52 -21.36 -4.32
C ARG E 120 -19.03 -21.13 -5.76
N LEU E 121 -19.93 -20.13 -5.96
CA LEU E 121 -20.47 -19.82 -7.29
C LEU E 121 -19.82 -18.60 -7.96
N PHE E 122 -18.73 -18.03 -7.40
CA PHE E 122 -18.03 -16.86 -7.96
C PHE E 122 -17.72 -17.11 -9.44
N PRO E 123 -17.99 -16.15 -10.37
CA PRO E 123 -18.47 -14.76 -10.20
C PRO E 123 -19.97 -14.57 -10.16
N PHE E 124 -20.74 -15.69 -10.17
CA PHE E 124 -22.21 -15.68 -10.20
C PHE E 124 -22.85 -15.56 -8.81
N ASP E 125 -22.02 -15.46 -7.77
CA ASP E 125 -22.40 -15.36 -6.36
C ASP E 125 -23.22 -14.11 -5.96
N ASN E 126 -24.00 -14.24 -4.87
CA ASN E 126 -24.77 -13.21 -4.15
C ASN E 126 -24.31 -13.32 -2.66
N GLN E 127 -23.91 -12.19 -2.04
CA GLN E 127 -23.42 -12.20 -0.66
C GLN E 127 -24.29 -11.42 0.30
N LEU E 128 -24.09 -11.65 1.59
CA LEU E 128 -24.78 -10.93 2.66
C LEU E 128 -23.77 -10.12 3.44
N PHE E 129 -24.05 -8.83 3.58
CA PHE E 129 -23.25 -7.91 4.37
C PHE E 129 -24.14 -7.36 5.46
N PHE E 130 -23.57 -7.11 6.64
CA PHE E 130 -24.35 -6.58 7.77
C PHE E 130 -23.52 -5.73 8.74
N ILE E 131 -24.22 -5.05 9.65
CA ILE E 131 -23.63 -4.27 10.73
C ILE E 131 -24.39 -4.63 12.01
N HIS E 132 -23.66 -5.06 13.04
CA HIS E 132 -24.24 -5.40 14.32
C HIS E 132 -23.97 -4.25 15.27
N VAL E 133 -25.02 -3.75 15.91
CA VAL E 133 -24.98 -2.67 16.90
C VAL E 133 -25.51 -3.32 18.16
N ASP E 134 -24.58 -3.72 19.04
CA ASP E 134 -24.87 -4.43 20.29
C ASP E 134 -25.00 -3.47 21.46
N SER E 135 -25.83 -3.81 22.44
CA SER E 135 -25.88 -3.04 23.66
C SER E 135 -24.89 -3.76 24.59
N ILE E 136 -24.00 -3.01 25.28
CA ILE E 136 -23.11 -3.62 26.27
C ILE E 136 -23.96 -4.08 27.45
N PHE E 137 -24.94 -3.27 27.84
CA PHE E 137 -25.85 -3.58 28.96
C PHE E 137 -27.02 -4.53 28.59
N PRO E 138 -27.40 -5.43 29.52
CA PRO E 138 -28.49 -6.38 29.23
C PRO E 138 -29.89 -5.78 29.19
N GLN E 139 -30.79 -6.47 28.45
CA GLN E 139 -32.20 -6.14 28.19
C GLN E 139 -33.04 -5.75 29.41
N HIS E 140 -32.58 -6.05 30.63
CA HIS E 140 -33.30 -5.64 31.85
C HIS E 140 -33.09 -4.15 32.17
N LEU E 141 -32.05 -3.53 31.56
CA LEU E 141 -31.70 -2.13 31.74
C LEU E 141 -32.09 -1.32 30.51
N PHE E 142 -31.65 -1.78 29.31
CA PHE E 142 -31.91 -1.12 28.03
C PHE E 142 -32.41 -2.09 26.96
N ARG E 143 -33.58 -1.77 26.39
CA ARG E 143 -34.13 -2.56 25.30
C ARG E 143 -34.09 -1.77 23.98
N PHE E 144 -33.36 -2.31 22.99
CA PHE E 144 -33.20 -1.69 21.68
C PHE E 144 -34.47 -1.83 20.87
N GLN E 145 -34.88 -0.70 20.26
CA GLN E 145 -36.05 -0.63 19.39
C GLN E 145 -35.65 -0.01 18.05
N GLU E 146 -36.41 -0.30 16.98
CA GLU E 146 -36.10 0.22 15.65
C GLU E 146 -36.67 1.63 15.49
N MET E 147 -35.77 2.62 15.30
CA MET E 147 -36.10 4.02 14.98
C MET E 147 -36.74 3.91 13.60
N GLN E 148 -37.94 4.47 13.41
CA GLN E 148 -38.77 4.23 12.24
C GLN E 148 -38.36 4.82 10.86
N GLY E 149 -38.30 6.14 10.67
CA GLY E 149 -38.03 6.63 9.31
C GLY E 149 -36.57 6.87 8.94
N PHE E 150 -35.65 5.93 9.25
CA PHE E 150 -34.25 6.27 9.05
C PHE E 150 -33.33 5.25 8.42
N SER E 151 -33.20 4.07 9.04
CA SER E 151 -32.28 3.00 8.64
C SER E 151 -32.38 2.54 7.15
N GLY E 152 -31.29 1.98 6.64
CA GLY E 152 -31.19 1.48 5.26
C GLY E 152 -29.97 1.95 4.49
N LEU E 153 -30.03 1.85 3.16
CA LEU E 153 -28.93 2.26 2.27
C LEU E 153 -29.39 3.43 1.41
N GLY E 154 -28.45 4.32 1.05
CA GLY E 154 -28.70 5.52 0.26
C GLY E 154 -28.92 5.34 -1.24
N ASP E 155 -28.96 6.48 -1.96
CA ASP E 155 -29.18 6.60 -3.41
C ASP E 155 -27.87 6.71 -4.16
N GLN E 156 -26.83 7.29 -3.51
CA GLN E 156 -25.49 7.43 -4.10
C GLN E 156 -24.44 6.63 -3.29
N LEU E 157 -24.45 5.28 -3.40
CA LEU E 157 -23.53 4.45 -2.64
C LEU E 157 -22.12 4.41 -3.25
N GLY E 158 -22.03 4.70 -4.55
CA GLY E 158 -20.76 4.76 -5.25
C GLY E 158 -20.14 3.45 -5.69
N GLU E 159 -20.79 2.30 -5.40
CA GLU E 159 -20.26 0.98 -5.80
C GLU E 159 -20.62 0.71 -7.27
N GLU E 160 -19.68 0.09 -8.03
CA GLU E 160 -19.86 -0.12 -9.46
C GLU E 160 -20.01 -1.57 -9.89
N GLU E 161 -19.50 -2.53 -9.08
CA GLU E 161 -19.54 -3.98 -9.38
C GLU E 161 -20.65 -4.65 -8.62
N TRP E 162 -20.82 -4.30 -7.36
CA TRP E 162 -21.90 -4.89 -6.61
C TRP E 162 -23.20 -4.13 -6.85
N ILE E 163 -24.30 -4.84 -6.75
CA ILE E 163 -25.62 -4.27 -6.94
C ILE E 163 -26.53 -4.87 -5.86
N VAL E 164 -26.96 -3.99 -4.92
CA VAL E 164 -27.79 -4.36 -3.76
C VAL E 164 -29.17 -4.87 -4.20
N THR E 165 -29.39 -6.17 -3.95
CA THR E 165 -30.60 -6.93 -4.29
C THR E 165 -31.73 -6.73 -3.26
N GLU E 166 -31.39 -6.50 -1.96
CA GLU E 166 -32.35 -6.30 -0.86
C GLU E 166 -31.66 -5.80 0.40
N VAL E 167 -32.40 -5.08 1.28
CA VAL E 167 -31.91 -4.52 2.56
C VAL E 167 -32.96 -4.77 3.68
N ASN E 168 -32.52 -5.11 4.92
CA ASN E 168 -33.41 -5.37 6.06
C ASN E 168 -32.83 -4.91 7.38
N THR E 169 -33.70 -4.62 8.34
CA THR E 169 -33.29 -4.35 9.71
C THR E 169 -34.11 -5.21 10.61
N HIS E 170 -33.49 -5.70 11.69
CA HIS E 170 -34.13 -6.56 12.68
C HIS E 170 -33.38 -6.52 13.99
N LEU E 171 -34.11 -6.76 15.08
CA LEU E 171 -33.53 -6.78 16.42
C LEU E 171 -33.41 -8.22 16.88
N THR E 172 -32.37 -8.54 17.66
CA THR E 172 -32.14 -9.85 18.29
C THR E 172 -31.35 -9.72 19.59
N THR E 173 -30.71 -10.81 20.03
CA THR E 173 -29.96 -10.80 21.28
C THR E 173 -28.60 -11.40 21.12
N HIS E 174 -27.70 -11.07 22.04
CA HIS E 174 -26.35 -11.57 22.15
C HIS E 174 -26.04 -11.73 23.66
N ASN E 175 -24.95 -12.45 24.00
CA ASN E 175 -24.53 -12.70 25.39
C ASN E 175 -23.03 -12.43 25.60
N GLU E 176 -22.47 -11.55 24.76
CA GLU E 176 -21.06 -11.16 24.70
C GLU E 176 -20.43 -10.80 26.05
N PHE E 177 -21.05 -9.90 26.83
CA PHE E 177 -20.39 -9.48 28.06
C PHE E 177 -21.08 -9.92 29.29
N THR E 178 -22.37 -10.29 29.15
CA THR E 178 -23.22 -10.70 30.27
C THR E 178 -23.82 -12.11 30.14
N LYS E 179 -24.34 -12.59 31.30
CA LYS E 179 -25.03 -13.87 31.47
C LYS E 179 -26.41 -13.71 30.80
N GLY E 180 -27.13 -12.65 31.21
CA GLY E 180 -28.43 -12.30 30.65
C GLY E 180 -28.35 -11.82 29.21
N ASP E 181 -29.47 -11.92 28.47
CA ASP E 181 -29.51 -11.49 27.06
C ASP E 181 -29.34 -9.99 26.97
N ALA E 182 -28.65 -9.54 25.91
CA ALA E 182 -28.43 -8.13 25.65
C ALA E 182 -28.92 -7.87 24.23
N SER E 183 -29.47 -6.66 23.99
CA SER E 183 -30.04 -6.27 22.70
C SER E 183 -29.01 -6.10 21.57
N ARG E 184 -29.41 -6.46 20.34
CA ARG E 184 -28.61 -6.30 19.14
C ARG E 184 -29.47 -5.83 17.97
N PHE E 185 -29.11 -4.67 17.40
CA PHE E 185 -29.78 -4.12 16.23
C PHE E 185 -28.96 -4.57 15.00
N VAL E 186 -29.64 -5.05 13.95
CA VAL E 186 -28.97 -5.54 12.75
C VAL E 186 -29.46 -4.85 11.49
N LEU E 187 -28.52 -4.33 10.67
CA LEU E 187 -28.78 -3.76 9.36
C LEU E 187 -28.08 -4.68 8.39
N GLU E 188 -28.86 -5.43 7.60
CA GLU E 188 -28.38 -6.40 6.62
C GLU E 188 -28.71 -5.93 5.23
N PHE E 189 -27.91 -6.36 4.27
CA PHE E 189 -28.16 -6.15 2.85
C PHE E 189 -27.51 -7.27 2.03
N HIS E 190 -28.10 -7.57 0.87
CA HIS E 190 -27.57 -8.59 -0.04
C HIS E 190 -27.17 -7.90 -1.32
N ALA E 191 -26.02 -8.27 -1.86
CA ALA E 191 -25.58 -7.71 -3.13
C ALA E 191 -25.06 -8.80 -4.03
N GLU E 192 -25.18 -8.59 -5.35
CA GLU E 192 -24.69 -9.50 -6.37
C GLU E 192 -23.83 -8.76 -7.39
N ARG E 193 -23.02 -9.48 -8.15
CA ARG E 193 -22.07 -8.90 -9.08
C ARG E 193 -22.60 -8.51 -10.45
N HIS E 194 -21.97 -7.47 -11.04
CA HIS E 194 -22.12 -7.01 -12.41
C HIS E 194 -21.05 -7.82 -13.13
N LEU E 195 -21.50 -8.80 -13.92
CA LEU E 195 -20.60 -9.75 -14.59
C LEU E 195 -19.73 -9.17 -15.71
N ASN E 196 -20.01 -7.91 -16.19
CA ASN E 196 -19.27 -7.28 -17.30
C ASN E 196 -17.75 -7.42 -17.22
N TYR E 197 -17.12 -7.05 -16.06
CA TYR E 197 -15.67 -7.16 -15.85
C TYR E 197 -15.19 -8.56 -16.23
N TYR E 198 -15.84 -9.58 -15.67
CA TYR E 198 -15.53 -10.98 -15.86
C TYR E 198 -15.69 -11.36 -17.34
N LEU E 199 -16.80 -10.93 -17.98
CA LEU E 199 -17.02 -11.16 -19.40
C LEU E 199 -15.87 -10.59 -20.25
N MET E 200 -15.55 -9.32 -20.04
CA MET E 200 -14.55 -8.57 -20.78
C MET E 200 -13.14 -8.99 -20.55
N ARG E 201 -12.78 -9.28 -19.31
CA ARG E 201 -11.39 -9.60 -18.98
C ARG E 201 -11.09 -11.07 -18.92
N ILE E 202 -12.08 -11.95 -18.66
CA ILE E 202 -11.80 -13.38 -18.54
C ILE E 202 -12.50 -14.23 -19.60
N LEU E 203 -13.84 -14.18 -19.70
CA LEU E 203 -14.55 -15.02 -20.66
C LEU E 203 -14.13 -14.79 -22.12
N ILE E 204 -14.18 -13.54 -22.61
CA ILE E 204 -13.81 -13.20 -24.00
C ILE E 204 -12.32 -13.55 -24.28
N PRO E 205 -11.30 -13.13 -23.45
CA PRO E 205 -9.90 -13.52 -23.75
C PRO E 205 -9.69 -15.04 -23.80
N VAL E 206 -10.26 -15.80 -22.83
CA VAL E 206 -10.16 -17.26 -22.80
C VAL E 206 -10.83 -17.88 -24.01
N LEU E 207 -12.05 -17.42 -24.36
CA LEU E 207 -12.76 -17.90 -25.55
C LEU E 207 -11.99 -17.59 -26.82
N LEU E 208 -11.31 -16.43 -26.88
CA LEU E 208 -10.53 -16.04 -28.06
C LEU E 208 -9.35 -16.95 -28.26
N ILE E 209 -8.56 -17.20 -27.18
CA ILE E 209 -7.41 -18.08 -27.19
C ILE E 209 -7.83 -19.45 -27.75
N ILE E 210 -8.92 -20.03 -27.21
CA ILE E 210 -9.48 -21.32 -27.63
C ILE E 210 -9.88 -21.32 -29.10
N THR E 211 -10.73 -20.35 -29.52
CA THR E 211 -11.23 -20.28 -30.90
C THR E 211 -10.15 -20.06 -31.96
N VAL E 212 -9.30 -19.05 -31.79
CA VAL E 212 -8.26 -18.77 -32.78
C VAL E 212 -7.23 -19.91 -32.81
N SER E 213 -7.03 -20.60 -31.65
CA SER E 213 -6.14 -21.76 -31.61
C SER E 213 -6.78 -22.91 -32.40
N TRP E 214 -8.10 -23.05 -32.34
CA TRP E 214 -8.78 -24.09 -33.10
C TRP E 214 -8.68 -23.86 -34.60
N PHE E 215 -8.70 -22.59 -35.04
CA PHE E 215 -8.60 -22.24 -36.47
C PHE E 215 -7.38 -22.88 -37.07
N THR E 216 -6.26 -22.85 -36.32
CA THR E 216 -4.98 -23.38 -36.78
C THR E 216 -5.01 -24.88 -37.06
N PHE E 217 -6.02 -25.63 -36.57
CA PHE E 217 -6.10 -27.07 -36.84
C PHE E 217 -6.30 -27.35 -38.33
N PHE E 218 -6.87 -26.38 -39.05
CA PHE E 218 -7.13 -26.53 -40.48
C PHE E 218 -5.83 -26.48 -41.31
N LEU E 219 -4.68 -26.27 -40.64
CA LEU E 219 -3.36 -26.24 -41.27
C LEU E 219 -2.81 -27.66 -41.45
N GLN E 220 -3.32 -28.62 -40.62
CA GLN E 220 -2.94 -30.04 -40.60
C GLN E 220 -1.44 -30.23 -40.23
N ASP E 221 -0.92 -29.34 -39.35
CA ASP E 221 0.42 -29.41 -38.79
C ASP E 221 0.22 -29.78 -37.32
N TYR E 222 0.51 -31.08 -36.96
CA TYR E 222 0.35 -31.63 -35.61
C TYR E 222 1.36 -31.03 -34.63
N THR E 223 2.62 -30.83 -35.07
CA THR E 223 3.68 -30.21 -34.28
C THR E 223 3.25 -28.81 -33.88
N LYS E 224 2.76 -28.02 -34.86
CA LYS E 224 2.30 -26.66 -34.62
C LYS E 224 1.16 -26.62 -33.57
N ARG E 225 0.24 -27.62 -33.59
CA ARG E 225 -0.86 -27.71 -32.63
C ARG E 225 -0.28 -27.92 -31.24
N ILE E 226 0.67 -28.88 -31.11
CA ILE E 226 1.35 -29.21 -29.85
C ILE E 226 1.96 -27.94 -29.21
N ASP E 227 2.79 -27.18 -29.96
CA ASP E 227 3.42 -25.96 -29.49
C ASP E 227 2.38 -24.90 -29.05
N LEU E 228 1.26 -24.85 -29.76
CA LEU E 228 0.21 -23.92 -29.46
C LEU E 228 -0.50 -24.30 -28.17
N ALA E 229 -0.92 -25.59 -28.03
CA ALA E 229 -1.60 -26.10 -26.82
C ALA E 229 -0.66 -26.01 -25.61
N GLY E 230 0.65 -26.05 -25.84
CA GLY E 230 1.63 -25.89 -24.78
C GLY E 230 1.62 -24.51 -24.16
N GLY E 231 1.65 -23.48 -24.99
CA GLY E 231 1.61 -22.11 -24.53
C GLY E 231 0.24 -21.78 -23.97
N ASN E 232 -0.82 -22.28 -24.63
CA ASN E 232 -2.19 -22.09 -24.16
C ASN E 232 -2.33 -22.56 -22.71
N LEU E 233 -1.75 -23.73 -22.39
CA LEU E 233 -1.73 -24.27 -21.04
C LEU E 233 -1.07 -23.26 -20.07
N LEU E 234 0.09 -22.67 -20.46
CA LEU E 234 0.77 -21.67 -19.63
C LEU E 234 -0.09 -20.42 -19.43
N LEU E 235 -0.79 -19.97 -20.49
CA LEU E 235 -1.66 -18.81 -20.45
C LEU E 235 -2.73 -19.03 -19.45
N PHE E 236 -3.34 -20.23 -19.44
CA PHE E 236 -4.41 -20.58 -18.50
C PHE E 236 -3.87 -20.63 -17.07
N ILE E 237 -2.64 -21.17 -16.88
CA ILE E 237 -1.93 -21.17 -15.62
C ILE E 237 -1.76 -19.71 -15.16
N ALA E 238 -1.41 -18.80 -16.08
CA ALA E 238 -1.26 -17.38 -15.74
C ALA E 238 -2.62 -16.81 -15.32
N PHE E 239 -3.66 -16.99 -16.15
CA PHE E 239 -5.02 -16.54 -15.83
C PHE E 239 -5.46 -17.05 -14.46
N ASN E 240 -5.11 -18.30 -14.14
CA ASN E 240 -5.40 -18.96 -12.88
C ASN E 240 -4.83 -18.17 -11.70
N PHE E 241 -3.62 -17.59 -11.86
CA PHE E 241 -3.00 -16.78 -10.81
C PHE E 241 -3.65 -15.43 -10.67
N THR E 242 -4.07 -14.83 -11.78
CA THR E 242 -4.74 -13.52 -11.80
C THR E 242 -6.07 -13.61 -11.05
N ILE E 243 -6.82 -14.72 -11.24
CA ILE E 243 -8.07 -14.95 -10.55
C ILE E 243 -7.80 -15.21 -9.07
N SER E 244 -6.74 -16.00 -8.75
CA SER E 244 -6.31 -16.29 -7.37
C SER E 244 -6.09 -14.99 -6.57
N SER E 245 -5.64 -13.93 -7.26
CA SER E 245 -5.35 -12.64 -6.66
C SER E 245 -6.58 -11.97 -6.01
N ASP E 246 -7.73 -11.89 -6.72
CA ASP E 246 -8.97 -11.28 -6.24
C ASP E 246 -9.49 -11.92 -4.95
N LEU E 247 -9.25 -13.22 -4.76
CA LEU E 247 -9.82 -13.95 -3.64
C LEU E 247 -8.90 -14.40 -2.50
N PRO E 248 -9.48 -14.70 -1.32
CA PRO E 248 -8.68 -15.30 -0.22
C PRO E 248 -8.13 -16.69 -0.58
N ARG E 249 -7.22 -17.23 0.23
CA ARG E 249 -6.65 -18.56 0.00
C ARG E 249 -7.60 -19.61 0.54
N LEU E 250 -8.82 -19.64 -0.04
CA LEU E 250 -9.93 -20.54 0.33
C LEU E 250 -9.50 -22.01 0.37
N GLY E 251 -10.16 -22.76 1.25
CA GLY E 251 -9.94 -24.18 1.40
C GLY E 251 -10.89 -24.98 0.55
N TYR E 252 -11.76 -24.28 -0.24
CA TYR E 252 -12.78 -24.87 -1.11
C TYR E 252 -12.67 -24.46 -2.60
N ILE E 253 -13.23 -25.32 -3.50
CA ILE E 253 -13.23 -25.11 -4.97
C ILE E 253 -14.34 -24.14 -5.39
N THR E 254 -13.93 -23.12 -6.16
CA THR E 254 -14.76 -22.07 -6.74
C THR E 254 -15.25 -22.59 -8.08
N LEU E 255 -16.37 -22.03 -8.59
CA LEU E 255 -16.85 -22.39 -9.92
C LEU E 255 -15.78 -21.98 -10.91
N MET E 256 -15.12 -20.83 -10.63
CA MET E 256 -14.03 -20.30 -11.43
C MET E 256 -12.83 -21.29 -11.45
N ASP E 257 -12.49 -21.91 -10.31
CA ASP E 257 -11.40 -22.88 -10.20
C ASP E 257 -11.70 -24.05 -11.10
N ALA E 258 -12.94 -24.58 -11.01
CA ALA E 258 -13.44 -25.69 -11.82
C ALA E 258 -13.26 -25.40 -13.32
N PHE E 259 -13.73 -24.23 -13.79
CA PHE E 259 -13.58 -23.77 -15.17
C PHE E 259 -12.10 -23.79 -15.59
N LEU E 260 -11.22 -23.23 -14.74
CA LEU E 260 -9.80 -23.18 -15.06
C LEU E 260 -9.16 -24.57 -15.09
N VAL E 261 -9.44 -25.44 -14.12
CA VAL E 261 -8.92 -26.81 -14.09
C VAL E 261 -9.41 -27.57 -15.32
N GLY E 262 -10.63 -27.26 -15.76
CA GLY E 262 -11.26 -27.85 -16.93
C GLY E 262 -10.47 -27.54 -18.18
N THR E 263 -10.10 -26.24 -18.37
CA THR E 263 -9.31 -25.80 -19.52
C THR E 263 -7.95 -26.47 -19.51
N PHE E 264 -7.36 -26.70 -18.31
CA PHE E 264 -6.08 -27.41 -18.18
C PHE E 264 -6.20 -28.80 -18.76
N ILE E 265 -7.18 -29.61 -18.27
CA ILE E 265 -7.41 -30.99 -18.70
C ILE E 265 -7.57 -31.10 -20.22
N ILE E 266 -8.48 -30.31 -20.82
CA ILE E 266 -8.71 -30.38 -22.27
C ILE E 266 -7.40 -30.08 -23.03
N THR E 267 -6.72 -28.96 -22.66
CA THR E 267 -5.44 -28.56 -23.26
C THR E 267 -4.39 -29.67 -23.14
N ALA E 268 -4.30 -30.32 -21.94
CA ALA E 268 -3.39 -31.43 -21.69
C ALA E 268 -3.67 -32.55 -22.72
N LEU E 269 -4.96 -32.90 -22.91
CA LEU E 269 -5.35 -33.96 -23.85
C LEU E 269 -5.11 -33.53 -25.28
N VAL E 270 -5.26 -32.21 -25.59
CA VAL E 270 -5.00 -31.68 -26.93
C VAL E 270 -3.54 -31.98 -27.28
N VAL E 271 -2.58 -31.69 -26.34
CA VAL E 271 -1.16 -32.02 -26.46
C VAL E 271 -1.02 -33.54 -26.69
N LEU E 272 -1.50 -34.35 -25.73
CA LEU E 272 -1.47 -35.80 -25.75
C LEU E 272 -1.89 -36.43 -27.09
N GLY E 273 -3.08 -36.04 -27.56
CA GLY E 273 -3.66 -36.54 -28.81
C GLY E 273 -2.84 -36.22 -30.03
N ASN E 274 -2.52 -34.92 -30.21
CA ASN E 274 -1.71 -34.46 -31.35
C ASN E 274 -0.32 -35.07 -31.38
N VAL E 275 0.24 -35.47 -30.19
CA VAL E 275 1.52 -36.18 -30.09
C VAL E 275 1.34 -37.56 -30.76
N TRP E 276 0.19 -38.22 -30.48
CA TRP E 276 -0.11 -39.52 -31.08
C TRP E 276 -0.25 -39.44 -32.59
N LEU E 277 -1.02 -38.45 -33.09
CA LEU E 277 -1.23 -38.23 -34.53
C LEU E 277 0.09 -37.97 -35.26
N ARG E 278 0.99 -37.19 -34.61
CA ARG E 278 2.31 -36.88 -35.13
C ARG E 278 3.20 -38.09 -35.03
N ARG E 279 2.96 -38.99 -34.06
CA ARG E 279 3.75 -40.22 -33.96
C ARG E 279 3.33 -41.18 -35.09
N LEU E 280 2.03 -41.20 -35.52
CA LEU E 280 1.58 -42.06 -36.65
C LEU E 280 2.24 -41.63 -37.96
N GLU E 281 2.27 -40.29 -38.21
CA GLU E 281 2.87 -39.58 -39.33
C GLU E 281 4.34 -39.95 -39.41
N ASN E 282 5.04 -39.90 -38.24
CA ASN E 282 6.44 -40.24 -38.07
C ASN E 282 6.76 -41.71 -38.40
N HIS E 283 5.81 -42.63 -38.14
CA HIS E 283 5.99 -44.07 -38.33
C HIS E 283 5.41 -44.58 -39.66
N GLY E 284 5.35 -43.68 -40.63
CA GLY E 284 4.90 -43.94 -41.99
C GLY E 284 3.43 -44.24 -42.15
N LYS E 285 2.63 -43.81 -41.20
CA LYS E 285 1.18 -44.01 -41.27
C LYS E 285 0.49 -42.62 -41.33
N GLN E 286 1.06 -41.70 -42.14
CA GLN E 286 0.59 -40.33 -42.42
C GLN E 286 -0.88 -40.29 -42.91
N ALA E 287 -1.26 -41.26 -43.77
CA ALA E 287 -2.62 -41.40 -44.34
C ALA E 287 -3.67 -41.65 -43.28
N LEU E 288 -3.32 -42.46 -42.26
CA LEU E 288 -4.16 -42.83 -41.12
C LEU E 288 -4.38 -41.63 -40.22
N ALA E 289 -3.27 -40.89 -39.86
CA ALA E 289 -3.27 -39.65 -39.06
C ALA E 289 -4.29 -38.69 -39.64
N ARG E 290 -4.31 -38.57 -41.01
CA ARG E 290 -5.20 -37.73 -41.82
C ARG E 290 -6.67 -38.11 -41.68
N LYS E 291 -7.00 -39.41 -41.64
CA LYS E 291 -8.37 -39.84 -41.47
C LYS E 291 -8.85 -39.55 -40.06
N LEU E 292 -8.07 -39.97 -39.04
CA LEU E 292 -8.38 -39.74 -37.63
C LEU E 292 -8.49 -38.27 -37.28
N ASP E 293 -7.76 -37.42 -38.01
CA ASP E 293 -7.70 -35.97 -37.84
C ASP E 293 -9.08 -35.33 -37.76
N ILE E 294 -10.11 -35.96 -38.37
CA ILE E 294 -11.44 -35.38 -38.34
C ILE E 294 -12.04 -35.44 -36.91
N TYR E 295 -11.65 -36.47 -36.13
CA TYR E 295 -12.03 -36.62 -34.73
C TYR E 295 -11.27 -35.55 -33.98
N ALA E 296 -9.96 -35.42 -34.27
CA ALA E 296 -9.08 -34.42 -33.66
C ALA E 296 -9.64 -33.00 -33.82
N ILE E 297 -10.11 -32.64 -35.04
CA ILE E 297 -10.65 -31.32 -35.33
C ILE E 297 -11.98 -31.10 -34.61
N THR E 298 -12.90 -32.08 -34.68
CA THR E 298 -14.23 -31.90 -34.07
C THR E 298 -14.28 -32.17 -32.54
N SER E 299 -13.26 -32.85 -31.96
CA SER E 299 -13.22 -33.10 -30.52
C SER E 299 -13.10 -31.79 -29.81
N TYR E 300 -12.04 -31.03 -30.16
CA TYR E 300 -11.73 -29.71 -29.61
C TYR E 300 -12.99 -28.89 -29.28
N PRO E 301 -13.89 -28.52 -30.24
CA PRO E 301 -15.08 -27.72 -29.87
C PRO E 301 -16.05 -28.42 -28.92
N LEU E 302 -16.34 -29.69 -29.19
CA LEU E 302 -17.23 -30.51 -28.37
C LEU E 302 -16.70 -30.65 -26.95
N ALA E 303 -15.40 -30.97 -26.78
CA ALA E 303 -14.73 -31.11 -25.50
C ALA E 303 -15.00 -29.91 -24.58
N TYR E 304 -14.77 -28.68 -25.10
CA TYR E 304 -15.00 -27.44 -24.35
C TYR E 304 -16.48 -27.18 -24.07
N LEU E 305 -17.38 -27.54 -25.01
CA LEU E 305 -18.84 -27.36 -24.84
C LEU E 305 -19.42 -28.36 -23.86
N LEU E 306 -18.89 -29.59 -23.87
CA LEU E 306 -19.24 -30.69 -22.98
C LEU E 306 -18.80 -30.29 -21.57
N GLY E 307 -17.57 -29.80 -21.46
CA GLY E 307 -17.01 -29.33 -20.20
C GLY E 307 -17.79 -28.18 -19.59
N ALA E 308 -18.28 -27.24 -20.43
CA ALA E 308 -19.09 -26.09 -20.03
C ALA E 308 -20.46 -26.50 -19.49
N LEU E 309 -21.11 -27.52 -20.08
CA LEU E 309 -22.39 -28.05 -19.58
C LEU E 309 -22.16 -28.82 -18.27
N THR E 310 -21.01 -29.53 -18.15
CA THR E 310 -20.61 -30.30 -16.98
C THR E 310 -20.49 -29.39 -15.73
N LEU E 311 -19.77 -28.26 -15.79
CA LEU E 311 -19.70 -27.39 -14.62
C LEU E 311 -21.05 -26.78 -14.32
N TRP E 312 -21.81 -26.38 -15.37
CA TRP E 312 -23.13 -25.79 -15.20
C TRP E 312 -24.05 -26.77 -14.47
N LEU E 313 -24.05 -28.05 -14.84
CA LEU E 313 -24.86 -29.05 -14.15
C LEU E 313 -24.31 -29.23 -12.74
N LEU E 314 -23.00 -29.54 -12.63
CA LEU E 314 -22.23 -29.78 -11.41
C LEU E 314 -22.34 -28.65 -10.32
N PHE E 315 -22.71 -27.43 -10.73
CA PHE E 315 -22.87 -26.29 -9.83
C PHE E 315 -24.30 -25.73 -9.80
N PHE E 316 -25.13 -25.97 -10.85
CA PHE E 316 -26.51 -25.45 -10.93
C PHE E 316 -27.51 -26.51 -11.45
C1 BNG F . 6.84 -11.88 -32.62
C2 BNG F . 6.92 -13.38 -32.91
C3 BNG F . 5.54 -14.03 -32.75
C4 BNG F . 4.89 -13.65 -31.43
C5 BNG F . 4.89 -12.12 -31.27
C6 BNG F . 4.28 -11.59 -29.97
C1' BNG F . 8.27 -10.34 -33.75
C2' BNG F . 8.44 -10.89 -35.17
C3' BNG F . 8.79 -9.88 -36.28
C4' BNG F . 7.69 -8.99 -36.84
C5' BNG F . 7.42 -7.68 -36.12
C6' BNG F . 6.18 -7.68 -35.23
C7' BNG F . 6.34 -7.06 -33.84
C8' BNG F . 5.13 -7.21 -32.89
C9' BNG F . 5.06 -8.54 -32.12
O1 BNG F . 8.14 -11.33 -32.73
O2 BNG F . 7.41 -13.61 -34.23
O3 BNG F . 5.62 -15.46 -32.84
O4 BNG F . 3.57 -14.20 -31.43
O5 BNG F . 6.24 -11.62 -31.37
O6 BNG F . 4.57 -12.35 -28.80
C4 DQZ G . -17.42 24.79 14.45
C5 DQZ G . -18.51 23.92 14.42
C6 DQZ G . -18.38 22.48 14.64
C7 DQZ G . -17.27 21.79 14.85
C8 DQZ G . -17.23 20.58 15.72
BR DQZ G . -19.05 28.53 13.72
C2 DQZ G . -18.84 26.67 14.07
C1 DQZ G . -19.95 25.84 14.04
C3 DQZ G . -17.58 26.16 14.29
C DQZ G . -19.78 24.48 14.20
O DQZ G . -18.22 20.18 16.31
O1 DQZ G . -16.05 20.01 15.81
H3 DQZ G . -16.41 24.40 14.52
H4 DQZ G . -19.33 21.94 14.59
H5 DQZ G . -16.34 22.09 14.37
H1 DQZ G . -20.94 26.25 13.88
H2 DQZ G . -16.72 26.83 14.33
H DQZ G . -20.64 23.83 14.11
H6 DQZ G . -16.07 19.21 16.39
C1 BNG H . 15.15 -13.02 -29.21
C2 BNG H . 14.31 -13.83 -30.21
C3 BNG H . 13.30 -12.93 -30.93
C4 BNG H . 12.49 -12.12 -29.92
C5 BNG H . 13.44 -11.35 -29.00
C6 BNG H . 12.79 -10.48 -27.94
C1' BNG H . 17.41 -13.61 -28.73
C2' BNG H . 17.97 -14.10 -30.07
C3' BNG H . 19.47 -13.97 -30.28
C4' BNG H . 20.04 -12.61 -30.68
C5' BNG H . 20.42 -11.67 -29.55
C6' BNG H . 19.42 -10.54 -29.28
C7' BNG H . 18.99 -10.39 -27.83
C8' BNG H . 17.93 -9.33 -27.58
C9' BNG H . 16.57 -9.86 -27.73
O1 BNG H . 16.02 -13.90 -28.54
O2 BNG H . 15.13 -14.49 -31.18
O3 BNG H . 12.44 -13.69 -31.76
O4 BNG H . 11.60 -11.26 -30.63
O5 BNG H . 14.33 -12.26 -28.33
O6 BNG H . 11.64 -11.04 -27.32
C4 DQZ I . 1.63 27.98 18.48
C5 DQZ I . 0.65 28.51 17.63
C6 DQZ I . -0.45 27.69 17.09
C7 DQZ I . -0.65 26.39 17.27
C8 DQZ I . -2.00 25.78 17.29
BR DQZ I . 4.08 31.21 19.31
C2 DQZ I . 2.63 30.13 18.72
C1 DQZ I . 1.68 30.69 17.89
C3 DQZ I . 2.59 28.80 19.04
C DQZ I . 0.70 29.88 17.35
O DQZ I . -3.03 26.47 17.22
O1 DQZ I . -2.04 24.48 17.45
H3 DQZ I . 1.69 26.92 18.67
H4 DQZ I . -1.14 28.25 16.47
H5 DQZ I . 0.20 25.71 17.36
H1 DQZ I . 1.69 31.76 17.67
H2 DQZ I . 3.33 28.39 19.73
H DQZ I . -0.02 30.32 16.67
H6 DQZ I . -2.97 24.13 17.47
C1 BNG J . 15.09 -20.78 -24.42
C2 BNG J . 14.89 -20.50 -25.91
C3 BNG J . 15.57 -19.18 -26.31
C4 BNG J . 15.15 -18.05 -25.37
C5 BNG J . 15.45 -18.46 -23.93
C6 BNG J . 15.11 -17.42 -22.87
C1' BNG J . 15.23 -23.01 -23.56
C2' BNG J . 15.97 -23.82 -24.64
C3' BNG J . 16.73 -25.07 -24.19
C4' BNG J . 18.10 -24.91 -23.54
C5' BNG J . 18.14 -24.70 -22.03
C6' BNG J . 18.36 -23.25 -21.58
C7' BNG J . 17.43 -22.75 -20.47
C8' BNG J . 17.57 -21.27 -20.13
C9' BNG J . 16.70 -20.36 -20.98
O1 BNG J . 14.40 -21.96 -24.08
O2 BNG J . 15.41 -21.56 -26.71
O3 BNG J . 15.27 -18.82 -27.65
O4 BNG J . 15.79 -16.86 -25.79
O5 BNG J . 14.73 -19.66 -23.61
O6 BNG J . 13.90 -16.72 -23.11
C4 DQZ K . 7.73 13.03 29.89
C5 DQZ K . 8.29 14.09 29.17
C6 DQZ K . 7.70 14.59 27.91
C7 DQZ K . 6.62 14.12 27.30
C8 DQZ K . 5.68 15.02 26.55
BR DQZ K . 10.24 12.63 33.17
C2 DQZ K . 9.42 13.25 31.58
C1 DQZ K . 9.99 14.30 30.88
C3 DQZ K . 8.28 12.62 31.11
C DQZ K . 9.43 14.70 29.69
O DQZ K . 5.84 16.23 26.51
O1 DQZ K . 4.66 14.40 25.99
H3 DQZ K . 6.89 12.47 29.50
H4 DQZ K . 8.24 15.43 27.48
H5 DQZ K . 6.38 13.06 27.31
H1 DQZ K . 10.87 14.79 31.28
H2 DQZ K . 7.83 11.80 31.66
H DQZ K . 9.92 15.51 29.14
H6 DQZ K . 4.07 15.04 25.51
C1 BNG L . 6.79 -24.23 -24.93
C2 BNG L . 7.89 -24.07 -25.98
C3 BNG L . 9.27 -24.07 -25.32
C4 BNG L . 9.32 -23.06 -24.17
C5 BNG L . 8.18 -23.36 -23.19
C6 BNG L . 8.10 -22.48 -21.95
C1' BNG L . 4.78 -25.40 -25.47
C2' BNG L . 5.22 -26.50 -26.45
C3' BNG L . 4.35 -27.77 -26.53
C4' BNG L . 4.54 -28.84 -25.47
C5' BNG L . 3.73 -28.67 -24.19
C6' BNG L . 4.52 -28.11 -23.01
C7' BNG L . 3.84 -26.99 -22.23
C8' BNG L . 4.65 -26.41 -21.09
C9' BNG L . 5.56 -25.32 -21.50
O1 BNG L . 5.53 -24.17 -25.57
O2 BNG L . 7.86 -25.11 -26.96
O3 BNG L . 10.31 -23.85 -26.26
O4 BNG L . 10.60 -23.10 -23.56
O5 BNG L . 6.92 -23.27 -23.88
O6 BNG L . 8.43 -21.11 -22.16
C4 DQZ M . -7.37 0.69 32.82
C5 DQZ M . -5.99 0.72 33.03
C6 DQZ M . -5.07 1.47 32.16
C7 DQZ M . -5.38 2.17 31.06
C8 DQZ M . -4.65 3.41 30.66
BR DQZ M . -8.84 -1.63 35.92
C2 DQZ M . -7.70 -0.60 34.80
C1 DQZ M . -6.34 -0.61 35.04
C3 DQZ M . -8.22 0.06 33.71
C DQZ M . -5.50 0.04 34.14
O DQZ M . -3.74 3.87 31.35
O1 DQZ M . -5.07 3.97 29.55
H3 DQZ M . -7.80 1.14 31.93
H4 DQZ M . -4.03 1.41 32.47
H5 DQZ M . -6.18 1.84 30.41
H1 DQZ M . -5.94 -1.12 35.91
H2 DQZ M . -9.30 0.07 33.54
H DQZ M . -4.42 0.00 34.33
H6 DQZ M . -4.55 4.79 29.33
C1 BNG N . 1.60 -18.81 -29.96
C2 BNG N . 2.86 -19.64 -30.25
C3 BNG N . 2.92 -20.85 -29.32
C4 BNG N . 2.75 -20.44 -27.86
C5 BNG N . 1.48 -19.60 -27.71
C6 BNG N . 1.20 -19.09 -26.30
C1' BNG N . 0.45 -17.64 -31.68
C2' BNG N . 0.55 -18.55 -32.90
C3' BNG N . -0.53 -18.39 -33.97
C4' BNG N . -1.88 -19.05 -33.71
C5' BNG N . -2.91 -18.24 -32.95
C6' BNG N . -3.08 -18.61 -31.47
C7' BNG N . -3.08 -17.44 -30.50
C8' BNG N . -3.11 -17.80 -29.03
C9' BNG N . -1.77 -18.09 -28.43
O1 BNG N . 1.59 -17.70 -30.82
O2 BNG N . 2.86 -20.08 -31.61
O3 BNG N . 4.15 -21.55 -29.45
O4 BNG N . 2.67 -21.63 -27.09
O5 BNG N . 1.53 -18.45 -28.58
O6 BNG N . 2.36 -18.75 -25.52
C4 DQZ O . -23.12 7.94 23.13
C5 DQZ O . -22.74 6.76 23.78
C6 DQZ O . -21.35 6.28 23.83
C7 DQZ O . -20.28 6.80 23.23
C8 DQZ O . -18.92 6.70 23.81
BR DQZ O . -27.21 8.16 23.72
C2 DQZ O . -25.38 7.66 23.83
C1 DQZ O . -25.04 6.50 24.50
C3 DQZ O . -24.43 8.40 23.16
C DQZ O . -23.73 6.06 24.46
O DQZ O . -18.71 6.19 24.91
O1 DQZ O . -17.95 7.24 23.09
H3 DQZ O . -22.39 8.48 22.52
H4 DQZ O . -21.22 5.36 24.41
H5 DQZ O . -20.37 7.32 22.28
H1 DQZ O . -25.80 5.94 25.04
H2 DQZ O . -24.70 9.33 22.68
H DQZ O . -23.50 5.11 24.94
H6 DQZ O . -17.06 7.15 23.52
#